data_7F74
#
_entry.id   7F74
#
_cell.length_a   172.058
_cell.length_b   134.223
_cell.length_c   109.411
_cell.angle_alpha   90.000
_cell.angle_beta   128.930
_cell.angle_gamma   90.000
#
_symmetry.space_group_name_H-M   'C 1 2 1'
#
loop_
_entity.id
_entity.type
_entity.pdbx_description
1 polymer Rv3094c
2 non-polymer 'FLAVIN MONONUCLEOTIDE'
3 water water
#
_entity_poly.entity_id   1
_entity_poly.type   'polypeptide(L)'
_entity_poly.pdbx_seq_one_letter_code
;VNQSETEIEILAEKIARWARARSAEIERDRRLPDELVTRLREAGLLRATMPREVAAPELAPGRALRCAEAVARGDASAGW
CVSIAITSALLVAYLPARSREEMFGGGRGVAAGVWAPRGTARSVDGGVVVSGRWPFCSGINHADIMFAGCFVDDRQVPSV
VALNKDELQVLDTWHTLGLRGTGSHDCVADDVFVPADRVFSVFDGPIVDRPLYRFPVFGFFALSIGAAALGNARAAIDDL
VELAGGKKGLGSTRTLAERSATQAAAATAESALGAARALFYEVIEAAWQVSHDAEAVPVTMRNRLRLAATHAVRTSADVV
RSMYDLAGGTAIYDNAPLQRRFRDAFTATAHFQVNEASRELPGRVLLDQPADVSML
;
_entity_poly.pdbx_strand_id   A,B,C,D
#
loop_
_chem_comp.id
_chem_comp.type
_chem_comp.name
_chem_comp.formula
FMN non-polymer 'FLAVIN MONONUCLEOTIDE' 'C17 H21 N4 O9 P'
#
# COMPACT_ATOMS: atom_id res chain seq x y z
N THR A 6 -30.46 14.78 30.67
CA THR A 6 -29.36 15.09 29.75
C THR A 6 -28.60 13.84 29.32
N GLU A 7 -28.53 13.56 28.02
CA GLU A 7 -27.95 12.30 27.59
C GLU A 7 -26.43 12.38 27.55
N ILE A 8 -25.78 11.28 27.97
CA ILE A 8 -24.34 11.34 28.21
C ILE A 8 -23.57 11.59 26.92
N GLU A 9 -24.07 11.11 25.77
CA GLU A 9 -23.39 11.38 24.51
C GLU A 9 -23.34 12.88 24.22
N ILE A 10 -24.39 13.61 24.60
CA ILE A 10 -24.37 15.06 24.40
C ILE A 10 -23.37 15.70 25.34
N LEU A 11 -23.29 15.23 26.59
CA LEU A 11 -22.27 15.77 27.51
C LEU A 11 -20.89 15.48 26.95
N ALA A 12 -20.68 14.26 26.47
CA ALA A 12 -19.39 13.93 25.90
C ALA A 12 -19.05 14.90 24.77
N GLU A 13 -20.04 15.28 23.93
CA GLU A 13 -19.62 15.97 22.74
C GLU A 13 -19.38 17.44 23.17
N LYS A 14 -20.05 17.88 24.26
CA LYS A 14 -19.74 19.21 24.81
C LYS A 14 -18.37 19.22 25.48
N ILE A 15 -18.03 18.12 26.19
CA ILE A 15 -16.73 18.04 26.83
C ILE A 15 -15.62 17.97 25.80
N ALA A 16 -15.93 17.39 24.62
CA ALA A 16 -14.95 17.35 23.54
C ALA A 16 -14.51 18.76 23.16
N ARG A 17 -15.42 19.71 23.19
CA ARG A 17 -15.07 21.08 22.77
C ARG A 17 -14.24 21.81 23.83
N TRP A 18 -14.51 21.52 25.09
CA TRP A 18 -13.65 21.98 26.18
C TRP A 18 -12.25 21.36 26.07
N ALA A 19 -12.16 20.06 25.80
CA ALA A 19 -10.85 19.43 25.62
C ALA A 19 -10.10 20.05 24.45
N ARG A 20 -10.81 20.29 23.36
CA ARG A 20 -10.20 20.96 22.22
C ARG A 20 -9.64 22.32 22.62
N ALA A 21 -10.45 23.13 23.29
CA ALA A 21 -10.03 24.46 23.67
C ALA A 21 -8.79 24.45 24.54
N ARG A 22 -8.61 23.40 25.35
CA ARG A 22 -7.45 23.26 26.23
C ARG A 22 -6.35 22.34 25.68
N SER A 23 -6.39 21.97 24.40
CA SER A 23 -5.49 20.89 23.98
C SER A 23 -4.03 21.33 24.08
N ALA A 24 -3.73 22.62 23.89
CA ALA A 24 -2.34 23.04 24.03
C ALA A 24 -1.84 22.84 25.47
N GLU A 25 -2.67 23.21 26.44
CA GLU A 25 -2.32 23.04 27.83
C GLU A 25 -2.21 21.57 28.20
N ILE A 26 -3.14 20.75 27.73
CA ILE A 26 -3.08 19.31 27.99
C ILE A 26 -1.73 18.76 27.57
N GLU A 27 -1.27 19.17 26.40
CA GLU A 27 -0.02 18.65 25.88
C GLU A 27 1.17 19.23 26.64
N ARG A 28 1.12 20.53 26.95
CA ARG A 28 2.23 21.17 27.68
C ARG A 28 2.39 20.54 29.06
N ASP A 29 1.29 20.36 29.78
CA ASP A 29 1.39 19.83 31.13
C ASP A 29 1.38 18.32 31.20
N ARG A 30 1.13 17.63 30.11
CA ARG A 30 1.05 16.16 30.12
C ARG A 30 0.03 15.64 31.14
N ARG A 31 -1.13 16.31 31.20
CA ARG A 31 -2.19 15.94 32.12
C ARG A 31 -3.41 16.76 31.73
N LEU A 32 -4.58 16.25 32.07
CA LEU A 32 -5.80 16.99 31.85
C LEU A 32 -5.93 18.07 32.94
N PRO A 33 -6.33 19.29 32.58
CA PRO A 33 -6.57 20.31 33.62
C PRO A 33 -7.68 19.92 34.60
N ASP A 34 -7.53 20.36 35.85
CA ASP A 34 -8.45 19.96 36.91
C ASP A 34 -9.90 20.20 36.48
N GLU A 35 -10.14 21.30 35.78
CA GLU A 35 -11.48 21.67 35.36
C GLU A 35 -12.05 20.71 34.32
N LEU A 36 -11.20 20.19 33.42
CA LEU A 36 -11.68 19.18 32.48
C LEU A 36 -12.01 17.89 33.22
N VAL A 37 -11.12 17.46 34.12
CA VAL A 37 -11.39 16.27 34.91
C VAL A 37 -12.73 16.41 35.62
N THR A 38 -12.99 17.58 36.21
CA THR A 38 -14.24 17.80 36.92
C THR A 38 -15.43 17.63 35.99
N ARG A 39 -15.40 18.25 34.81
CA ARG A 39 -16.48 18.07 33.86
C ARG A 39 -16.67 16.61 33.51
N LEU A 40 -15.56 15.91 33.25
CA LEU A 40 -15.64 14.51 32.90
C LEU A 40 -16.23 13.72 34.04
N ARG A 41 -15.79 14.00 35.27
CA ARG A 41 -16.27 13.24 36.42
C ARG A 41 -17.76 13.47 36.58
N GLU A 42 -18.18 14.73 36.45
CA GLU A 42 -19.58 15.11 36.66
C GLU A 42 -20.49 14.55 35.59
N ALA A 43 -20.00 14.47 34.35
CA ALA A 43 -20.79 13.85 33.31
C ALA A 43 -20.96 12.35 33.52
N GLY A 44 -20.16 11.72 34.40
CA GLY A 44 -20.20 10.28 34.60
C GLY A 44 -19.29 9.46 33.71
N LEU A 45 -18.45 10.12 32.90
CA LEU A 45 -17.67 9.45 31.88
C LEU A 45 -16.48 8.71 32.44
N LEU A 46 -15.92 9.12 33.60
CA LEU A 46 -14.77 8.37 34.09
C LEU A 46 -15.18 7.13 34.87
N ARG A 47 -16.47 6.95 35.16
CA ARG A 47 -16.95 5.76 35.85
C ARG A 47 -18.15 5.15 35.13
N ALA A 48 -18.27 5.39 33.82
CA ALA A 48 -19.55 5.15 33.16
C ALA A 48 -19.89 3.68 33.16
N THR A 49 -18.89 2.80 33.14
CA THR A 49 -19.10 1.37 32.99
C THR A 49 -19.00 0.63 34.31
N MET A 50 -18.88 1.36 35.43
CA MET A 50 -18.93 0.72 36.75
C MET A 50 -20.35 0.24 37.06
N PRO A 51 -20.49 -0.80 37.85
CA PRO A 51 -21.83 -1.33 38.13
C PRO A 51 -22.69 -0.37 38.94
N ARG A 52 -24.00 -0.58 38.79
CA ARG A 52 -24.99 0.27 39.46
C ARG A 52 -24.75 0.37 40.97
N GLU A 53 -24.30 -0.73 41.60
CA GLU A 53 -24.14 -0.74 43.05
C GLU A 53 -23.17 0.29 43.58
N VAL A 54 -22.32 0.88 42.74
CA VAL A 54 -21.40 1.92 43.23
C VAL A 54 -21.82 3.29 42.75
N ALA A 55 -23.11 3.44 42.37
CA ALA A 55 -23.64 4.71 41.89
C ALA A 55 -23.00 5.14 40.57
N ALA A 56 -23.13 4.29 39.57
CA ALA A 56 -22.53 4.51 38.26
C ALA A 56 -23.56 4.16 37.21
N PRO A 57 -23.40 4.67 35.99
CA PRO A 57 -24.43 4.45 34.96
C PRO A 57 -24.56 3.00 34.46
N GLU A 58 -23.56 2.14 34.66
CA GLU A 58 -23.51 0.81 34.04
C GLU A 58 -23.85 0.91 32.54
N LEU A 59 -23.11 1.76 31.84
CA LEU A 59 -23.44 2.22 30.51
C LEU A 59 -23.10 1.15 29.46
N ALA A 60 -24.03 0.90 28.58
CA ALA A 60 -23.86 -0.09 27.53
C ALA A 60 -22.59 0.18 26.71
N PRO A 61 -21.88 -0.85 26.26
CA PRO A 61 -20.53 -0.62 25.73
C PRO A 61 -20.47 0.24 24.46
N GLY A 62 -21.44 0.11 23.56
CA GLY A 62 -21.43 0.95 22.38
C GLY A 62 -21.61 2.42 22.75
N ARG A 63 -22.46 2.72 23.72
CA ARG A 63 -22.60 4.10 24.14
C ARG A 63 -21.33 4.59 24.83
N ALA A 64 -20.73 3.76 25.68
CA ALA A 64 -19.51 4.19 26.33
C ALA A 64 -18.42 4.47 25.31
N LEU A 65 -18.22 3.55 24.35
CA LEU A 65 -17.15 3.74 23.38
C LEU A 65 -17.46 4.89 22.44
N ARG A 66 -18.73 5.13 22.12
CA ARG A 66 -19.08 6.32 21.36
C ARG A 66 -18.67 7.60 22.09
N CYS A 67 -18.84 7.62 23.42
CA CYS A 67 -18.44 8.81 24.16
C CYS A 67 -16.93 8.98 24.09
N ALA A 68 -16.19 7.88 24.22
CA ALA A 68 -14.73 7.98 24.17
C ALA A 68 -14.28 8.49 22.81
N GLU A 69 -14.86 7.95 21.74
CA GLU A 69 -14.56 8.47 20.40
C GLU A 69 -14.86 9.97 20.30
N ALA A 70 -16.01 10.43 20.83
CA ALA A 70 -16.35 11.83 20.67
C ALA A 70 -15.35 12.72 21.41
N VAL A 71 -14.96 12.34 22.63
CA VAL A 71 -13.98 13.14 23.34
C VAL A 71 -12.66 13.16 22.59
N ALA A 72 -12.25 12.01 22.01
CA ALA A 72 -10.99 11.94 21.27
C ALA A 72 -10.96 12.86 20.06
N ARG A 73 -12.10 13.06 19.40
CA ARG A 73 -12.19 14.03 18.32
C ARG A 73 -11.83 15.42 18.81
N GLY A 74 -12.22 15.76 20.05
CA GLY A 74 -11.85 17.05 20.59
C GLY A 74 -10.35 17.11 20.87
N ASP A 75 -9.82 16.06 21.51
CA ASP A 75 -8.42 15.94 21.87
C ASP A 75 -8.13 14.47 22.10
N ALA A 76 -7.10 13.94 21.43
CA ALA A 76 -6.91 12.49 21.45
C ALA A 76 -6.54 12.03 22.85
N SER A 77 -5.69 12.78 23.57
CA SER A 77 -5.27 12.36 24.89
C SER A 77 -6.43 12.32 25.87
N ALA A 78 -7.31 13.33 25.83
CA ALA A 78 -8.48 13.32 26.68
C ALA A 78 -9.38 12.12 26.32
N GLY A 79 -9.55 11.83 25.02
CA GLY A 79 -10.37 10.66 24.66
C GLY A 79 -9.74 9.37 25.14
N TRP A 80 -8.41 9.27 24.99
CA TRP A 80 -7.70 8.08 25.46
C TRP A 80 -7.89 7.89 26.96
N CYS A 81 -7.93 9.01 27.71
CA CYS A 81 -8.19 8.93 29.14
C CYS A 81 -9.58 8.36 29.43
N VAL A 82 -10.58 8.75 28.66
CA VAL A 82 -11.88 8.14 28.84
C VAL A 82 -11.80 6.66 28.48
N SER A 83 -11.15 6.33 27.37
CA SER A 83 -11.02 4.92 26.97
C SER A 83 -10.48 4.07 28.11
N ILE A 84 -9.36 4.51 28.71
CA ILE A 84 -8.72 3.74 29.76
C ILE A 84 -9.57 3.71 31.03
N ALA A 85 -10.20 4.84 31.39
CA ALA A 85 -11.05 4.87 32.58
C ALA A 85 -12.23 3.94 32.44
N ILE A 86 -12.89 3.94 31.27
CA ILE A 86 -14.05 3.07 31.14
C ILE A 86 -13.66 1.60 30.94
N THR A 87 -12.43 1.30 30.48
CA THR A 87 -11.98 -0.10 30.44
C THR A 87 -11.62 -0.59 31.86
N SER A 88 -10.79 0.18 32.58
CA SER A 88 -10.49 -0.16 33.97
C SER A 88 -11.74 -0.26 34.84
N ALA A 89 -12.73 0.59 34.59
CA ALA A 89 -13.95 0.60 35.39
C ALA A 89 -14.64 -0.75 35.39
N LEU A 90 -14.49 -1.51 34.30
CA LEU A 90 -15.12 -2.82 34.21
C LEU A 90 -14.68 -3.72 35.36
N LEU A 91 -13.42 -3.60 35.75
CA LEU A 91 -12.87 -4.47 36.78
C LEU A 91 -13.49 -4.23 38.16
N VAL A 92 -14.17 -3.10 38.36
CA VAL A 92 -14.96 -2.90 39.58
C VAL A 92 -15.99 -4.00 39.73
N ALA A 93 -16.41 -4.60 38.62
CA ALA A 93 -17.39 -5.68 38.67
C ALA A 93 -16.77 -7.02 39.08
N TYR A 94 -15.45 -7.07 39.25
CA TYR A 94 -14.71 -8.27 39.62
C TYR A 94 -14.31 -8.27 41.10
N LEU A 95 -14.59 -7.20 41.83
CA LEU A 95 -14.22 -7.13 43.24
C LEU A 95 -15.33 -7.68 44.12
N PRO A 96 -14.96 -8.31 45.24
CA PRO A 96 -15.99 -8.70 46.21
C PRO A 96 -16.71 -7.47 46.72
N ALA A 97 -17.95 -7.67 47.16
CA ALA A 97 -18.80 -6.53 47.49
C ALA A 97 -18.21 -5.55 48.55
N ARG A 98 -17.54 -6.01 49.56
CA ARG A 98 -16.89 -5.15 50.52
C ARG A 98 -16.00 -4.12 49.91
N SER A 99 -15.04 -4.59 49.16
CA SER A 99 -14.00 -3.66 48.77
C SER A 99 -14.39 -2.86 47.55
N ARG A 100 -15.25 -3.40 46.69
CA ARG A 100 -15.97 -2.57 45.73
C ARG A 100 -16.58 -1.38 46.45
N GLU A 101 -17.21 -1.64 47.60
CA GLU A 101 -17.83 -0.58 48.40
C GLU A 101 -16.78 0.36 49.00
N GLU A 102 -15.70 -0.18 49.57
CA GLU A 102 -14.70 0.68 50.19
C GLU A 102 -14.00 1.55 49.16
N MET A 103 -13.74 1.00 47.97
CA MET A 103 -12.95 1.71 46.97
C MET A 103 -13.80 2.56 46.03
N PHE A 104 -15.02 2.10 45.69
CA PHE A 104 -15.84 2.79 44.70
C PHE A 104 -17.24 3.15 45.15
N GLY A 105 -17.61 2.87 46.41
CA GLY A 105 -18.98 3.11 46.85
C GLY A 105 -19.37 4.57 46.85
N GLY A 106 -20.68 4.81 46.70
CA GLY A 106 -21.19 6.16 46.76
C GLY A 106 -20.64 7.10 45.71
N GLY A 107 -20.27 6.59 44.54
CA GLY A 107 -19.84 7.45 43.46
C GLY A 107 -18.39 7.86 43.50
N ARG A 108 -17.60 7.31 44.43
CA ARG A 108 -16.18 7.58 44.52
C ARG A 108 -15.40 6.64 43.62
N GLY A 109 -14.12 6.96 43.44
CA GLY A 109 -13.15 6.11 42.76
C GLY A 109 -13.14 6.29 41.25
N VAL A 110 -11.99 6.68 40.71
CA VAL A 110 -11.71 6.59 39.27
C VAL A 110 -10.58 5.58 39.14
N ALA A 111 -10.69 4.69 38.16
CA ALA A 111 -9.72 3.64 38.03
C ALA A 111 -8.82 3.81 36.82
N ALA A 112 -7.55 3.44 37.00
CA ALA A 112 -6.57 3.19 35.96
C ALA A 112 -6.26 1.70 35.97
N GLY A 113 -5.47 1.27 35.01
CA GLY A 113 -5.23 -0.14 34.94
C GLY A 113 -4.19 -0.55 33.93
N VAL A 114 -3.26 -1.41 34.34
CA VAL A 114 -2.24 -1.95 33.46
C VAL A 114 -2.33 -3.47 33.57
N TRP A 115 -2.61 -4.10 32.43
CA TRP A 115 -2.86 -5.53 32.37
C TRP A 115 -1.57 -6.34 32.41
N ALA A 116 -0.47 -5.77 31.95
CA ALA A 116 0.79 -6.50 31.88
C ALA A 116 1.12 -7.05 33.27
N PRO A 117 1.33 -8.34 33.41
CA PRO A 117 1.50 -8.90 34.77
C PRO A 117 2.95 -8.75 35.23
N ARG A 118 3.37 -7.50 35.45
CA ARG A 118 4.73 -7.21 35.85
C ARG A 118 4.94 -7.24 37.35
N GLY A 119 3.87 -7.35 38.13
CA GLY A 119 4.01 -7.47 39.57
C GLY A 119 4.37 -8.88 39.98
N THR A 120 5.05 -8.97 41.13
CA THR A 120 5.36 -10.23 41.79
C THR A 120 4.71 -10.17 43.17
N ALA A 121 3.79 -11.09 43.44
CA ALA A 121 2.99 -11.05 44.67
C ALA A 121 3.25 -12.31 45.49
N ARG A 122 3.81 -12.13 46.68
CA ARG A 122 3.98 -13.19 47.66
C ARG A 122 2.75 -13.21 48.57
N SER A 123 2.23 -14.40 48.84
CA SER A 123 1.06 -14.47 49.71
C SER A 123 1.48 -14.41 51.18
N VAL A 124 0.68 -13.73 51.98
CA VAL A 124 0.88 -13.67 53.43
C VAL A 124 -0.48 -13.86 54.08
N ASP A 125 -0.53 -13.74 55.40
CA ASP A 125 -1.81 -13.79 56.10
C ASP A 125 -2.58 -12.52 55.79
N GLY A 126 -3.83 -12.68 55.34
CA GLY A 126 -4.69 -11.57 55.06
C GLY A 126 -4.75 -11.14 53.60
N GLY A 127 -3.76 -11.54 52.79
CA GLY A 127 -3.64 -11.11 51.42
C GLY A 127 -2.31 -11.45 50.76
N VAL A 128 -1.67 -10.46 50.11
CA VAL A 128 -0.40 -10.66 49.44
C VAL A 128 0.47 -9.41 49.62
N VAL A 129 1.75 -9.55 49.35
CA VAL A 129 2.69 -8.43 49.33
C VAL A 129 3.10 -8.37 47.88
N VAL A 130 2.93 -7.23 47.22
CA VAL A 130 3.24 -7.16 45.79
C VAL A 130 4.26 -6.07 45.54
N SER A 131 5.16 -6.33 44.60
CA SER A 131 6.10 -5.35 44.11
C SER A 131 6.16 -5.46 42.60
N GLY A 132 6.49 -4.34 41.96
CA GLY A 132 6.63 -4.32 40.52
C GLY A 132 6.75 -2.91 40.00
N ARG A 133 6.96 -2.83 38.68
CA ARG A 133 7.01 -1.56 37.97
C ARG A 133 6.25 -1.72 36.66
N TRP A 134 5.23 -0.89 36.46
CA TRP A 134 4.33 -0.97 35.32
C TRP A 134 4.47 0.30 34.49
N PRO A 135 4.88 0.23 33.21
CA PRO A 135 4.80 1.42 32.35
C PRO A 135 3.38 1.59 31.81
N PHE A 136 3.14 2.75 31.18
CA PHE A 136 1.91 3.05 30.45
C PHE A 136 0.68 3.22 31.36
N CYS A 137 0.81 3.78 32.56
CA CYS A 137 -0.35 3.89 33.46
C CYS A 137 -1.19 5.13 33.13
N SER A 138 -1.84 5.07 31.99
CA SER A 138 -2.67 6.15 31.50
C SER A 138 -3.66 6.65 32.53
N GLY A 139 -3.69 7.96 32.70
CA GLY A 139 -4.66 8.56 33.60
C GLY A 139 -4.30 8.47 35.06
N ILE A 140 -3.17 7.85 35.42
CA ILE A 140 -2.76 7.80 36.83
C ILE A 140 -2.87 9.17 37.50
N ASN A 141 -2.64 10.25 36.76
CA ASN A 141 -2.69 11.57 37.40
C ASN A 141 -4.05 11.85 38.02
N HIS A 142 -5.15 11.33 37.44
CA HIS A 142 -6.47 11.63 37.97
C HIS A 142 -7.23 10.39 38.44
N ALA A 143 -6.60 9.24 38.54
CA ALA A 143 -7.18 8.04 39.10
C ALA A 143 -6.84 7.90 40.60
N ASP A 144 -7.76 7.25 41.33
CA ASP A 144 -7.56 6.88 42.74
C ASP A 144 -7.02 5.48 42.88
N ILE A 145 -7.40 4.61 41.96
CA ILE A 145 -7.16 3.19 42.05
C ILE A 145 -6.52 2.73 40.73
N MET A 146 -5.55 1.82 40.84
CA MET A 146 -4.95 1.16 39.68
C MET A 146 -4.99 -0.34 39.84
N PHE A 147 -5.73 -0.99 38.95
CA PHE A 147 -5.72 -2.43 38.77
C PHE A 147 -4.44 -2.79 38.03
N ALA A 148 -3.62 -3.64 38.61
CA ALA A 148 -2.32 -3.95 38.02
C ALA A 148 -2.14 -5.46 37.94
N GLY A 149 -1.49 -5.90 36.86
CA GLY A 149 -1.26 -7.32 36.67
C GLY A 149 -0.08 -7.82 37.47
N CYS A 150 -0.18 -9.07 37.91
CA CYS A 150 0.89 -9.69 38.68
C CYS A 150 0.70 -11.19 38.67
N PHE A 151 1.76 -11.89 39.08
CA PHE A 151 1.70 -13.32 39.39
C PHE A 151 1.73 -13.47 40.90
N VAL A 152 0.81 -14.26 41.42
CA VAL A 152 0.74 -14.54 42.85
C VAL A 152 1.46 -15.86 43.10
N ASP A 153 2.47 -15.81 43.98
CA ASP A 153 3.28 -16.98 44.34
C ASP A 153 3.79 -17.62 43.06
N ASP A 154 3.53 -18.91 42.86
CA ASP A 154 4.09 -19.61 41.72
C ASP A 154 3.06 -19.92 40.63
N ARG A 155 1.90 -19.26 40.68
CA ARG A 155 0.86 -19.53 39.69
C ARG A 155 1.35 -19.17 38.29
N GLN A 156 0.85 -19.90 37.30
CA GLN A 156 1.17 -19.59 35.90
C GLN A 156 0.15 -18.65 35.27
N VAL A 157 -1.05 -18.56 35.85
CA VAL A 157 -2.10 -17.64 35.42
C VAL A 157 -1.93 -16.35 36.19
N PRO A 158 -1.81 -15.20 35.52
CA PRO A 158 -1.63 -13.94 36.26
C PRO A 158 -2.89 -13.56 37.01
N SER A 159 -2.73 -12.60 37.91
CA SER A 159 -3.83 -12.07 38.69
C SER A 159 -3.81 -10.55 38.61
N VAL A 160 -4.78 -9.94 39.26
CA VAL A 160 -4.95 -8.49 39.29
C VAL A 160 -5.04 -8.08 40.75
N VAL A 161 -4.29 -7.07 41.13
CA VAL A 161 -4.44 -6.37 42.40
C VAL A 161 -4.95 -4.96 42.19
N ALA A 162 -5.84 -4.55 43.09
CA ALA A 162 -6.42 -3.20 43.13
C ALA A 162 -5.64 -2.35 44.14
N LEU A 163 -4.82 -1.46 43.61
CA LEU A 163 -3.91 -0.66 44.40
C LEU A 163 -4.44 0.76 44.53
N ASN A 164 -4.20 1.37 45.69
CA ASN A 164 -4.39 2.81 45.83
C ASN A 164 -3.18 3.54 45.25
N LYS A 165 -3.44 4.59 44.47
CA LYS A 165 -2.34 5.37 43.92
C LYS A 165 -1.38 5.77 45.02
N ASP A 166 -1.94 6.10 46.19
CA ASP A 166 -1.26 6.38 47.45
C ASP A 166 -0.02 5.56 47.72
N GLU A 167 -0.14 4.26 47.57
CA GLU A 167 0.90 3.35 47.97
C GLU A 167 1.91 3.12 46.86
N LEU A 168 1.81 3.88 45.76
CA LEU A 168 2.68 3.73 44.61
C LEU A 168 3.61 4.92 44.44
N GLN A 169 4.80 4.64 43.94
CA GLN A 169 5.67 5.69 43.44
C GLN A 169 5.36 5.92 41.96
N VAL A 170 4.83 7.09 41.65
CA VAL A 170 4.63 7.47 40.26
C VAL A 170 5.91 8.15 39.77
N LEU A 171 6.56 7.54 38.79
CA LEU A 171 7.80 8.04 38.20
C LEU A 171 7.52 8.85 36.94
N ASP A 172 8.32 9.89 36.72
CA ASP A 172 8.12 10.82 35.59
C ASP A 172 8.82 10.30 34.33
N THR A 173 8.15 9.40 33.64
CA THR A 173 8.73 8.77 32.46
C THR A 173 8.00 9.03 31.15
N TRP A 174 6.88 9.74 31.17
CA TRP A 174 6.02 9.87 29.99
C TRP A 174 6.49 11.08 29.18
N HIS A 175 7.59 10.84 28.48
CA HIS A 175 8.16 11.77 27.51
C HIS A 175 8.06 11.07 26.16
N THR A 176 7.05 11.46 25.39
CA THR A 176 6.60 10.68 24.24
C THR A 176 6.27 11.55 23.02
N LEU A 177 6.33 10.89 21.86
CA LEU A 177 5.93 11.49 20.59
C LEU A 177 4.58 12.19 20.71
N GLY A 178 3.56 11.43 21.08
CA GLY A 178 2.22 11.95 21.29
C GLY A 178 1.51 11.36 22.50
N LEU A 179 0.18 11.47 22.51
CA LEU A 179 -0.69 11.18 23.65
C LEU A 179 -0.08 11.73 24.94
N ARG A 180 0.49 12.91 24.86
CA ARG A 180 1.26 13.40 25.99
C ARG A 180 0.37 13.64 27.19
N GLY A 181 -0.81 14.21 26.95
CA GLY A 181 -1.76 14.48 28.02
C GLY A 181 -2.23 13.26 28.75
N THR A 182 -1.93 12.05 28.25
CA THR A 182 -2.41 10.87 28.94
C THR A 182 -1.61 10.57 30.21
N GLY A 183 -0.46 11.27 30.40
CA GLY A 183 0.46 11.08 31.52
C GLY A 183 0.58 9.61 31.87
N SER A 184 0.91 8.76 30.86
CA SER A 184 0.93 7.32 31.09
C SER A 184 2.28 6.94 31.68
N HIS A 185 2.50 7.42 32.90
CA HIS A 185 3.80 7.23 33.53
C HIS A 185 3.94 5.81 34.05
N ASP A 186 5.19 5.51 34.44
CA ASP A 186 5.56 4.30 35.18
C ASP A 186 5.15 4.41 36.64
N CYS A 187 4.59 3.32 37.15
CA CYS A 187 4.22 3.21 38.56
C CYS A 187 4.96 2.08 39.24
N VAL A 188 5.43 2.32 40.46
CA VAL A 188 6.24 1.35 41.20
C VAL A 188 5.52 0.99 42.49
N ALA A 189 5.36 -0.31 42.72
CA ALA A 189 4.91 -0.84 44.01
C ALA A 189 6.11 -1.48 44.71
N ASP A 190 6.32 -1.07 45.96
CA ASP A 190 7.43 -1.60 46.77
C ASP A 190 6.86 -2.23 48.04
N ASP A 191 6.84 -3.55 48.07
CA ASP A 191 6.29 -4.34 49.16
C ASP A 191 4.99 -3.73 49.67
N VAL A 192 3.99 -3.71 48.78
CA VAL A 192 2.67 -3.19 49.14
C VAL A 192 1.80 -4.37 49.52
N PHE A 193 1.18 -4.26 50.70
CA PHE A 193 0.27 -5.27 51.17
C PHE A 193 -1.09 -4.99 50.55
N VAL A 194 -1.74 -6.05 50.09
CA VAL A 194 -3.04 -5.96 49.44
C VAL A 194 -3.90 -7.06 50.07
N PRO A 195 -5.03 -6.73 50.69
CA PRO A 195 -5.91 -7.77 51.24
C PRO A 195 -6.39 -8.73 50.17
N ALA A 196 -6.62 -10.00 50.56
CA ALA A 196 -7.02 -11.03 49.60
C ALA A 196 -8.24 -10.59 48.83
N ASP A 197 -9.13 -9.91 49.51
CA ASP A 197 -10.25 -9.11 49.05
C ASP A 197 -10.00 -8.17 47.86
N ARG A 198 -8.75 -7.82 47.60
CA ARG A 198 -8.42 -6.93 46.49
C ARG A 198 -7.56 -7.63 45.45
N VAL A 199 -7.59 -8.97 45.45
CA VAL A 199 -6.85 -9.80 44.53
C VAL A 199 -7.86 -10.69 43.83
N PHE A 200 -7.79 -10.77 42.49
CA PHE A 200 -8.68 -11.61 41.72
C PHE A 200 -8.02 -11.99 40.40
N SER A 201 -8.62 -12.96 39.71
CA SER A 201 -8.18 -13.35 38.38
C SER A 201 -9.27 -13.00 37.39
N VAL A 202 -8.90 -12.23 36.38
CA VAL A 202 -9.86 -11.86 35.34
C VAL A 202 -10.53 -13.10 34.77
N PHE A 203 -9.80 -14.21 34.68
CA PHE A 203 -10.30 -15.45 34.06
C PHE A 203 -11.41 -16.13 34.87
N ASP A 204 -11.54 -15.85 36.16
CA ASP A 204 -12.67 -16.41 36.90
C ASP A 204 -13.98 -15.69 36.61
N GLY A 205 -13.94 -14.52 35.98
CA GLY A 205 -15.12 -13.84 35.56
C GLY A 205 -15.57 -12.82 36.58
N PRO A 206 -16.58 -12.03 36.23
CA PRO A 206 -17.01 -10.95 37.14
C PRO A 206 -17.79 -11.51 38.32
N ILE A 207 -17.82 -10.69 39.38
CA ILE A 207 -18.75 -10.92 40.48
C ILE A 207 -20.12 -10.40 40.12
N VAL A 208 -20.19 -9.21 39.51
CA VAL A 208 -21.45 -8.70 39.00
C VAL A 208 -21.64 -9.32 37.62
N ASP A 209 -22.57 -10.27 37.53
CA ASP A 209 -22.76 -11.10 36.34
C ASP A 209 -23.94 -10.56 35.52
N ARG A 210 -23.74 -9.38 34.99
CA ARG A 210 -24.77 -8.78 34.13
C ARG A 210 -24.20 -8.51 32.74
N PRO A 211 -25.05 -8.20 31.75
CA PRO A 211 -24.54 -8.18 30.35
C PRO A 211 -23.29 -7.34 30.13
N LEU A 212 -23.18 -6.14 30.72
CA LEU A 212 -21.99 -5.33 30.48
C LEU A 212 -20.71 -6.09 30.81
N TYR A 213 -20.76 -6.98 31.80
CA TYR A 213 -19.60 -7.75 32.25
C TYR A 213 -19.51 -9.12 31.59
N ARG A 214 -20.53 -9.50 30.83
CA ARG A 214 -20.39 -10.61 29.90
C ARG A 214 -19.70 -10.21 28.61
N PHE A 215 -19.90 -8.94 28.21
CA PHE A 215 -19.22 -8.42 27.03
C PHE A 215 -17.74 -8.71 27.14
N PRO A 216 -17.12 -9.20 26.10
CA PRO A 216 -15.70 -9.58 26.19
C PRO A 216 -14.84 -8.44 26.72
N VAL A 217 -14.12 -8.70 27.81
CA VAL A 217 -13.42 -7.63 28.51
C VAL A 217 -12.12 -7.27 27.78
N PHE A 218 -11.40 -8.28 27.22
CA PHE A 218 -10.21 -7.96 26.45
C PHE A 218 -10.58 -7.33 25.14
N GLY A 219 -11.74 -7.70 24.60
CA GLY A 219 -12.25 -7.05 23.41
C GLY A 219 -12.59 -5.59 23.67
N PHE A 220 -13.18 -5.32 24.84
CA PHE A 220 -13.54 -3.95 25.15
C PHE A 220 -12.30 -3.08 25.28
N PHE A 221 -11.24 -3.60 25.91
CA PHE A 221 -10.02 -2.83 26.05
C PHE A 221 -9.49 -2.42 24.68
N ALA A 222 -9.41 -3.39 23.78
CA ALA A 222 -8.89 -3.12 22.45
C ALA A 222 -9.76 -2.12 21.71
N LEU A 223 -11.06 -2.38 21.70
CA LEU A 223 -11.97 -1.43 21.08
C LEU A 223 -11.80 -0.05 21.67
N SER A 224 -11.51 0.07 22.97
CA SER A 224 -11.45 1.44 23.50
C SER A 224 -10.30 2.21 22.88
N ILE A 225 -9.21 1.52 22.53
CA ILE A 225 -8.12 2.17 21.83
C ILE A 225 -8.54 2.48 20.43
N GLY A 226 -9.35 1.61 19.82
CA GLY A 226 -9.95 1.92 18.54
C GLY A 226 -10.78 3.20 18.57
N ALA A 227 -11.59 3.37 19.62
CA ALA A 227 -12.44 4.55 19.70
C ALA A 227 -11.61 5.82 19.69
N ALA A 228 -10.49 5.82 20.43
CA ALA A 228 -9.67 7.02 20.51
C ALA A 228 -8.99 7.29 19.17
N ALA A 229 -8.47 6.25 18.53
CA ALA A 229 -7.82 6.43 17.25
C ALA A 229 -8.80 6.90 16.18
N LEU A 230 -10.03 6.37 16.19
CA LEU A 230 -11.03 6.78 15.21
C LEU A 230 -11.44 8.23 15.40
N GLY A 231 -11.67 8.64 16.63
CA GLY A 231 -12.02 10.04 16.85
C GLY A 231 -10.92 10.99 16.42
N ASN A 232 -9.68 10.65 16.74
CA ASN A 232 -8.52 11.41 16.30
C ASN A 232 -8.41 11.48 14.78
N ALA A 233 -8.72 10.40 14.08
CA ALA A 233 -8.62 10.42 12.61
C ALA A 233 -9.69 11.32 11.98
N ARG A 234 -10.88 11.35 12.58
CA ARG A 234 -11.94 12.23 12.08
C ARG A 234 -11.54 13.68 12.23
N ALA A 235 -10.90 14.02 13.34
CA ALA A 235 -10.41 15.38 13.56
C ALA A 235 -9.33 15.74 12.55
N ALA A 236 -8.52 14.75 12.13
CA ALA A 236 -7.48 15.02 11.16
C ALA A 236 -8.05 15.35 9.80
N ILE A 237 -9.05 14.61 9.37
CA ILE A 237 -9.75 14.96 8.14
C ILE A 237 -10.43 16.30 8.28
N ASP A 238 -11.07 16.58 9.42
CA ASP A 238 -11.66 17.89 9.64
C ASP A 238 -10.61 18.99 9.47
N ASP A 239 -9.43 18.80 10.07
CA ASP A 239 -8.34 19.76 9.93
C ASP A 239 -7.94 19.97 8.47
N LEU A 240 -7.77 18.88 7.73
CA LEU A 240 -7.35 18.99 6.35
C LEU A 240 -8.37 19.74 5.51
N VAL A 241 -9.63 19.34 5.62
CA VAL A 241 -10.64 19.94 4.75
C VAL A 241 -10.68 21.44 4.99
N GLU A 242 -10.60 21.85 6.26
CA GLU A 242 -10.61 23.28 6.56
C GLU A 242 -9.36 23.99 6.01
N LEU A 243 -8.20 23.37 6.10
CA LEU A 243 -7.01 24.00 5.54
C LEU A 243 -7.08 24.08 4.02
N ALA A 244 -7.64 23.07 3.36
CA ALA A 244 -7.44 22.93 1.91
C ALA A 244 -8.33 23.88 1.12
N GLY A 245 -9.42 24.36 1.70
CA GLY A 245 -10.22 25.36 1.03
C GLY A 245 -9.42 26.60 0.67
N GLY A 246 -8.52 27.03 1.57
CA GLY A 246 -7.81 28.28 1.39
C GLY A 246 -6.29 28.26 1.26
N LYS A 247 -5.68 27.10 1.06
CA LYS A 247 -4.22 27.01 0.94
C LYS A 247 -3.78 27.11 -0.52
N LYS A 248 -3.28 28.28 -0.92
CA LYS A 248 -2.73 28.50 -2.25
C LYS A 248 -1.22 28.69 -2.14
N GLY A 249 -0.47 27.95 -2.95
CA GLY A 249 0.97 28.15 -3.03
C GLY A 249 1.32 29.37 -3.88
N LEU A 250 2.61 29.71 -3.87
CA LEU A 250 3.05 30.96 -4.53
C LEU A 250 2.77 30.91 -6.03
N GLY A 251 3.21 29.85 -6.70
CA GLY A 251 2.95 29.68 -8.12
C GLY A 251 2.19 28.40 -8.41
N SER A 252 1.02 28.26 -7.80
CA SER A 252 0.24 27.04 -7.83
C SER A 252 -1.01 27.11 -8.69
N THR A 253 -1.43 28.31 -9.11
CA THR A 253 -2.64 28.54 -9.92
C THR A 253 -3.83 27.75 -9.40
N ARG A 254 -3.82 27.43 -8.11
CA ARG A 254 -4.80 26.53 -7.50
C ARG A 254 -4.76 26.69 -5.99
N THR A 255 -5.84 26.29 -5.33
CA THR A 255 -5.73 25.93 -3.93
C THR A 255 -5.30 24.45 -3.83
N LEU A 256 -4.99 24.03 -2.61
CA LEU A 256 -4.76 22.60 -2.36
C LEU A 256 -6.01 21.79 -2.68
N ALA A 257 -7.19 22.34 -2.39
CA ALA A 257 -8.43 21.63 -2.64
C ALA A 257 -8.74 21.46 -4.13
N GLU A 258 -8.22 22.36 -4.98
CA GLU A 258 -8.47 22.29 -6.42
C GLU A 258 -7.56 21.29 -7.16
N ARG A 259 -6.74 20.52 -6.45
CA ARG A 259 -5.91 19.51 -7.09
C ARG A 259 -6.59 18.14 -7.07
N SER A 260 -6.52 17.45 -8.21
CA SER A 260 -7.20 16.17 -8.34
C SER A 260 -6.72 15.19 -7.26
N ALA A 261 -5.41 15.18 -6.99
CA ALA A 261 -4.86 14.25 -6.02
C ALA A 261 -5.44 14.49 -4.63
N THR A 262 -5.64 15.77 -4.27
CA THR A 262 -6.19 16.06 -2.96
C THR A 262 -7.59 15.51 -2.87
N GLN A 263 -8.37 15.70 -3.93
CA GLN A 263 -9.76 15.26 -3.95
C GLN A 263 -9.85 13.75 -3.84
N ALA A 264 -9.08 13.05 -4.67
CA ALA A 264 -9.10 11.59 -4.58
C ALA A 264 -8.67 11.14 -3.20
N ALA A 265 -7.67 11.82 -2.61
CA ALA A 265 -7.14 11.37 -1.31
C ALA A 265 -8.15 11.64 -0.21
N ALA A 266 -8.82 12.80 -0.27
CA ALA A 266 -9.87 13.11 0.69
C ALA A 266 -10.96 12.04 0.65
N ALA A 267 -11.39 11.65 -0.56
CA ALA A 267 -12.44 10.64 -0.70
C ALA A 267 -11.95 9.27 -0.26
N THR A 268 -10.71 8.92 -0.59
CA THR A 268 -10.18 7.64 -0.14
C THR A 268 -10.18 7.58 1.39
N ALA A 269 -9.75 8.65 2.04
CA ALA A 269 -9.56 8.61 3.49
C ALA A 269 -10.90 8.63 4.18
N GLU A 270 -11.85 9.40 3.65
CA GLU A 270 -13.17 9.47 4.26
C GLU A 270 -13.88 8.13 4.18
N SER A 271 -13.83 7.45 3.04
CA SER A 271 -14.50 6.15 2.97
C SER A 271 -13.76 5.11 3.80
N ALA A 272 -12.42 5.17 3.82
CA ALA A 272 -11.68 4.21 4.64
C ALA A 272 -12.03 4.37 6.12
N LEU A 273 -12.09 5.61 6.60
CA LEU A 273 -12.49 5.83 7.97
C LEU A 273 -13.94 5.41 8.22
N GLY A 274 -14.86 5.84 7.35
CA GLY A 274 -16.25 5.45 7.55
C GLY A 274 -16.41 3.93 7.58
N ALA A 275 -15.68 3.22 6.70
CA ALA A 275 -15.76 1.77 6.71
C ALA A 275 -15.27 1.20 8.04
N ALA A 276 -14.13 1.68 8.53
CA ALA A 276 -13.59 1.17 9.79
C ALA A 276 -14.55 1.45 10.93
N ARG A 277 -15.16 2.63 10.93
CA ARG A 277 -16.08 3.00 12.01
C ARG A 277 -17.36 2.17 11.96
N ALA A 278 -17.83 1.84 10.76
CA ALA A 278 -19.06 1.07 10.63
C ALA A 278 -18.88 -0.35 11.12
N LEU A 279 -17.73 -0.95 10.78
CA LEU A 279 -17.45 -2.28 11.26
C LEU A 279 -17.29 -2.28 12.78
N PHE A 280 -16.58 -1.28 13.32
CA PHE A 280 -16.37 -1.11 14.76
C PHE A 280 -17.68 -1.21 15.52
N TYR A 281 -18.67 -0.37 15.18
CA TYR A 281 -19.93 -0.36 15.90
C TYR A 281 -20.82 -1.54 15.52
N GLU A 282 -20.65 -2.08 14.32
CA GLU A 282 -21.37 -3.31 13.97
C GLU A 282 -21.01 -4.48 14.88
N VAL A 283 -19.71 -4.72 15.08
CA VAL A 283 -19.33 -5.87 15.90
C VAL A 283 -19.62 -5.65 17.38
N ILE A 284 -19.52 -4.40 17.84
CA ILE A 284 -19.92 -4.09 19.23
C ILE A 284 -21.39 -4.46 19.47
N GLU A 285 -22.26 -4.03 18.55
CA GLU A 285 -23.69 -4.32 18.70
C GLU A 285 -23.96 -5.81 18.65
N ALA A 286 -23.32 -6.52 17.72
CA ALA A 286 -23.51 -7.95 17.65
C ALA A 286 -23.05 -8.64 18.94
N ALA A 287 -21.91 -8.23 19.48
CA ALA A 287 -21.41 -8.81 20.72
C ALA A 287 -22.30 -8.40 21.90
N TRP A 288 -22.83 -7.17 21.89
CA TRP A 288 -23.69 -6.71 22.97
C TRP A 288 -24.96 -7.56 23.04
N GLN A 289 -25.53 -7.90 21.88
CA GLN A 289 -26.75 -8.70 21.84
C GLN A 289 -26.53 -10.06 22.54
N VAL A 290 -25.49 -10.79 22.15
CA VAL A 290 -25.31 -12.11 22.75
C VAL A 290 -24.73 -12.04 24.15
N SER A 291 -24.30 -10.87 24.60
CA SER A 291 -23.89 -10.75 25.99
C SER A 291 -25.06 -10.93 26.93
N HIS A 292 -26.27 -10.94 26.39
CA HIS A 292 -27.49 -11.14 27.16
C HIS A 292 -27.88 -12.61 27.23
N ASP A 293 -27.17 -13.48 26.52
CA ASP A 293 -27.47 -14.91 26.50
C ASP A 293 -26.77 -15.68 27.63
N ALA A 294 -27.29 -16.87 27.91
CA ALA A 294 -26.76 -17.69 29.00
C ALA A 294 -25.29 -18.04 28.82
N GLU A 295 -24.87 -18.41 27.61
CA GLU A 295 -23.49 -18.82 27.49
C GLU A 295 -22.52 -17.63 27.37
N ALA A 296 -21.25 -17.91 27.64
CA ALA A 296 -20.19 -16.95 27.40
C ALA A 296 -20.24 -16.50 25.95
N VAL A 297 -19.85 -15.25 25.72
CA VAL A 297 -19.78 -14.78 24.34
C VAL A 297 -18.79 -15.65 23.60
N PRO A 298 -19.16 -16.23 22.46
CA PRO A 298 -18.31 -17.23 21.83
C PRO A 298 -17.04 -16.62 21.27
N VAL A 299 -16.14 -17.52 20.92
CA VAL A 299 -14.83 -17.11 20.44
C VAL A 299 -14.95 -16.41 19.09
N THR A 300 -15.80 -16.92 18.20
CA THR A 300 -15.92 -16.25 16.90
C THR A 300 -16.33 -14.78 17.08
N MET A 301 -17.19 -14.49 18.05
CA MET A 301 -17.59 -13.11 18.30
C MET A 301 -16.46 -12.29 18.91
N ARG A 302 -15.78 -12.84 19.91
CA ARG A 302 -14.63 -12.17 20.47
C ARG A 302 -13.61 -11.83 19.40
N ASN A 303 -13.38 -12.76 18.49
CA ASN A 303 -12.43 -12.57 17.41
C ASN A 303 -12.80 -11.41 16.53
N ARG A 304 -14.09 -11.26 16.21
CA ARG A 304 -14.53 -10.14 15.38
C ARG A 304 -14.24 -8.80 16.07
N LEU A 305 -14.25 -8.76 17.39
CA LEU A 305 -13.97 -7.48 18.05
C LEU A 305 -12.50 -7.10 17.92
N ARG A 306 -11.62 -8.09 18.04
CA ARG A 306 -10.20 -7.81 17.94
C ARG A 306 -9.82 -7.46 16.51
N LEU A 307 -10.44 -8.13 15.54
CA LEU A 307 -10.22 -7.78 14.13
C LEU A 307 -10.59 -6.33 13.87
N ALA A 308 -11.80 -5.94 14.29
CA ALA A 308 -12.28 -4.60 14.06
C ALA A 308 -11.47 -3.58 14.85
N ALA A 309 -11.07 -3.89 16.08
CA ALA A 309 -10.25 -2.96 16.85
C ALA A 309 -8.93 -2.65 16.17
N THR A 310 -8.21 -3.69 15.72
CA THR A 310 -6.93 -3.48 15.08
C THR A 310 -7.10 -2.73 13.76
N HIS A 311 -8.10 -3.13 12.97
CA HIS A 311 -8.33 -2.44 11.69
C HIS A 311 -8.64 -0.96 11.92
N ALA A 312 -9.38 -0.65 13.00
CA ALA A 312 -9.67 0.75 13.32
C ALA A 312 -8.40 1.52 13.67
N VAL A 313 -7.50 0.96 14.49
CA VAL A 313 -6.32 1.73 14.84
C VAL A 313 -5.40 1.91 13.62
N ARG A 314 -5.23 0.86 12.83
CA ARG A 314 -4.29 0.96 11.72
C ARG A 314 -4.83 1.82 10.60
N THR A 315 -6.12 1.67 10.28
CA THR A 315 -6.74 2.53 9.29
C THR A 315 -6.73 4.00 9.73
N SER A 316 -6.96 4.26 11.00
CA SER A 316 -6.91 5.61 11.50
C SER A 316 -5.52 6.21 11.28
N ALA A 317 -4.47 5.44 11.59
CA ALA A 317 -3.12 5.90 11.35
C ALA A 317 -2.91 6.19 9.87
N ASP A 318 -3.33 5.30 8.98
CA ASP A 318 -3.21 5.56 7.55
C ASP A 318 -3.92 6.86 7.16
N VAL A 319 -5.11 7.09 7.72
CA VAL A 319 -5.89 8.30 7.41
C VAL A 319 -5.14 9.54 7.87
N VAL A 320 -4.61 9.51 9.09
CA VAL A 320 -3.96 10.71 9.63
C VAL A 320 -2.67 11.00 8.86
N ARG A 321 -1.92 9.96 8.49
CA ARG A 321 -0.73 10.14 7.68
C ARG A 321 -1.07 10.77 6.33
N SER A 322 -2.13 10.31 5.69
CA SER A 322 -2.52 10.93 4.42
C SER A 322 -2.92 12.40 4.62
N MET A 323 -3.67 12.73 5.68
CA MET A 323 -4.04 14.12 5.86
C MET A 323 -2.81 14.99 6.15
N TYR A 324 -1.91 14.50 7.01
CA TYR A 324 -0.66 15.19 7.32
C TYR A 324 0.15 15.46 6.06
N ASP A 325 0.33 14.44 5.23
CA ASP A 325 1.15 14.55 4.04
C ASP A 325 0.55 15.56 3.06
N LEU A 326 -0.79 15.55 2.93
CA LEU A 326 -1.45 16.50 2.05
C LEU A 326 -1.23 17.93 2.51
N ALA A 327 -1.13 18.13 3.84
CA ALA A 327 -0.95 19.48 4.38
C ALA A 327 0.45 20.01 4.12
N GLY A 328 1.39 19.13 3.78
CA GLY A 328 2.69 19.59 3.32
C GLY A 328 3.43 20.41 4.37
N GLY A 329 4.06 21.48 3.90
CA GLY A 329 4.86 22.29 4.80
C GLY A 329 4.06 22.94 5.90
N THR A 330 2.74 22.99 5.78
CA THR A 330 1.96 23.53 6.90
C THR A 330 2.11 22.67 8.16
N ALA A 331 2.06 21.35 7.99
CA ALA A 331 1.85 20.52 9.16
C ALA A 331 3.12 20.22 9.91
N ILE A 332 4.27 20.52 9.32
CA ILE A 332 5.53 20.25 10.01
C ILE A 332 5.75 21.15 11.22
N TYR A 333 5.04 22.25 11.29
CA TYR A 333 5.23 23.26 12.34
C TYR A 333 4.38 22.95 13.55
N ASP A 334 4.96 23.24 14.72
CA ASP A 334 4.36 22.88 16.00
C ASP A 334 2.98 23.50 16.20
N ASN A 335 2.71 24.63 15.55
CA ASN A 335 1.42 25.31 15.67
C ASN A 335 0.34 24.68 14.81
N ALA A 336 0.66 23.65 14.03
CA ALA A 336 -0.30 23.04 13.12
C ALA A 336 -1.11 21.98 13.85
N PRO A 337 -2.44 22.07 13.83
CA PRO A 337 -3.25 21.00 14.44
C PRO A 337 -2.94 19.61 13.88
N LEU A 338 -2.76 19.47 12.58
CA LEU A 338 -2.49 18.13 12.09
C LEU A 338 -1.22 17.54 12.69
N GLN A 339 -0.26 18.36 13.11
CA GLN A 339 0.97 17.78 13.59
C GLN A 339 0.68 16.93 14.82
N ARG A 340 -0.13 17.48 15.73
CA ARG A 340 -0.46 16.73 16.94
C ARG A 340 -1.36 15.54 16.64
N ARG A 341 -2.29 15.64 15.68
CA ARG A 341 -3.07 14.44 15.35
C ARG A 341 -2.16 13.32 14.88
N PHE A 342 -1.13 13.67 14.07
CA PHE A 342 -0.19 12.70 13.51
C PHE A 342 0.67 12.05 14.59
N ARG A 343 1.25 12.88 15.47
CA ARG A 343 2.02 12.36 16.61
C ARG A 343 1.14 11.46 17.49
N ASP A 344 -0.11 11.87 17.74
CA ASP A 344 -0.96 11.06 18.58
C ASP A 344 -1.32 9.76 17.87
N ALA A 345 -1.57 9.84 16.57
CA ALA A 345 -1.99 8.64 15.87
C ALA A 345 -0.85 7.61 15.86
N PHE A 346 0.40 8.08 15.71
CA PHE A 346 1.52 7.15 15.64
C PHE A 346 2.08 6.82 17.03
N THR A 347 1.47 7.34 18.08
CA THR A 347 1.69 6.81 19.44
C THR A 347 0.68 5.68 19.71
N ALA A 348 -0.56 5.85 19.27
CA ALA A 348 -1.58 4.87 19.61
C ALA A 348 -1.33 3.55 18.90
N THR A 349 -0.70 3.59 17.71
CA THR A 349 -0.43 2.36 16.98
C THR A 349 0.50 1.41 17.71
N ALA A 350 1.31 1.91 18.66
CA ALA A 350 2.25 1.05 19.37
C ALA A 350 1.60 0.14 20.41
N HIS A 351 0.32 0.35 20.75
CA HIS A 351 -0.35 -0.41 21.81
C HIS A 351 -0.51 -1.89 21.45
N PHE A 352 -0.20 -2.75 22.42
CA PHE A 352 -0.07 -4.19 22.20
C PHE A 352 -1.38 -4.87 21.82
N GLN A 353 -2.53 -4.26 22.13
CA GLN A 353 -3.80 -4.90 21.81
C GLN A 353 -4.18 -4.74 20.34
N VAL A 354 -3.53 -3.80 19.63
CA VAL A 354 -4.03 -3.33 18.34
C VAL A 354 -2.90 -3.06 17.35
N ASN A 355 -1.72 -3.59 17.64
CA ASN A 355 -0.60 -3.44 16.71
C ASN A 355 -0.74 -4.44 15.57
N GLU A 356 0.21 -4.41 14.63
CA GLU A 356 0.13 -5.37 13.50
C GLU A 356 0.15 -6.82 14.02
N ALA A 357 0.95 -7.10 15.07
CA ALA A 357 1.05 -8.45 15.59
C ALA A 357 -0.30 -8.99 16.09
N SER A 358 -1.18 -8.11 16.56
CA SER A 358 -2.51 -8.51 17.06
C SER A 358 -3.46 -8.96 15.95
N ARG A 359 -3.01 -8.96 14.71
CA ARG A 359 -3.76 -9.62 13.64
C ARG A 359 -3.53 -11.14 13.60
N GLU A 360 -2.45 -11.64 14.21
CA GLU A 360 -2.05 -13.02 13.99
C GLU A 360 -2.95 -14.01 14.70
N LEU A 361 -3.19 -13.80 16.00
CA LEU A 361 -4.11 -14.71 16.69
C LEU A 361 -5.48 -14.69 16.02
N PRO A 362 -6.11 -13.54 15.75
CA PRO A 362 -7.43 -13.58 15.08
C PRO A 362 -7.39 -14.23 13.70
N GLY A 363 -6.24 -14.20 13.03
CA GLY A 363 -6.10 -15.01 11.81
C GLY A 363 -6.16 -16.50 12.09
N ARG A 364 -5.50 -16.94 13.17
CA ARG A 364 -5.51 -18.36 13.51
C ARG A 364 -6.92 -18.86 13.79
N VAL A 365 -7.75 -18.01 14.40
CA VAL A 365 -9.15 -18.38 14.65
C VAL A 365 -9.90 -18.47 13.32
N LEU A 366 -9.66 -17.53 12.41
CA LEU A 366 -10.34 -17.55 11.12
C LEU A 366 -9.93 -18.77 10.29
N LEU A 367 -8.67 -19.21 10.39
CA LEU A 367 -8.24 -20.41 9.66
C LEU A 367 -8.45 -21.70 10.47
N ASP A 368 -9.25 -21.62 11.54
CA ASP A 368 -9.52 -22.74 12.44
C ASP A 368 -8.26 -23.53 12.80
N GLN A 369 -7.22 -22.80 13.16
CA GLN A 369 -5.97 -23.33 13.68
C GLN A 369 -5.98 -23.37 15.20
N PRO A 370 -5.24 -24.29 15.83
CA PRO A 370 -5.14 -24.27 17.28
C PRO A 370 -4.65 -22.92 17.79
N ALA A 371 -5.32 -22.42 18.83
CA ALA A 371 -4.99 -21.10 19.32
C ALA A 371 -5.37 -20.97 20.78
N ASP A 372 -4.53 -20.28 21.52
CA ASP A 372 -4.81 -19.86 22.89
C ASP A 372 -5.66 -18.59 22.84
N VAL A 373 -6.95 -18.76 23.08
CA VAL A 373 -7.90 -17.66 22.99
C VAL A 373 -8.31 -17.15 24.38
N SER A 374 -7.50 -17.43 25.41
CA SER A 374 -7.82 -17.04 26.78
C SER A 374 -7.83 -15.52 26.98
N MET A 375 -7.01 -14.77 26.24
CA MET A 375 -7.02 -13.32 26.29
C MET A 375 -7.62 -12.67 25.05
N LEU A 376 -8.42 -13.38 24.29
CA LEU A 376 -9.05 -12.78 23.10
C LEU A 376 -10.21 -11.85 23.47
N THR B 6 43.08 13.03 2.73
CA THR B 6 42.31 11.79 2.61
C THR B 6 41.11 12.12 1.73
N GLU B 7 40.38 11.11 1.26
CA GLU B 7 39.19 11.40 0.45
C GLU B 7 38.12 12.07 1.30
N ILE B 8 37.39 12.98 0.67
CA ILE B 8 36.35 13.71 1.37
C ILE B 8 35.21 12.79 1.81
N GLU B 9 35.07 11.62 1.18
CA GLU B 9 34.06 10.65 1.60
C GLU B 9 34.42 10.03 2.95
N ILE B 10 35.71 9.80 3.17
CA ILE B 10 36.16 9.35 4.47
C ILE B 10 35.90 10.43 5.53
N LEU B 11 36.27 11.67 5.24
CA LEU B 11 35.98 12.75 6.17
C LEU B 11 34.50 12.79 6.51
N ALA B 12 33.66 12.68 5.47
CA ALA B 12 32.21 12.68 5.66
C ALA B 12 31.74 11.64 6.67
N GLU B 13 32.20 10.39 6.52
CA GLU B 13 31.78 9.34 7.45
C GLU B 13 32.30 9.58 8.87
N LYS B 14 33.50 10.17 9.02
CA LYS B 14 33.94 10.51 10.36
C LYS B 14 33.09 11.63 10.96
N ILE B 15 32.72 12.62 10.14
CA ILE B 15 31.87 13.70 10.64
C ILE B 15 30.48 13.17 10.96
N ALA B 16 30.03 12.15 10.22
CA ALA B 16 28.76 11.51 10.52
C ALA B 16 28.74 10.99 11.95
N ARG B 17 29.85 10.44 12.41
CA ARG B 17 29.88 9.86 13.76
C ARG B 17 29.94 10.93 14.84
N TRP B 18 30.55 12.07 14.53
CA TRP B 18 30.52 13.24 15.41
C TRP B 18 29.10 13.81 15.50
N ALA B 19 28.48 14.08 14.35
CA ALA B 19 27.07 14.48 14.30
C ALA B 19 26.18 13.54 15.10
N ARG B 20 26.39 12.23 14.96
CA ARG B 20 25.61 11.27 15.72
C ARG B 20 25.80 11.44 17.21
N ALA B 21 27.06 11.60 17.65
CA ALA B 21 27.37 11.81 19.06
C ALA B 21 26.74 13.09 19.61
N ARG B 22 26.59 14.12 18.78
CA ARG B 22 26.02 15.39 19.21
C ARG B 22 24.54 15.53 18.85
N SER B 23 23.88 14.46 18.43
CA SER B 23 22.56 14.62 17.84
C SER B 23 21.55 15.15 18.84
N ALA B 24 21.65 14.79 20.14
CA ALA B 24 20.70 15.31 21.11
C ALA B 24 20.86 16.82 21.26
N GLU B 25 22.10 17.31 21.25
CA GLU B 25 22.33 18.74 21.35
C GLU B 25 21.91 19.45 20.07
N ILE B 26 22.19 18.84 18.92
CA ILE B 26 21.71 19.41 17.66
C ILE B 26 20.21 19.70 17.76
N GLU B 27 19.45 18.72 18.26
CA GLU B 27 18.00 18.87 18.31
C GLU B 27 17.60 19.89 19.35
N ARG B 28 18.19 19.78 20.55
CA ARG B 28 17.86 20.68 21.65
C ARG B 28 18.09 22.14 21.27
N ASP B 29 19.23 22.42 20.63
CA ASP B 29 19.61 23.78 20.26
C ASP B 29 19.06 24.24 18.90
N ARG B 30 18.54 23.33 18.10
CA ARG B 30 18.07 23.67 16.75
C ARG B 30 19.19 24.32 15.91
N ARG B 31 20.41 23.81 16.07
CA ARG B 31 21.56 24.31 15.33
C ARG B 31 22.68 23.30 15.52
N LEU B 32 23.64 23.31 14.58
CA LEU B 32 24.80 22.45 14.71
C LEU B 32 25.78 23.09 15.68
N PRO B 33 26.42 22.32 16.55
CA PRO B 33 27.48 22.89 17.41
C PRO B 33 28.63 23.49 16.60
N ASP B 34 29.20 24.58 17.13
CA ASP B 34 30.25 25.28 16.41
C ASP B 34 31.38 24.34 15.99
N GLU B 35 31.72 23.40 16.87
CA GLU B 35 32.76 22.42 16.56
C GLU B 35 32.39 21.49 15.40
N LEU B 36 31.12 21.08 15.31
CA LEU B 36 30.69 20.30 14.16
C LEU B 36 30.77 21.16 12.90
N VAL B 37 30.28 22.41 12.95
CA VAL B 37 30.43 23.31 11.81
C VAL B 37 31.90 23.41 11.41
N THR B 38 32.79 23.53 12.40
CA THR B 38 34.20 23.67 12.09
C THR B 38 34.74 22.43 11.37
N ARG B 39 34.48 21.24 11.92
CA ARG B 39 34.83 20.01 11.22
C ARG B 39 34.25 19.99 9.82
N LEU B 40 32.93 20.21 9.70
CA LEU B 40 32.34 20.22 8.36
C LEU B 40 33.10 21.20 7.49
N ARG B 41 33.40 22.36 8.03
CA ARG B 41 34.02 23.41 7.23
C ARG B 41 35.41 23.00 6.80
N GLU B 42 36.15 22.33 7.69
CA GLU B 42 37.53 21.93 7.42
C GLU B 42 37.58 20.89 6.32
N ALA B 43 36.64 19.95 6.32
CA ALA B 43 36.63 18.89 5.32
C ALA B 43 36.26 19.39 3.94
N GLY B 44 35.88 20.66 3.81
CA GLY B 44 35.41 21.19 2.54
C GLY B 44 33.95 20.95 2.21
N LEU B 45 33.16 20.41 3.15
CA LEU B 45 31.83 19.90 2.80
C LEU B 45 30.81 21.00 2.65
N LEU B 46 30.97 22.14 3.36
CA LEU B 46 29.99 23.19 3.19
C LEU B 46 30.23 24.03 1.94
N ARG B 47 31.34 23.81 1.22
CA ARG B 47 31.64 24.54 -0.01
C ARG B 47 32.06 23.60 -1.13
N ALA B 48 31.72 22.31 -1.00
CA ALA B 48 32.31 21.28 -1.84
C ALA B 48 32.09 21.53 -3.33
N THR B 49 30.94 22.08 -3.69
CA THR B 49 30.56 22.23 -5.06
C THR B 49 30.77 23.66 -5.57
N MET B 50 31.43 24.52 -4.81
CA MET B 50 31.81 25.82 -5.36
C MET B 50 32.95 25.66 -6.36
N PRO B 51 33.13 26.64 -7.26
CA PRO B 51 34.15 26.49 -8.31
C PRO B 51 35.56 26.60 -7.77
N ARG B 52 36.47 25.96 -8.49
CA ARG B 52 37.93 26.09 -8.29
C ARG B 52 38.38 27.49 -7.92
N GLU B 53 37.86 28.52 -8.62
CA GLU B 53 38.34 29.89 -8.47
C GLU B 53 38.26 30.37 -7.03
N VAL B 54 37.25 29.93 -6.26
CA VAL B 54 37.10 30.44 -4.91
C VAL B 54 37.74 29.53 -3.89
N ALA B 55 38.66 28.67 -4.34
CA ALA B 55 39.40 27.77 -3.45
C ALA B 55 38.43 26.76 -2.81
N ALA B 56 37.85 25.95 -3.69
CA ALA B 56 36.85 24.98 -3.31
C ALA B 56 37.09 23.74 -4.16
N PRO B 57 36.61 22.59 -3.72
CA PRO B 57 36.90 21.34 -4.42
C PRO B 57 36.27 21.19 -5.81
N GLU B 58 35.23 21.96 -6.15
CA GLU B 58 34.41 21.70 -7.34
C GLU B 58 34.07 20.21 -7.49
N LEU B 59 33.57 19.63 -6.40
CA LEU B 59 33.42 18.18 -6.28
C LEU B 59 32.31 17.67 -7.20
N ALA B 60 32.59 16.57 -7.90
CA ALA B 60 31.62 15.95 -8.77
C ALA B 60 30.32 15.60 -8.02
N PRO B 61 29.17 15.70 -8.68
CA PRO B 61 27.90 15.71 -7.94
C PRO B 61 27.59 14.40 -7.23
N GLY B 62 27.91 13.29 -7.87
CA GLY B 62 27.71 12.01 -7.22
C GLY B 62 28.54 11.89 -5.95
N ARG B 63 29.74 12.44 -5.93
CA ARG B 63 30.54 12.37 -4.72
C ARG B 63 29.99 13.29 -3.63
N ALA B 64 29.55 14.47 -4.03
CA ALA B 64 28.99 15.41 -3.07
C ALA B 64 27.73 14.85 -2.44
N LEU B 65 26.82 14.39 -3.26
CA LEU B 65 25.59 13.81 -2.75
C LEU B 65 25.87 12.61 -1.85
N ARG B 66 26.86 11.78 -2.20
CA ARG B 66 27.19 10.68 -1.31
C ARG B 66 27.66 11.17 0.05
N CYS B 67 28.39 12.30 0.11
CA CYS B 67 28.82 12.84 1.39
C CYS B 67 27.62 13.29 2.23
N ALA B 68 26.65 13.92 1.59
CA ALA B 68 25.47 14.38 2.30
C ALA B 68 24.71 13.19 2.86
N GLU B 69 24.58 12.12 2.06
CA GLU B 69 23.91 10.91 2.50
C GLU B 69 24.61 10.36 3.74
N ALA B 70 25.95 10.32 3.71
CA ALA B 70 26.68 9.71 4.80
C ALA B 70 26.49 10.52 6.08
N VAL B 71 26.54 11.85 6.00
CA VAL B 71 26.34 12.66 7.20
C VAL B 71 24.93 12.49 7.71
N ALA B 72 23.95 12.40 6.80
CA ALA B 72 22.56 12.22 7.21
C ALA B 72 22.36 10.90 7.96
N ARG B 73 23.08 9.83 7.58
CA ARG B 73 23.07 8.61 8.37
C ARG B 73 23.46 8.88 9.82
N GLY B 74 24.44 9.76 10.03
CA GLY B 74 24.83 10.10 11.38
C GLY B 74 23.77 10.93 12.08
N ASP B 75 23.29 11.98 11.42
CA ASP B 75 22.20 12.82 11.93
C ASP B 75 21.50 13.48 10.75
N ALA B 76 20.19 13.28 10.62
CA ALA B 76 19.50 13.78 9.43
C ALA B 76 19.66 15.30 9.28
N SER B 77 19.53 16.03 10.38
CA SER B 77 19.64 17.47 10.31
C SER B 77 21.02 17.92 9.82
N ALA B 78 22.08 17.29 10.35
CA ALA B 78 23.41 17.62 9.90
C ALA B 78 23.56 17.31 8.42
N GLY B 79 22.99 16.19 7.97
CA GLY B 79 23.07 15.82 6.58
C GLY B 79 22.32 16.77 5.67
N TRP B 80 21.12 17.18 6.10
CA TRP B 80 20.33 18.17 5.39
C TRP B 80 21.08 19.50 5.26
N CYS B 81 21.78 19.89 6.30
CA CYS B 81 22.58 21.10 6.25
C CYS B 81 23.64 20.99 5.15
N VAL B 82 24.31 19.83 5.05
CA VAL B 82 25.24 19.61 3.94
C VAL B 82 24.51 19.72 2.62
N SER B 83 23.39 19.00 2.49
CA SER B 83 22.60 19.01 1.25
C SER B 83 22.29 20.44 0.79
N ILE B 84 21.80 21.27 1.70
CA ILE B 84 21.41 22.62 1.31
C ILE B 84 22.65 23.48 1.03
N ALA B 85 23.74 23.26 1.77
CA ALA B 85 24.96 24.03 1.52
C ALA B 85 25.57 23.70 0.16
N ILE B 86 25.57 22.41 -0.24
CA ILE B 86 26.19 22.08 -1.53
C ILE B 86 25.29 22.37 -2.72
N THR B 87 23.97 22.51 -2.51
CA THR B 87 23.06 22.98 -3.55
C THR B 87 23.18 24.51 -3.71
N SER B 88 23.10 25.23 -2.61
CA SER B 88 23.31 26.69 -2.68
C SER B 88 24.67 27.03 -3.27
N ALA B 89 25.70 26.25 -2.92
CA ALA B 89 27.04 26.52 -3.40
C ALA B 89 27.13 26.53 -4.92
N LEU B 90 26.25 25.79 -5.61
CA LEU B 90 26.29 25.81 -7.06
C LEU B 90 26.05 27.20 -7.61
N LEU B 91 25.27 28.02 -6.91
CA LEU B 91 24.95 29.34 -7.41
C LEU B 91 26.15 30.30 -7.39
N VAL B 92 27.19 29.96 -6.62
CA VAL B 92 28.44 30.72 -6.71
C VAL B 92 28.95 30.75 -8.15
N ALA B 93 28.66 29.71 -8.93
CA ALA B 93 29.08 29.68 -10.32
C ALA B 93 28.24 30.59 -11.22
N TYR B 94 27.20 31.21 -10.66
CA TYR B 94 26.31 32.11 -11.41
C TYR B 94 26.63 33.58 -11.15
N LEU B 95 27.61 33.87 -10.32
CA LEU B 95 27.94 35.25 -10.00
C LEU B 95 29.05 35.78 -10.91
N PRO B 96 28.97 37.03 -11.36
CA PRO B 96 30.13 37.64 -12.03
C PRO B 96 31.37 37.52 -11.15
N ALA B 97 32.53 37.44 -11.81
CA ALA B 97 33.78 37.18 -11.10
C ALA B 97 34.03 38.17 -9.98
N ARG B 98 33.52 39.40 -10.11
CA ARG B 98 33.74 40.40 -9.08
C ARG B 98 33.01 40.04 -7.79
N SER B 99 31.67 40.05 -7.81
CA SER B 99 30.91 39.71 -6.61
C SER B 99 31.28 38.32 -6.09
N ARG B 100 31.58 37.39 -7.00
CA ARG B 100 32.01 36.06 -6.59
C ARG B 100 33.21 36.12 -5.65
N GLU B 101 34.25 36.84 -6.05
CA GLU B 101 35.46 36.88 -5.23
C GLU B 101 35.23 37.71 -3.97
N GLU B 102 34.41 38.77 -4.05
CA GLU B 102 34.07 39.50 -2.83
C GLU B 102 33.46 38.56 -1.77
N MET B 103 32.47 37.76 -2.16
CA MET B 103 31.74 36.97 -1.18
C MET B 103 32.35 35.60 -0.90
N PHE B 104 32.99 34.96 -1.89
CA PHE B 104 33.49 33.62 -1.71
C PHE B 104 34.99 33.45 -1.97
N GLY B 105 35.71 34.54 -2.25
CA GLY B 105 37.10 34.41 -2.62
C GLY B 105 37.95 33.86 -1.51
N GLY B 106 39.00 33.15 -1.90
CA GLY B 106 39.98 32.67 -0.93
C GLY B 106 39.44 31.75 0.14
N GLY B 107 38.43 30.93 -0.18
CA GLY B 107 37.97 29.96 0.75
C GLY B 107 36.91 30.43 1.70
N ARG B 108 36.44 31.66 1.56
CA ARG B 108 35.46 32.23 2.46
C ARG B 108 34.05 31.93 1.96
N GLY B 109 33.09 32.11 2.86
CA GLY B 109 31.68 32.13 2.52
C GLY B 109 31.03 30.75 2.49
N VAL B 110 29.98 30.59 3.28
CA VAL B 110 29.07 29.45 3.19
C VAL B 110 27.72 29.99 2.78
N ALA B 111 27.03 29.27 1.90
CA ALA B 111 25.76 29.74 1.37
C ALA B 111 24.57 28.94 1.86
N ALA B 112 23.48 29.67 2.09
CA ALA B 112 22.14 29.15 2.21
C ALA B 112 21.39 29.60 0.97
N GLY B 113 20.19 29.07 0.80
CA GLY B 113 19.42 29.43 -0.36
C GLY B 113 17.98 28.98 -0.32
N VAL B 114 17.08 29.92 -0.59
CA VAL B 114 15.65 29.67 -0.71
C VAL B 114 15.25 30.10 -2.12
N TRP B 115 14.72 29.13 -2.88
CA TRP B 115 14.34 29.33 -4.27
C TRP B 115 12.98 30.01 -4.43
N ALA B 116 12.07 29.82 -3.48
CA ALA B 116 10.72 30.39 -3.56
C ALA B 116 10.82 31.90 -3.76
N PRO B 117 10.31 32.46 -4.86
CA PRO B 117 10.61 33.88 -5.17
C PRO B 117 9.67 34.83 -4.46
N ARG B 118 9.80 34.86 -3.13
CA ARG B 118 9.01 35.71 -2.24
C ARG B 118 9.52 37.13 -2.16
N GLY B 119 10.67 37.43 -2.74
CA GLY B 119 11.19 38.78 -2.70
C GLY B 119 10.62 39.66 -3.81
N THR B 120 10.68 40.95 -3.61
CA THR B 120 10.03 41.90 -4.48
C THR B 120 11.13 42.92 -4.66
N ALA B 121 11.62 43.14 -5.89
CA ALA B 121 12.83 43.96 -6.08
C ALA B 121 12.58 45.10 -7.07
N ARG B 122 12.90 46.31 -6.63
CA ARG B 122 12.78 47.51 -7.45
C ARG B 122 14.15 47.85 -8.02
N SER B 123 14.20 48.15 -9.31
CA SER B 123 15.45 48.62 -9.91
C SER B 123 15.78 50.03 -9.42
N VAL B 124 17.05 50.27 -9.13
CA VAL B 124 17.52 51.61 -8.79
C VAL B 124 18.86 51.80 -9.49
N ASP B 125 19.58 52.86 -9.15
CA ASP B 125 20.85 53.10 -9.82
C ASP B 125 21.88 52.10 -9.32
N GLY B 126 22.34 51.24 -10.21
CA GLY B 126 23.40 50.31 -9.91
C GLY B 126 22.97 49.01 -9.26
N GLY B 127 21.67 48.70 -9.26
CA GLY B 127 21.21 47.49 -8.61
C GLY B 127 19.71 47.49 -8.39
N VAL B 128 19.29 46.87 -7.28
CA VAL B 128 17.90 46.82 -6.88
C VAL B 128 17.82 47.02 -5.37
N VAL B 129 16.61 47.30 -4.91
CA VAL B 129 16.24 47.28 -3.50
C VAL B 129 15.15 46.23 -3.35
N VAL B 130 15.36 45.29 -2.42
CA VAL B 130 14.55 44.08 -2.35
C VAL B 130 13.98 43.92 -0.95
N SER B 131 12.74 43.49 -0.90
CA SER B 131 12.05 43.16 0.34
C SER B 131 11.35 41.82 0.18
N GLY B 132 11.24 41.11 1.28
CA GLY B 132 10.45 39.90 1.30
C GLY B 132 10.72 39.10 2.54
N ARG B 133 9.94 38.02 2.68
CA ARG B 133 10.10 37.08 3.77
C ARG B 133 10.17 35.67 3.21
N TRP B 134 11.24 34.94 3.54
CA TRP B 134 11.44 33.58 3.06
C TRP B 134 11.43 32.60 4.23
N PRO B 135 10.58 31.58 4.20
CA PRO B 135 10.70 30.50 5.19
C PRO B 135 11.69 29.44 4.73
N PHE B 136 11.99 28.52 5.64
CA PHE B 136 12.77 27.32 5.33
C PHE B 136 14.22 27.65 4.98
N CYS B 137 14.78 28.69 5.62
CA CYS B 137 16.18 29.04 5.35
C CYS B 137 17.13 28.11 6.11
N SER B 138 17.19 26.85 5.64
CA SER B 138 18.06 25.86 6.23
C SER B 138 19.50 26.33 6.32
N GLY B 139 20.11 26.15 7.49
CA GLY B 139 21.51 26.46 7.61
C GLY B 139 21.82 27.92 7.80
N ILE B 140 20.82 28.81 7.80
CA ILE B 140 21.09 30.24 8.01
C ILE B 140 21.92 30.50 9.28
N ASN B 141 21.81 29.64 10.31
CA ASN B 141 22.60 29.86 11.51
C ASN B 141 24.11 29.83 11.23
N HIS B 142 24.58 29.02 10.27
CA HIS B 142 26.01 29.00 9.96
C HIS B 142 26.35 29.43 8.55
N ALA B 143 25.44 30.06 7.83
CA ALA B 143 25.77 30.61 6.53
C ALA B 143 26.03 32.13 6.60
N ASP B 144 26.93 32.61 5.73
CA ASP B 144 27.21 34.03 5.55
C ASP B 144 26.31 34.68 4.52
N ILE B 145 25.95 33.93 3.49
CA ILE B 145 25.28 34.44 2.31
C ILE B 145 24.02 33.63 2.06
N MET B 146 22.96 34.29 1.63
CA MET B 146 21.72 33.60 1.27
C MET B 146 21.30 34.04 -0.12
N PHE B 147 21.24 33.08 -1.03
CA PHE B 147 20.65 33.29 -2.35
C PHE B 147 19.15 33.17 -2.19
N ALA B 148 18.43 34.24 -2.53
CA ALA B 148 16.98 34.32 -2.37
C ALA B 148 16.28 34.64 -3.69
N GLY B 149 15.18 33.94 -3.94
CA GLY B 149 14.37 34.23 -5.10
C GLY B 149 13.54 35.49 -4.95
N CYS B 150 13.28 36.15 -6.08
CA CYS B 150 12.51 37.38 -6.07
C CYS B 150 12.13 37.70 -7.50
N PHE B 151 11.20 38.64 -7.64
CA PHE B 151 10.82 39.18 -8.93
C PHE B 151 11.34 40.62 -8.99
N VAL B 152 11.97 40.95 -10.11
CA VAL B 152 12.51 42.28 -10.32
C VAL B 152 11.51 43.07 -11.15
N ASP B 153 11.09 44.23 -10.62
CA ASP B 153 10.17 45.13 -11.31
C ASP B 153 9.01 44.36 -11.94
N ASP B 154 8.91 44.40 -13.25
CA ASP B 154 7.77 43.89 -13.99
C ASP B 154 7.86 42.39 -14.30
N ARG B 155 9.03 41.79 -14.12
CA ARG B 155 9.33 40.52 -14.79
C ARG B 155 8.45 39.40 -14.28
N GLN B 156 8.11 38.48 -15.19
CA GLN B 156 7.37 37.28 -14.84
C GLN B 156 8.27 36.07 -14.56
N VAL B 157 9.44 36.01 -15.18
CA VAL B 157 10.55 35.17 -14.73
C VAL B 157 11.31 35.65 -13.50
N PRO B 158 11.40 34.82 -12.45
CA PRO B 158 12.00 35.29 -11.20
C PRO B 158 13.51 35.37 -11.35
N SER B 159 14.11 36.06 -10.38
CA SER B 159 15.53 36.28 -10.32
C SER B 159 16.02 35.80 -8.95
N VAL B 160 17.34 35.91 -8.75
CA VAL B 160 18.02 35.51 -7.53
C VAL B 160 18.91 36.69 -7.10
N VAL B 161 18.87 37.05 -5.82
CA VAL B 161 19.76 38.03 -5.22
C VAL B 161 20.65 37.31 -4.22
N ALA B 162 21.95 37.68 -4.21
CA ALA B 162 22.88 37.17 -3.22
C ALA B 162 22.95 38.16 -2.06
N LEU B 163 22.32 37.80 -0.93
CA LEU B 163 22.24 38.66 0.25
C LEU B 163 23.24 38.25 1.33
N ASN B 164 23.76 39.25 2.06
CA ASN B 164 24.54 38.98 3.25
C ASN B 164 23.59 38.73 4.41
N LYS B 165 23.85 37.67 5.18
CA LYS B 165 22.97 37.41 6.31
C LYS B 165 22.82 38.67 7.16
N ASP B 166 23.90 39.46 7.23
CA ASP B 166 23.96 40.78 7.86
C ASP B 166 22.73 41.65 7.65
N GLU B 167 22.37 41.86 6.39
CA GLU B 167 21.23 42.72 6.11
C GLU B 167 19.89 42.09 6.45
N LEU B 168 19.85 40.88 7.02
CA LEU B 168 18.59 40.15 7.16
C LEU B 168 18.15 40.08 8.61
N GLN B 169 16.84 40.16 8.82
CA GLN B 169 16.26 39.82 10.10
C GLN B 169 15.92 38.33 10.07
N VAL B 170 16.62 37.55 10.89
CA VAL B 170 16.29 36.15 11.10
C VAL B 170 15.26 36.05 12.21
N LEU B 171 14.07 35.53 11.89
CA LEU B 171 13.00 35.31 12.86
C LEU B 171 13.03 33.89 13.41
N ASP B 172 12.67 33.75 14.68
CA ASP B 172 12.63 32.45 15.35
C ASP B 172 11.29 31.76 15.09
N THR B 173 11.25 31.01 13.98
CA THR B 173 10.05 30.31 13.52
C THR B 173 10.23 28.79 13.35
N TRP B 174 11.44 28.28 13.51
CA TRP B 174 11.70 26.86 13.25
C TRP B 174 11.46 26.02 14.50
N HIS B 175 10.16 25.76 14.73
CA HIS B 175 9.60 24.92 15.77
C HIS B 175 8.80 23.83 15.04
N THR B 176 9.43 22.68 14.87
CA THR B 176 8.96 21.71 13.89
C THR B 176 9.01 20.28 14.44
N LEU B 177 8.24 19.43 13.77
CA LEU B 177 8.22 18.01 14.12
C LEU B 177 9.63 17.46 14.14
N GLY B 178 10.38 17.73 13.07
CA GLY B 178 11.71 17.20 12.91
C GLY B 178 12.63 18.13 12.17
N LEU B 179 13.78 17.59 11.74
CA LEU B 179 14.89 18.37 11.20
C LEU B 179 15.09 19.65 12.02
N ARG B 180 15.02 19.52 13.32
CA ARG B 180 15.08 20.72 14.14
C ARG B 180 16.43 21.40 14.06
N GLY B 181 17.51 20.61 13.98
CA GLY B 181 18.86 21.13 13.91
C GLY B 181 19.18 21.85 12.63
N THR B 182 18.27 21.79 11.65
CA THR B 182 18.51 22.55 10.44
C THR B 182 18.31 24.06 10.61
N GLY B 183 17.69 24.50 11.73
CA GLY B 183 17.38 25.91 11.96
C GLY B 183 16.88 26.63 10.73
N SER B 184 15.81 26.11 10.13
CA SER B 184 15.32 26.60 8.84
C SER B 184 14.31 27.72 9.10
N HIS B 185 14.84 28.81 9.67
CA HIS B 185 14.01 29.90 10.16
C HIS B 185 13.52 30.73 8.99
N ASP B 186 12.62 31.67 9.30
CA ASP B 186 12.25 32.67 8.30
C ASP B 186 13.27 33.81 8.34
N CYS B 187 13.58 34.32 7.15
CA CYS B 187 14.44 35.49 6.99
C CYS B 187 13.67 36.62 6.33
N VAL B 188 13.90 37.84 6.80
CA VAL B 188 13.22 39.02 6.28
C VAL B 188 14.24 40.00 5.71
N ALA B 189 13.95 40.53 4.53
CA ALA B 189 14.67 41.63 3.92
C ALA B 189 13.78 42.85 3.93
N ASP B 190 14.30 43.98 4.43
CA ASP B 190 13.54 45.23 4.53
C ASP B 190 14.32 46.31 3.80
N ASP B 191 13.91 46.58 2.56
CA ASP B 191 14.56 47.55 1.67
C ASP B 191 16.08 47.39 1.66
N VAL B 192 16.52 46.20 1.28
CA VAL B 192 17.95 45.91 1.21
C VAL B 192 18.44 46.25 -0.18
N PHE B 193 19.49 47.06 -0.24
CA PHE B 193 20.11 47.36 -1.51
C PHE B 193 21.06 46.22 -1.88
N VAL B 194 20.97 45.78 -3.12
CA VAL B 194 21.79 44.70 -3.64
C VAL B 194 22.39 45.23 -4.94
N PRO B 195 23.71 45.28 -5.08
CA PRO B 195 24.31 45.71 -6.34
C PRO B 195 23.93 44.78 -7.48
N ALA B 196 23.99 45.31 -8.71
CA ALA B 196 23.46 44.57 -9.83
C ALA B 196 24.24 43.29 -10.09
N ASP B 197 25.52 43.29 -9.78
CA ASP B 197 26.30 42.08 -10.02
C ASP B 197 26.08 41.01 -8.94
N ARG B 198 25.08 41.23 -8.08
CA ARG B 198 24.59 40.23 -7.13
C ARG B 198 23.14 39.87 -7.42
N VAL B 199 22.67 40.22 -8.62
CA VAL B 199 21.35 39.84 -9.13
C VAL B 199 21.58 39.02 -10.39
N PHE B 200 20.94 37.85 -10.49
CA PHE B 200 21.05 37.04 -11.70
C PHE B 200 19.81 36.16 -11.86
N SER B 201 19.70 35.55 -13.03
CA SER B 201 18.64 34.59 -13.32
C SER B 201 19.25 33.21 -13.50
N VAL B 202 18.75 32.24 -12.74
CA VAL B 202 19.18 30.84 -12.91
C VAL B 202 18.99 30.39 -14.34
N PHE B 203 17.97 30.90 -15.02
CA PHE B 203 17.63 30.45 -16.36
C PHE B 203 18.62 30.95 -17.42
N ASP B 204 19.39 31.99 -17.15
CA ASP B 204 20.46 32.42 -18.05
C ASP B 204 21.70 31.55 -17.97
N GLY B 205 21.79 30.66 -16.99
CA GLY B 205 22.86 29.69 -16.90
C GLY B 205 24.06 30.19 -16.11
N PRO B 206 25.00 29.30 -15.83
CA PRO B 206 26.15 29.70 -15.02
C PRO B 206 27.10 30.60 -15.80
N ILE B 207 27.92 31.33 -15.03
CA ILE B 207 29.08 32.01 -15.57
C ILE B 207 30.24 31.04 -15.73
N VAL B 208 30.50 30.23 -14.69
CA VAL B 208 31.47 29.16 -14.81
C VAL B 208 30.77 28.02 -15.53
N ASP B 209 31.18 27.79 -16.77
CA ASP B 209 30.50 26.85 -17.67
C ASP B 209 31.28 25.54 -17.77
N ARG B 210 31.50 24.92 -16.62
CA ARG B 210 32.12 23.61 -16.55
C ARG B 210 31.09 22.53 -16.17
N PRO B 211 31.46 21.26 -16.28
CA PRO B 211 30.43 20.20 -16.18
C PRO B 211 29.64 20.23 -14.89
N LEU B 212 30.26 20.50 -13.74
CA LEU B 212 29.46 20.50 -12.51
C LEU B 212 28.26 21.44 -12.63
N TYR B 213 28.40 22.53 -13.41
CA TYR B 213 27.34 23.55 -13.51
C TYR B 213 26.48 23.34 -14.75
N ARG B 214 26.86 22.39 -15.61
CA ARG B 214 25.94 21.87 -16.60
C ARG B 214 24.99 20.82 -16.01
N PHE B 215 25.43 20.10 -14.97
CA PHE B 215 24.54 19.20 -14.28
C PHE B 215 23.26 19.94 -13.89
N PRO B 216 22.10 19.34 -14.12
CA PRO B 216 20.85 20.06 -13.88
C PRO B 216 20.76 20.58 -12.45
N VAL B 217 20.55 21.89 -12.32
CA VAL B 217 20.65 22.51 -11.01
C VAL B 217 19.41 22.22 -10.17
N PHE B 218 18.21 22.25 -10.78
CA PHE B 218 17.00 21.92 -10.04
C PHE B 218 16.96 20.45 -9.68
N GLY B 219 17.50 19.61 -10.57
CA GLY B 219 17.58 18.20 -10.25
C GLY B 219 18.53 17.98 -9.10
N PHE B 220 19.63 18.74 -9.07
CA PHE B 220 20.59 18.58 -7.98
C PHE B 220 19.93 18.92 -6.64
N PHE B 221 19.15 20.00 -6.61
CA PHE B 221 18.46 20.39 -5.39
C PHE B 221 17.59 19.27 -4.86
N ALA B 222 16.77 18.69 -5.75
CA ALA B 222 15.86 17.61 -5.38
C ALA B 222 16.64 16.39 -4.91
N LEU B 223 17.67 16.02 -5.65
CA LEU B 223 18.48 14.89 -5.24
C LEU B 223 19.10 15.12 -3.87
N SER B 224 19.48 16.37 -3.53
CA SER B 224 20.16 16.57 -2.27
C SER B 224 19.25 16.22 -1.11
N ILE B 225 17.94 16.44 -1.28
CA ILE B 225 16.96 16.07 -0.28
C ILE B 225 16.80 14.58 -0.26
N GLY B 226 16.80 13.96 -1.44
CA GLY B 226 16.86 12.51 -1.53
C GLY B 226 18.02 11.95 -0.73
N ALA B 227 19.21 12.57 -0.85
CA ALA B 227 20.38 12.05 -0.18
C ALA B 227 20.17 12.02 1.32
N ALA B 228 19.60 13.11 1.85
CA ALA B 228 19.39 13.21 3.28
C ALA B 228 18.34 12.21 3.75
N ALA B 229 17.26 12.08 3.01
CA ALA B 229 16.26 11.08 3.35
C ALA B 229 16.80 9.66 3.28
N LEU B 230 17.59 9.34 2.26
CA LEU B 230 18.12 7.98 2.14
C LEU B 230 19.07 7.65 3.29
N GLY B 231 19.92 8.59 3.65
CA GLY B 231 20.83 8.35 4.77
C GLY B 231 20.10 8.15 6.10
N ASN B 232 19.06 8.95 6.34
CA ASN B 232 18.22 8.82 7.50
C ASN B 232 17.49 7.49 7.56
N ALA B 233 17.05 7.00 6.41
CA ALA B 233 16.36 5.72 6.35
C ALA B 233 17.29 4.55 6.69
N ARG B 234 18.55 4.63 6.24
CA ARG B 234 19.51 3.57 6.51
C ARG B 234 19.83 3.50 8.00
N ALA B 235 19.92 4.65 8.66
CA ALA B 235 20.07 4.70 10.11
C ALA B 235 18.87 4.06 10.81
N ALA B 236 17.64 4.25 10.26
CA ALA B 236 16.46 3.68 10.89
C ALA B 236 16.47 2.15 10.83
N ILE B 237 16.85 1.60 9.70
CA ILE B 237 17.00 0.16 9.60
C ILE B 237 18.06 -0.30 10.59
N ASP B 238 19.21 0.38 10.59
CA ASP B 238 20.26 0.06 11.54
C ASP B 238 19.72 0.10 12.99
N ASP B 239 18.92 1.12 13.34
CA ASP B 239 18.32 1.18 14.69
C ASP B 239 17.44 -0.03 14.98
N LEU B 240 16.53 -0.36 14.04
CA LEU B 240 15.65 -1.49 14.27
C LEU B 240 16.44 -2.79 14.39
N VAL B 241 17.38 -3.02 13.49
CA VAL B 241 18.09 -4.30 13.56
C VAL B 241 18.78 -4.46 14.91
N GLU B 242 19.45 -3.40 15.40
CA GLU B 242 20.06 -3.43 16.72
C GLU B 242 19.04 -3.69 17.82
N LEU B 243 17.91 -3.00 17.79
CA LEU B 243 16.90 -3.21 18.80
C LEU B 243 16.36 -4.64 18.76
N ALA B 244 16.09 -5.17 17.57
CA ALA B 244 15.34 -6.42 17.50
C ALA B 244 16.17 -7.63 17.94
N GLY B 245 17.50 -7.54 17.91
CA GLY B 245 18.33 -8.61 18.41
C GLY B 245 17.95 -9.05 19.81
N GLY B 246 17.73 -8.06 20.71
CA GLY B 246 17.50 -8.37 22.11
C GLY B 246 16.19 -7.96 22.75
N LYS B 247 15.21 -7.48 21.97
CA LYS B 247 13.92 -7.08 22.53
C LYS B 247 13.00 -8.30 22.62
N LYS B 248 12.62 -8.67 23.85
CA LYS B 248 11.75 -9.81 24.12
C LYS B 248 10.52 -9.31 24.88
N GLY B 249 9.34 -9.59 24.32
CA GLY B 249 8.11 -8.94 24.72
C GLY B 249 7.60 -9.19 26.13
N LEU B 250 8.34 -9.97 26.92
CA LEU B 250 7.96 -10.28 28.30
C LEU B 250 6.51 -10.74 28.38
N GLY B 251 6.06 -11.47 27.35
CA GLY B 251 4.77 -12.13 27.34
C GLY B 251 4.80 -13.40 26.51
N SER B 252 5.79 -13.51 25.63
CA SER B 252 5.95 -14.64 24.72
C SER B 252 7.39 -15.14 24.79
N THR B 253 7.64 -16.25 24.10
CA THR B 253 8.97 -16.88 24.06
C THR B 253 9.71 -16.52 22.78
N ARG B 254 9.55 -15.28 22.32
CA ARG B 254 10.21 -14.82 21.10
C ARG B 254 10.69 -13.38 21.26
N THR B 255 11.95 -13.13 20.90
CA THR B 255 12.38 -11.76 20.66
C THR B 255 11.62 -11.20 19.46
N LEU B 256 11.77 -9.88 19.24
CA LEU B 256 11.18 -9.24 18.08
C LEU B 256 11.76 -9.81 16.79
N ALA B 257 13.07 -10.08 16.79
CA ALA B 257 13.76 -10.56 15.59
C ALA B 257 13.33 -11.97 15.18
N GLU B 258 12.75 -12.74 16.11
CA GLU B 258 12.36 -14.12 15.84
C GLU B 258 10.95 -14.22 15.26
N ARG B 259 10.24 -13.10 15.14
CA ARG B 259 8.90 -13.13 14.57
C ARG B 259 8.97 -13.06 13.05
N SER B 260 8.24 -13.95 12.40
CA SER B 260 8.24 -14.01 10.95
C SER B 260 7.96 -12.64 10.33
N ALA B 261 7.03 -11.89 10.92
CA ALA B 261 6.63 -10.61 10.34
C ALA B 261 7.79 -9.62 10.39
N THR B 262 8.57 -9.65 11.47
CA THR B 262 9.71 -8.75 11.57
C THR B 262 10.70 -9.08 10.47
N GLN B 263 10.90 -10.36 10.22
CA GLN B 263 11.85 -10.79 9.19
C GLN B 263 11.38 -10.31 7.82
N ALA B 264 10.12 -10.58 7.48
CA ALA B 264 9.60 -10.14 6.20
C ALA B 264 9.75 -8.63 6.06
N ALA B 265 9.49 -7.89 7.15
CA ALA B 265 9.47 -6.43 7.05
C ALA B 265 10.88 -5.88 6.89
N ALA B 266 11.85 -6.43 7.61
CA ALA B 266 13.24 -6.02 7.43
C ALA B 266 13.71 -6.28 5.99
N ALA B 267 13.37 -7.42 5.43
CA ALA B 267 13.78 -7.71 4.08
C ALA B 267 13.08 -6.78 3.11
N THR B 268 11.79 -6.58 3.28
CA THR B 268 11.08 -5.64 2.41
C THR B 268 11.73 -4.26 2.47
N ALA B 269 12.06 -3.80 3.67
CA ALA B 269 12.60 -2.44 3.81
C ALA B 269 14.01 -2.34 3.23
N GLU B 270 14.84 -3.34 3.49
CA GLU B 270 16.21 -3.32 2.99
C GLU B 270 16.24 -3.34 1.47
N SER B 271 15.38 -4.14 0.86
CA SER B 271 15.42 -4.16 -0.60
C SER B 271 14.82 -2.89 -1.19
N ALA B 272 13.71 -2.39 -0.61
CA ALA B 272 13.13 -1.12 -1.07
C ALA B 272 14.13 0.05 -0.98
N LEU B 273 14.85 0.15 0.14
CA LEU B 273 15.88 1.17 0.27
C LEU B 273 17.02 0.95 -0.69
N GLY B 274 17.57 -0.28 -0.74
CA GLY B 274 18.61 -0.54 -1.70
C GLY B 274 18.19 -0.22 -3.13
N ALA B 275 16.95 -0.56 -3.50
CA ALA B 275 16.50 -0.22 -4.85
C ALA B 275 16.45 1.30 -5.08
N ALA B 276 15.89 2.05 -4.12
CA ALA B 276 15.83 3.50 -4.31
C ALA B 276 17.22 4.09 -4.38
N ARG B 277 18.11 3.63 -3.54
CA ARG B 277 19.47 4.15 -3.56
C ARG B 277 20.18 3.81 -4.88
N ALA B 278 19.90 2.64 -5.42
CA ALA B 278 20.60 2.23 -6.63
C ALA B 278 20.16 3.09 -7.80
N LEU B 279 18.87 3.40 -7.85
CA LEU B 279 18.34 4.24 -8.92
C LEU B 279 18.90 5.65 -8.81
N PHE B 280 18.85 6.22 -7.59
CA PHE B 280 19.42 7.53 -7.26
C PHE B 280 20.80 7.72 -7.85
N TYR B 281 21.76 6.82 -7.54
CA TYR B 281 23.12 6.98 -8.00
C TYR B 281 23.27 6.61 -9.47
N GLU B 282 22.46 5.70 -9.98
CA GLU B 282 22.47 5.43 -11.41
C GLU B 282 22.11 6.66 -12.26
N VAL B 283 21.03 7.37 -11.91
CA VAL B 283 20.65 8.51 -12.74
C VAL B 283 21.66 9.66 -12.57
N ILE B 284 22.20 9.84 -11.37
CA ILE B 284 23.24 10.87 -11.18
C ILE B 284 24.43 10.61 -12.08
N GLU B 285 24.88 9.35 -12.17
CA GLU B 285 26.03 9.05 -13.02
C GLU B 285 25.68 9.22 -14.50
N ALA B 286 24.48 8.85 -14.90
CA ALA B 286 24.10 9.06 -16.30
C ALA B 286 24.03 10.54 -16.64
N ALA B 287 23.47 11.36 -15.73
CA ALA B 287 23.41 12.79 -15.96
C ALA B 287 24.82 13.38 -15.93
N TRP B 288 25.66 12.88 -15.04
CA TRP B 288 27.02 13.40 -14.92
C TRP B 288 27.76 13.17 -16.23
N GLN B 289 27.63 11.98 -16.83
CA GLN B 289 28.31 11.78 -18.10
C GLN B 289 27.91 12.79 -19.14
N VAL B 290 26.61 12.99 -19.38
CA VAL B 290 26.23 13.92 -20.45
C VAL B 290 26.40 15.38 -20.05
N SER B 291 26.74 15.66 -18.81
CA SER B 291 27.05 17.03 -18.40
C SER B 291 28.36 17.50 -19.01
N HIS B 292 29.15 16.59 -19.57
CA HIS B 292 30.39 16.87 -20.25
C HIS B 292 30.21 17.13 -21.73
N ASP B 293 29.00 16.97 -22.23
CA ASP B 293 28.72 17.17 -23.64
C ASP B 293 28.41 18.64 -23.97
N ALA B 294 28.59 18.97 -25.26
CA ALA B 294 28.34 20.32 -25.73
C ALA B 294 26.91 20.78 -25.43
N GLU B 295 25.94 19.92 -25.66
CA GLU B 295 24.55 20.36 -25.51
C GLU B 295 24.13 20.36 -24.05
N ALA B 296 23.13 21.17 -23.73
CA ALA B 296 22.53 21.13 -22.41
C ALA B 296 21.98 19.73 -22.13
N VAL B 297 22.00 19.35 -20.86
CA VAL B 297 21.47 18.05 -20.44
C VAL B 297 19.99 18.00 -20.81
N PRO B 298 19.54 16.95 -21.48
CA PRO B 298 18.20 16.99 -22.08
C PRO B 298 17.11 16.81 -21.03
N VAL B 299 15.89 17.13 -21.49
CA VAL B 299 14.74 17.05 -20.61
C VAL B 299 14.56 15.63 -20.11
N THR B 300 14.76 14.64 -20.99
CA THR B 300 14.66 13.25 -20.59
C THR B 300 15.53 12.96 -19.37
N MET B 301 16.80 13.38 -19.41
CA MET B 301 17.74 13.12 -18.32
C MET B 301 17.32 13.86 -17.05
N ARG B 302 16.99 15.13 -17.19
CA ARG B 302 16.50 15.90 -16.06
C ARG B 302 15.31 15.22 -15.41
N ASN B 303 14.44 14.67 -16.22
CA ASN B 303 13.23 14.04 -15.71
C ASN B 303 13.55 12.85 -14.83
N ARG B 304 14.49 12.00 -15.28
CA ARG B 304 14.90 10.85 -14.48
C ARG B 304 15.42 11.27 -13.11
N LEU B 305 16.17 12.40 -13.03
CA LEU B 305 16.66 12.85 -11.74
C LEU B 305 15.50 13.21 -10.79
N ARG B 306 14.47 13.86 -11.30
CA ARG B 306 13.34 14.23 -10.45
C ARG B 306 12.54 12.99 -10.09
N LEU B 307 12.40 12.06 -11.03
CA LEU B 307 11.72 10.81 -10.72
C LEU B 307 12.42 10.10 -9.58
N ALA B 308 13.75 10.03 -9.63
CA ALA B 308 14.50 9.25 -8.63
C ALA B 308 14.57 9.98 -7.30
N ALA B 309 14.72 11.31 -7.34
CA ALA B 309 14.69 12.09 -6.10
C ALA B 309 13.40 11.87 -5.34
N THR B 310 12.27 11.98 -6.01
CA THR B 310 11.00 11.87 -5.30
C THR B 310 10.80 10.45 -4.78
N HIS B 311 11.12 9.48 -5.61
CA HIS B 311 11.02 8.09 -5.17
C HIS B 311 11.91 7.85 -3.97
N ALA B 312 13.09 8.48 -3.95
CA ALA B 312 13.96 8.23 -2.81
C ALA B 312 13.36 8.78 -1.50
N VAL B 313 12.78 9.98 -1.54
CA VAL B 313 12.26 10.55 -0.29
C VAL B 313 11.04 9.77 0.20
N ARG B 314 10.14 9.41 -0.71
CA ARG B 314 8.92 8.70 -0.33
C ARG B 314 9.22 7.29 0.16
N THR B 315 10.05 6.54 -0.58
CA THR B 315 10.46 5.23 -0.12
C THR B 315 11.15 5.30 1.24
N SER B 316 12.00 6.31 1.42
CA SER B 316 12.70 6.49 2.69
C SER B 316 11.71 6.63 3.83
N ALA B 317 10.62 7.40 3.60
CA ALA B 317 9.62 7.60 4.63
C ALA B 317 8.88 6.29 4.93
N ASP B 318 8.44 5.60 3.89
CA ASP B 318 7.85 4.26 4.08
C ASP B 318 8.75 3.35 4.90
N VAL B 319 10.06 3.38 4.62
CA VAL B 319 11.01 2.53 5.33
C VAL B 319 11.08 2.93 6.80
N VAL B 320 11.20 4.22 7.06
CA VAL B 320 11.32 4.66 8.45
C VAL B 320 10.03 4.36 9.21
N ARG B 321 8.88 4.58 8.57
CA ARG B 321 7.62 4.29 9.20
C ARG B 321 7.54 2.81 9.57
N SER B 322 8.05 1.93 8.68
CA SER B 322 7.96 0.50 8.99
C SER B 322 8.87 0.12 10.15
N MET B 323 10.09 0.68 10.20
CA MET B 323 10.97 0.39 11.33
C MET B 323 10.44 0.97 12.63
N TYR B 324 9.91 2.20 12.61
CA TYR B 324 9.25 2.79 13.78
C TYR B 324 8.13 1.89 14.28
N ASP B 325 7.23 1.49 13.37
CA ASP B 325 6.12 0.62 13.73
C ASP B 325 6.61 -0.69 14.33
N LEU B 326 7.63 -1.31 13.70
CA LEU B 326 8.11 -2.59 14.23
C LEU B 326 8.60 -2.47 15.67
N ALA B 327 9.15 -1.31 16.01
CA ALA B 327 9.74 -1.11 17.32
C ALA B 327 8.71 -0.84 18.41
N GLY B 328 7.47 -0.56 18.03
CA GLY B 328 6.39 -0.65 19.01
C GLY B 328 6.54 0.39 20.10
N GLY B 329 6.29 -0.03 21.33
CA GLY B 329 6.25 0.90 22.44
C GLY B 329 7.60 1.44 22.81
N THR B 330 8.68 0.80 22.35
CA THR B 330 10.01 1.37 22.50
C THR B 330 10.08 2.76 21.85
N ALA B 331 9.61 2.86 20.61
CA ALA B 331 9.94 4.02 19.81
C ALA B 331 9.10 5.25 20.14
N ILE B 332 8.04 5.09 20.91
CA ILE B 332 7.21 6.26 21.22
C ILE B 332 7.89 7.21 22.16
N TYR B 333 8.94 6.75 22.85
CA TYR B 333 9.60 7.57 23.87
C TYR B 333 10.70 8.43 23.29
N ASP B 334 10.81 9.64 23.86
CA ASP B 334 11.74 10.64 23.38
C ASP B 334 13.18 10.13 23.37
N ASN B 335 13.54 9.20 24.24
CA ASN B 335 14.90 8.69 24.27
C ASN B 335 15.19 7.66 23.19
N ALA B 336 14.16 7.26 22.40
CA ALA B 336 14.40 6.21 21.42
C ALA B 336 14.93 6.78 20.12
N PRO B 337 16.03 6.26 19.59
CA PRO B 337 16.58 6.83 18.35
C PRO B 337 15.60 6.80 17.19
N LEU B 338 14.81 5.72 17.05
CA LEU B 338 13.87 5.68 15.94
C LEU B 338 12.86 6.82 15.99
N GLN B 339 12.56 7.35 17.19
CA GLN B 339 11.54 8.39 17.23
C GLN B 339 12.00 9.57 16.39
N ARG B 340 13.27 9.97 16.56
CA ARG B 340 13.76 11.13 15.84
C ARG B 340 13.93 10.83 14.35
N ARG B 341 14.35 9.61 13.98
CA ARG B 341 14.40 9.31 12.55
C ARG B 341 13.03 9.46 11.93
N PHE B 342 12.02 9.03 12.67
CA PHE B 342 10.63 9.10 12.20
C PHE B 342 10.19 10.55 12.06
N ARG B 343 10.42 11.37 13.07
CA ARG B 343 10.10 12.81 12.99
C ARG B 343 10.83 13.48 11.83
N ASP B 344 12.11 13.13 11.63
CA ASP B 344 12.87 13.76 10.59
C ASP B 344 12.38 13.33 9.22
N ALA B 345 12.09 12.03 9.07
CA ALA B 345 11.65 11.50 7.79
C ALA B 345 10.38 12.16 7.34
N PHE B 346 9.46 12.44 8.28
CA PHE B 346 8.16 13.00 7.95
C PHE B 346 8.16 14.53 8.01
N THR B 347 9.29 15.16 8.30
CA THR B 347 9.49 16.56 7.98
C THR B 347 10.06 16.69 6.57
N ALA B 348 10.98 15.80 6.17
CA ALA B 348 11.59 15.87 4.86
C ALA B 348 10.57 15.70 3.76
N THR B 349 9.51 14.92 4.01
CA THR B 349 8.54 14.63 2.96
C THR B 349 7.76 15.85 2.54
N ALA B 350 7.60 16.83 3.44
CA ALA B 350 6.87 18.06 3.09
C ALA B 350 7.53 18.94 2.03
N HIS B 351 8.80 18.70 1.68
CA HIS B 351 9.55 19.58 0.78
C HIS B 351 9.03 19.57 -0.65
N PHE B 352 8.94 20.78 -1.25
CA PHE B 352 8.21 20.98 -2.49
C PHE B 352 8.87 20.29 -3.69
N GLN B 353 10.18 20.00 -3.64
CA GLN B 353 10.87 19.39 -4.78
C GLN B 353 10.60 17.89 -4.90
N VAL B 354 10.09 17.27 -3.83
CA VAL B 354 10.08 15.81 -3.72
C VAL B 354 8.81 15.31 -3.02
N ASN B 355 7.76 16.11 -2.99
CA ASN B 355 6.50 15.68 -2.38
C ASN B 355 5.72 14.84 -3.40
N GLU B 356 4.54 14.32 -3.00
CA GLU B 356 3.77 13.51 -3.96
C GLU B 356 3.42 14.32 -5.22
N ALA B 357 3.16 15.63 -5.08
CA ALA B 357 2.82 16.46 -6.23
C ALA B 357 3.96 16.54 -7.25
N SER B 358 5.21 16.41 -6.79
CA SER B 358 6.35 16.46 -7.69
C SER B 358 6.44 15.23 -8.60
N ARG B 359 5.52 14.28 -8.51
CA ARG B 359 5.54 13.19 -9.49
C ARG B 359 4.84 13.55 -10.79
N GLU B 360 3.96 14.55 -10.74
CA GLU B 360 3.03 14.82 -11.83
C GLU B 360 3.75 15.36 -13.06
N LEU B 361 4.58 16.40 -12.89
CA LEU B 361 5.31 16.92 -14.05
C LEU B 361 6.17 15.84 -14.69
N PRO B 362 7.02 15.10 -13.95
CA PRO B 362 7.79 14.00 -14.58
C PRO B 362 6.90 12.98 -15.25
N GLY B 363 5.67 12.78 -14.74
CA GLY B 363 4.70 11.96 -15.46
C GLY B 363 4.25 12.57 -16.78
N ARG B 364 4.01 13.89 -16.79
CA ARG B 364 3.64 14.53 -18.05
C ARG B 364 4.76 14.37 -19.07
N VAL B 365 6.01 14.45 -18.63
CA VAL B 365 7.13 14.26 -19.55
C VAL B 365 7.14 12.83 -20.10
N LEU B 366 6.87 11.84 -19.25
CA LEU B 366 6.92 10.44 -19.67
C LEU B 366 5.79 10.10 -20.66
N LEU B 367 4.62 10.70 -20.45
CA LEU B 367 3.49 10.53 -21.36
C LEU B 367 3.55 11.50 -22.55
N ASP B 368 4.69 12.17 -22.76
CA ASP B 368 4.88 13.14 -23.85
C ASP B 368 3.67 14.05 -23.99
N GLN B 369 3.33 14.66 -22.92
CA GLN B 369 2.31 15.69 -22.80
C GLN B 369 2.96 17.08 -22.74
N PRO B 370 2.25 18.13 -23.14
CA PRO B 370 2.83 19.48 -23.03
C PRO B 370 3.18 19.77 -21.57
N ALA B 371 4.37 20.32 -21.36
CA ALA B 371 4.80 20.55 -19.99
C ALA B 371 5.80 21.68 -19.96
N ASP B 372 5.61 22.57 -19.00
CA ASP B 372 6.59 23.60 -18.68
C ASP B 372 7.71 22.93 -17.88
N VAL B 373 8.85 22.70 -18.53
CA VAL B 373 9.97 22.02 -17.91
C VAL B 373 11.12 22.97 -17.60
N SER B 374 10.79 24.28 -17.46
CA SER B 374 11.81 25.29 -17.14
C SER B 374 12.51 25.00 -15.82
N MET B 375 11.78 24.47 -14.83
CA MET B 375 12.38 24.16 -13.53
C MET B 375 12.51 22.67 -13.27
N LEU B 376 12.46 21.85 -14.32
CA LEU B 376 12.74 20.43 -14.17
C LEU B 376 14.24 20.22 -13.84
N THR C 6 28.10 -10.47 -33.83
CA THR C 6 27.51 -9.38 -33.05
C THR C 6 27.22 -9.93 -31.65
N GLU C 7 27.18 -9.06 -30.64
CA GLU C 7 27.05 -9.56 -29.26
C GLU C 7 25.66 -10.18 -29.04
N ILE C 8 25.64 -11.13 -28.12
CA ILE C 8 24.44 -11.91 -27.84
C ILE C 8 23.30 -11.00 -27.34
N GLU C 9 23.64 -9.89 -26.68
CA GLU C 9 22.60 -8.95 -26.25
C GLU C 9 21.88 -8.34 -27.45
N ILE C 10 22.64 -8.03 -28.50
CA ILE C 10 22.02 -7.54 -29.72
C ILE C 10 21.09 -8.61 -30.29
N LEU C 11 21.61 -9.84 -30.46
CA LEU C 11 20.76 -10.96 -30.88
C LEU C 11 19.51 -11.04 -30.02
N ALA C 12 19.66 -10.98 -28.68
CA ALA C 12 18.52 -11.17 -27.79
C ALA C 12 17.36 -10.17 -28.06
N GLU C 13 17.67 -8.93 -28.08
CA GLU C 13 16.84 -7.84 -28.61
C GLU C 13 16.30 -7.88 -30.10
N LYS C 14 16.87 -8.66 -30.98
CA LYS C 14 16.18 -8.94 -32.20
C LYS C 14 15.21 -10.07 -32.01
N ILE C 15 15.58 -11.06 -31.18
CA ILE C 15 14.70 -12.22 -30.96
C ILE C 15 13.48 -11.81 -30.16
N ALA C 16 13.65 -10.84 -29.26
CA ALA C 16 12.51 -10.25 -28.55
C ALA C 16 11.43 -9.81 -29.52
N ARG C 17 11.84 -9.16 -30.61
CA ARG C 17 10.90 -8.60 -31.58
C ARG C 17 10.17 -9.69 -32.37
N TRP C 18 10.87 -10.74 -32.73
CA TRP C 18 10.24 -11.95 -33.26
C TRP C 18 9.25 -12.54 -32.24
N ALA C 19 9.69 -12.76 -30.99
CA ALA C 19 8.78 -13.28 -29.98
C ALA C 19 7.51 -12.44 -29.85
N ARG C 20 7.66 -11.12 -29.87
CA ARG C 20 6.48 -10.24 -29.79
C ARG C 20 5.56 -10.44 -30.98
N ALA C 21 6.14 -10.66 -32.16
CA ALA C 21 5.34 -10.87 -33.35
C ALA C 21 4.58 -12.18 -33.28
N ARG C 22 5.14 -13.19 -32.61
CA ARG C 22 4.49 -14.49 -32.49
C ARG C 22 3.74 -14.69 -31.17
N SER C 23 3.51 -13.63 -30.39
CA SER C 23 3.04 -13.85 -29.03
C SER C 23 1.62 -14.39 -29.00
N ALA C 24 0.79 -14.03 -29.99
CA ALA C 24 -0.55 -14.62 -30.03
C ALA C 24 -0.47 -16.12 -30.23
N GLU C 25 0.41 -16.57 -31.15
CA GLU C 25 0.57 -17.99 -31.42
C GLU C 25 1.23 -18.72 -30.27
N ILE C 26 2.21 -18.08 -29.63
CA ILE C 26 2.84 -18.66 -28.43
C ILE C 26 1.78 -18.96 -27.39
N GLU C 27 0.87 -18.01 -27.16
CA GLU C 27 -0.16 -18.23 -26.16
C GLU C 27 -1.13 -19.32 -26.63
N ARG C 28 -1.56 -19.23 -27.88
CA ARG C 28 -2.56 -20.16 -28.40
C ARG C 28 -2.08 -21.60 -28.30
N ASP C 29 -0.83 -21.85 -28.72
CA ASP C 29 -0.31 -23.20 -28.74
C ASP C 29 0.38 -23.59 -27.44
N ARG C 30 0.54 -22.66 -26.51
CA ARG C 30 1.23 -22.95 -25.26
C ARG C 30 2.62 -23.54 -25.52
N ARG C 31 3.32 -22.97 -26.51
CA ARG C 31 4.67 -23.39 -26.83
C ARG C 31 5.26 -22.37 -27.79
N LEU C 32 6.60 -22.35 -27.84
CA LEU C 32 7.33 -21.47 -28.74
C LEU C 32 7.29 -22.08 -30.13
N PRO C 33 7.06 -21.30 -31.18
CA PRO C 33 7.14 -21.85 -32.54
C PRO C 33 8.53 -22.39 -32.85
N ASP C 34 8.57 -23.45 -33.67
CA ASP C 34 9.84 -24.11 -33.99
C ASP C 34 10.91 -23.11 -34.40
N GLU C 35 10.55 -22.14 -35.23
CA GLU C 35 11.53 -21.19 -35.75
C GLU C 35 11.92 -20.09 -34.76
N LEU C 36 11.10 -19.79 -33.75
CA LEU C 36 11.62 -18.97 -32.65
C LEU C 36 12.63 -19.76 -31.82
N VAL C 37 12.32 -21.03 -31.54
CA VAL C 37 13.30 -21.88 -30.86
C VAL C 37 14.58 -21.94 -31.67
N THR C 38 14.46 -22.10 -32.99
CA THR C 38 15.65 -22.13 -33.82
C THR C 38 16.47 -20.85 -33.65
N ARG C 39 15.85 -19.68 -33.75
CA ARG C 39 16.60 -18.45 -33.57
C ARG C 39 17.29 -18.42 -32.22
N LEU C 40 16.54 -18.77 -31.16
CA LEU C 40 17.08 -18.80 -29.82
C LEU C 40 18.26 -19.74 -29.75
N ARG C 41 18.17 -20.92 -30.39
CA ARG C 41 19.27 -21.87 -30.32
C ARG C 41 20.50 -21.32 -31.03
N GLU C 42 20.29 -20.74 -32.23
CA GLU C 42 21.40 -20.24 -33.04
C GLU C 42 22.12 -19.10 -32.36
N ALA C 43 21.41 -18.25 -31.62
CA ALA C 43 22.07 -17.18 -30.90
C ALA C 43 22.78 -17.70 -29.65
N GLY C 44 22.65 -18.97 -29.32
CA GLY C 44 23.29 -19.51 -28.14
C GLY C 44 22.55 -19.24 -26.84
N LEU C 45 21.30 -18.74 -26.91
CA LEU C 45 20.61 -18.28 -25.73
C LEU C 45 20.02 -19.41 -24.91
N LEU C 46 19.78 -20.60 -25.49
CA LEU C 46 19.29 -21.69 -24.65
C LEU C 46 20.42 -22.46 -23.98
N ARG C 47 21.68 -22.23 -24.34
CA ARG C 47 22.80 -22.91 -23.70
C ARG C 47 23.85 -21.92 -23.23
N ALA C 48 23.45 -20.66 -23.07
CA ALA C 48 24.39 -19.55 -22.91
C ALA C 48 25.33 -19.77 -21.76
N THR C 49 24.85 -20.41 -20.69
CA THR C 49 25.59 -20.54 -19.46
C THR C 49 26.20 -21.91 -19.27
N MET C 50 26.13 -22.79 -20.28
CA MET C 50 26.86 -24.04 -20.18
C MET C 50 28.36 -23.78 -20.33
N PRO C 51 29.18 -24.66 -19.79
CA PRO C 51 30.62 -24.46 -19.85
C PRO C 51 31.19 -24.60 -21.26
N ARG C 52 32.36 -23.99 -21.43
CA ARG C 52 33.13 -24.01 -22.69
C ARG C 52 33.24 -25.40 -23.30
N GLU C 53 33.44 -26.44 -22.45
CA GLU C 53 33.74 -27.79 -22.94
C GLU C 53 32.65 -28.36 -23.83
N VAL C 54 31.43 -27.84 -23.75
CA VAL C 54 30.34 -28.44 -24.51
C VAL C 54 29.95 -27.50 -25.63
N ALA C 55 30.90 -26.65 -26.05
CA ALA C 55 30.72 -25.70 -27.16
C ALA C 55 29.58 -24.71 -26.82
N ALA C 56 29.87 -23.88 -25.83
CA ALA C 56 28.84 -23.00 -25.28
C ALA C 56 29.54 -21.74 -24.81
N PRO C 57 28.81 -20.62 -24.75
CA PRO C 57 29.46 -19.33 -24.51
C PRO C 57 30.02 -19.16 -23.10
N GLU C 58 29.59 -19.96 -22.14
CA GLU C 58 29.87 -19.75 -20.72
C GLU C 58 29.67 -18.26 -20.32
N LEU C 59 28.49 -17.74 -20.67
CA LEU C 59 28.22 -16.31 -20.58
C LEU C 59 28.11 -15.83 -19.13
N ALA C 60 28.75 -14.71 -18.84
CA ALA C 60 28.69 -14.10 -17.52
C ALA C 60 27.24 -13.88 -17.06
N PRO C 61 26.97 -14.04 -15.76
CA PRO C 61 25.56 -14.10 -15.31
C PRO C 61 24.78 -12.82 -15.58
N GLY C 62 25.41 -11.67 -15.41
CA GLY C 62 24.70 -10.43 -15.65
C GLY C 62 24.33 -10.26 -17.12
N ARG C 63 25.16 -10.77 -18.02
CA ARG C 63 24.83 -10.67 -19.44
C ARG C 63 23.69 -11.63 -19.81
N ALA C 64 23.75 -12.83 -19.26
CA ALA C 64 22.71 -13.82 -19.52
C ALA C 64 21.37 -13.35 -18.99
N LEU C 65 21.36 -12.83 -17.77
CA LEU C 65 20.12 -12.34 -17.20
C LEU C 65 19.60 -11.16 -17.98
N ARG C 66 20.50 -10.27 -18.43
CA ARG C 66 20.06 -9.17 -19.30
C ARG C 66 19.41 -9.69 -20.57
N CYS C 67 19.94 -10.79 -21.13
CA CYS C 67 19.32 -11.36 -22.33
C CYS C 67 17.92 -11.87 -22.03
N ALA C 68 17.75 -12.55 -20.90
CA ALA C 68 16.42 -13.07 -20.56
C ALA C 68 15.43 -11.94 -20.36
N GLU C 69 15.85 -10.85 -19.68
CA GLU C 69 14.96 -9.70 -19.50
C GLU C 69 14.54 -9.14 -20.85
N ALA C 70 15.49 -9.04 -21.79
CA ALA C 70 15.18 -8.42 -23.07
C ALA C 70 14.16 -9.26 -23.85
N VAL C 71 14.34 -10.58 -23.90
CA VAL C 71 13.38 -11.45 -24.55
C VAL C 71 12.03 -11.37 -23.86
N ALA C 72 12.00 -11.30 -22.51
CA ALA C 72 10.73 -11.20 -21.79
C ALA C 72 9.96 -9.93 -22.13
N ARG C 73 10.68 -8.83 -22.38
CA ARG C 73 10.02 -7.60 -22.83
C ARG C 73 9.29 -7.81 -24.14
N GLY C 74 9.85 -8.63 -25.03
CA GLY C 74 9.10 -9.00 -26.23
C GLY C 74 7.92 -9.90 -25.90
N ASP C 75 8.15 -10.95 -25.11
CA ASP C 75 7.08 -11.86 -24.69
C ASP C 75 7.48 -12.55 -23.40
N ALA C 76 6.64 -12.41 -22.35
CA ALA C 76 7.02 -12.94 -21.03
C ALA C 76 7.33 -14.44 -21.10
N SER C 77 6.52 -15.21 -21.82
CA SER C 77 6.75 -16.65 -21.85
C SER C 77 8.07 -17.02 -22.50
N ALA C 78 8.34 -16.41 -23.68
CA ALA C 78 9.63 -16.60 -24.34
C ALA C 78 10.79 -16.23 -23.41
N GLY C 79 10.68 -15.09 -22.71
CA GLY C 79 11.76 -14.72 -21.80
C GLY C 79 11.93 -15.70 -20.65
N TRP C 80 10.83 -16.24 -20.14
CA TRP C 80 10.86 -17.20 -19.06
C TRP C 80 11.53 -18.49 -19.51
N CYS C 81 11.23 -18.92 -20.73
CA CYS C 81 11.91 -20.09 -21.28
C CYS C 81 13.42 -19.88 -21.32
N VAL C 82 13.86 -18.66 -21.63
CA VAL C 82 15.28 -18.37 -21.59
C VAL C 82 15.80 -18.46 -20.15
N SER C 83 15.12 -17.76 -19.23
CA SER C 83 15.46 -17.85 -17.80
C SER C 83 15.64 -19.29 -17.33
N ILE C 84 14.69 -20.16 -17.66
CA ILE C 84 14.78 -21.52 -17.16
C ILE C 84 15.89 -22.27 -17.89
N ALA C 85 16.02 -22.07 -19.20
CA ALA C 85 17.11 -22.74 -19.93
C ALA C 85 18.47 -22.33 -19.42
N ILE C 86 18.67 -21.02 -19.13
CA ILE C 86 20.00 -20.63 -18.64
C ILE C 86 20.23 -20.95 -17.17
N THR C 87 19.18 -21.15 -16.39
CA THR C 87 19.37 -21.66 -15.03
C THR C 87 19.70 -23.16 -15.07
N SER C 88 18.86 -23.93 -15.74
CA SER C 88 19.14 -25.37 -15.90
C SER C 88 20.50 -25.62 -16.51
N ALA C 89 20.89 -24.81 -17.51
CA ALA C 89 22.19 -24.95 -18.15
C ALA C 89 23.36 -24.98 -17.15
N LEU C 90 23.21 -24.30 -16.02
CA LEU C 90 24.30 -24.25 -15.06
C LEU C 90 24.60 -25.64 -14.53
N LEU C 91 23.60 -26.50 -14.46
CA LEU C 91 23.79 -27.81 -13.89
C LEU C 91 24.65 -28.70 -14.81
N VAL C 92 24.81 -28.33 -16.10
CA VAL C 92 25.74 -29.06 -16.96
C VAL C 92 27.14 -29.07 -16.35
N ALA C 93 27.47 -28.06 -15.55
CA ALA C 93 28.78 -27.96 -14.92
C ALA C 93 28.94 -28.87 -13.71
N TYR C 94 27.87 -29.57 -13.30
CA TYR C 94 27.88 -30.49 -12.17
C TYR C 94 27.99 -31.95 -12.61
N LEU C 95 27.99 -32.21 -13.90
CA LEU C 95 28.03 -33.59 -14.38
C LEU C 95 29.47 -34.05 -14.58
N PRO C 96 29.80 -35.30 -14.27
CA PRO C 96 31.11 -35.82 -14.67
C PRO C 96 31.31 -35.60 -16.16
N ALA C 97 32.57 -35.40 -16.54
CA ALA C 97 32.91 -35.14 -17.93
C ALA C 97 32.28 -36.15 -18.89
N ARG C 98 32.16 -37.41 -18.46
CA ARG C 98 31.67 -38.42 -19.40
C ARG C 98 30.21 -38.15 -19.77
N SER C 99 29.34 -38.08 -18.76
CA SER C 99 27.91 -37.91 -19.05
C SER C 99 27.64 -36.52 -19.60
N ARG C 100 28.37 -35.52 -19.13
CA ARG C 100 28.31 -34.19 -19.72
C ARG C 100 28.56 -34.23 -21.21
N GLU C 101 29.65 -34.90 -21.62
CA GLU C 101 29.94 -35.01 -23.06
C GLU C 101 28.85 -35.79 -23.79
N GLU C 102 28.28 -36.81 -23.15
CA GLU C 102 27.21 -37.56 -23.81
C GLU C 102 26.01 -36.68 -24.13
N MET C 103 25.57 -35.90 -23.14
CA MET C 103 24.29 -35.19 -23.24
C MET C 103 24.39 -33.82 -23.88
N PHE C 104 25.51 -33.11 -23.70
CA PHE C 104 25.62 -31.74 -24.18
C PHE C 104 26.84 -31.51 -25.06
N GLY C 105 27.61 -32.56 -25.36
CA GLY C 105 28.84 -32.38 -26.10
C GLY C 105 28.61 -31.83 -27.49
N GLY C 106 29.59 -31.06 -27.98
CA GLY C 106 29.52 -30.53 -29.33
C GLY C 106 28.31 -29.69 -29.65
N GLY C 107 27.74 -28.99 -28.66
CA GLY C 107 26.69 -28.04 -28.96
C GLY C 107 25.29 -28.57 -28.85
N ARG C 108 25.14 -29.82 -28.44
CA ARG C 108 23.86 -30.47 -28.31
C ARG C 108 23.32 -30.21 -26.91
N GLY C 109 22.03 -30.51 -26.72
CA GLY C 109 21.41 -30.46 -25.41
C GLY C 109 20.88 -29.08 -25.05
N VAL C 110 19.57 -28.99 -24.85
CA VAL C 110 18.93 -27.89 -24.14
C VAL C 110 18.34 -28.47 -22.87
N ALA C 111 18.49 -27.75 -21.76
CA ALA C 111 18.08 -28.31 -20.48
C ALA C 111 16.83 -27.64 -19.91
N ALA C 112 15.98 -28.46 -19.33
CA ALA C 112 14.92 -28.05 -18.43
C ALA C 112 15.33 -28.46 -17.04
N GLY C 113 14.62 -27.97 -16.05
CA GLY C 113 14.97 -28.34 -14.70
C GLY C 113 13.91 -28.01 -13.69
N VAL C 114 13.58 -28.98 -12.84
CA VAL C 114 12.71 -28.79 -11.68
C VAL C 114 13.47 -29.21 -10.44
N TRP C 115 13.51 -28.31 -9.45
CA TRP C 115 14.31 -28.46 -8.25
C TRP C 115 13.58 -29.23 -7.16
N ALA C 116 12.26 -29.09 -7.09
CA ALA C 116 11.46 -29.79 -6.10
C ALA C 116 11.84 -31.27 -6.12
N PRO C 117 12.23 -31.84 -5.00
CA PRO C 117 12.73 -33.24 -5.00
C PRO C 117 11.59 -34.25 -4.85
N ARG C 118 10.77 -34.35 -5.89
CA ARG C 118 9.59 -35.21 -5.87
C ARG C 118 9.88 -36.62 -6.37
N GLY C 119 11.11 -36.89 -6.77
CA GLY C 119 11.47 -38.23 -7.18
C GLY C 119 11.94 -39.07 -6.00
N THR C 120 11.71 -40.37 -6.11
CA THR C 120 12.25 -41.35 -5.19
C THR C 120 13.19 -42.25 -5.98
N ALA C 121 14.47 -42.19 -5.65
CA ALA C 121 15.49 -42.97 -6.35
C ALA C 121 15.97 -44.06 -5.40
N ARG C 122 15.88 -45.31 -5.83
CA ARG C 122 16.49 -46.40 -5.11
C ARG C 122 17.70 -46.83 -5.92
N SER C 123 18.76 -47.19 -5.22
CA SER C 123 20.03 -47.45 -5.88
C SER C 123 20.10 -48.91 -6.30
N VAL C 124 20.73 -49.15 -7.45
CA VAL C 124 20.89 -50.49 -7.99
C VAL C 124 22.32 -50.58 -8.48
N ASP C 125 22.66 -51.62 -9.22
CA ASP C 125 23.99 -51.70 -9.79
C ASP C 125 24.06 -50.82 -11.04
N GLY C 126 24.96 -49.84 -11.01
CA GLY C 126 25.19 -48.96 -12.14
C GLY C 126 24.69 -47.54 -11.93
N GLY C 127 23.76 -47.34 -11.00
CA GLY C 127 23.11 -46.06 -10.80
C GLY C 127 21.92 -46.16 -9.87
N VAL C 128 20.75 -45.68 -10.31
CA VAL C 128 19.53 -45.75 -9.50
C VAL C 128 18.33 -45.94 -10.43
N VAL C 129 17.19 -46.24 -9.82
CA VAL C 129 15.90 -46.27 -10.51
C VAL C 129 15.02 -45.23 -9.84
N VAL C 130 14.51 -44.29 -10.63
CA VAL C 130 13.81 -43.12 -10.10
C VAL C 130 12.41 -43.04 -10.70
N SER C 131 11.46 -42.68 -9.84
CA SER C 131 10.08 -42.45 -10.21
C SER C 131 9.61 -41.17 -9.54
N GLY C 132 8.59 -40.55 -10.11
CA GLY C 132 8.06 -39.33 -9.54
C GLY C 132 7.30 -38.54 -10.59
N ARG C 133 6.72 -37.43 -10.12
CA ARG C 133 5.92 -36.56 -10.97
C ARG C 133 6.26 -35.12 -10.62
N TRP C 134 6.79 -34.39 -11.59
CA TRP C 134 7.20 -33.01 -11.32
C TRP C 134 6.29 -32.06 -12.10
N PRO C 135 5.60 -31.15 -11.42
CA PRO C 135 4.92 -30.06 -12.13
C PRO C 135 5.91 -28.95 -12.45
N PHE C 136 5.44 -28.00 -13.26
CA PHE C 136 6.18 -26.76 -13.61
C PHE C 136 7.44 -27.00 -14.42
N CYS C 137 7.41 -27.96 -15.38
CA CYS C 137 8.58 -28.20 -16.23
C CYS C 137 8.61 -27.27 -17.43
N SER C 138 8.88 -26.00 -17.14
CA SER C 138 9.00 -24.99 -18.16
C SER C 138 9.97 -25.38 -19.27
N GLY C 139 9.56 -25.18 -20.53
CA GLY C 139 10.43 -25.38 -21.64
C GLY C 139 10.60 -26.82 -22.06
N ILE C 140 9.97 -27.75 -21.33
CA ILE C 140 10.06 -29.18 -21.65
C ILE C 140 9.67 -29.46 -23.09
N ASN C 141 8.81 -28.61 -23.70
CA ASN C 141 8.45 -28.84 -25.10
C ASN C 141 9.66 -28.77 -26.01
N HIS C 142 10.68 -27.98 -25.66
CA HIS C 142 11.85 -27.85 -26.51
C HIS C 142 13.15 -28.22 -25.81
N ALA C 143 13.09 -28.90 -24.68
CA ALA C 143 14.30 -29.35 -24.02
C ALA C 143 14.53 -30.84 -24.31
N ASP C 144 15.80 -31.23 -24.33
CA ASP C 144 16.26 -32.60 -24.54
C ASP C 144 16.37 -33.33 -23.21
N ILE C 145 16.83 -32.60 -22.20
CA ILE C 145 17.23 -33.16 -20.91
C ILE C 145 16.48 -32.39 -19.83
N MET C 146 16.05 -33.08 -18.79
CA MET C 146 15.50 -32.43 -17.61
C MET C 146 16.26 -32.86 -16.38
N PHE C 147 16.89 -31.91 -15.71
CA PHE C 147 17.43 -32.12 -14.38
C PHE C 147 16.28 -32.09 -13.39
N ALA C 148 16.14 -33.15 -12.59
CA ALA C 148 14.99 -33.30 -11.70
C ALA C 148 15.44 -33.65 -10.30
N GLY C 149 14.78 -33.07 -9.29
CA GLY C 149 15.12 -33.36 -7.91
C GLY C 149 14.54 -34.67 -7.42
N CYS C 150 15.28 -35.33 -6.51
CA CYS C 150 14.82 -36.59 -5.92
C CYS C 150 15.57 -36.82 -4.62
N PHE C 151 15.11 -37.83 -3.87
CA PHE C 151 15.80 -38.37 -2.71
C PHE C 151 16.27 -39.77 -3.06
N VAL C 152 17.55 -40.03 -2.85
CA VAL C 152 18.13 -41.34 -3.10
C VAL C 152 18.13 -42.14 -1.81
N ASP C 153 17.45 -43.29 -1.83
CA ASP C 153 17.50 -44.28 -0.75
C ASP C 153 17.11 -43.60 0.56
N ASP C 154 17.90 -43.74 1.61
CA ASP C 154 17.60 -43.24 2.93
C ASP C 154 17.84 -41.75 3.05
N ARG C 155 18.42 -41.14 2.02
CA ARG C 155 19.27 -39.98 2.22
C ARG C 155 18.32 -38.81 2.46
N GLN C 156 18.70 -37.91 3.37
CA GLN C 156 17.77 -36.82 3.69
C GLN C 156 18.10 -35.54 2.91
N VAL C 157 19.31 -35.43 2.40
CA VAL C 157 19.71 -34.33 1.52
C VAL C 157 19.39 -34.73 0.09
N PRO C 158 18.60 -33.95 -0.64
CA PRO C 158 18.14 -34.40 -1.95
C PRO C 158 19.26 -34.42 -2.98
N SER C 159 18.96 -35.05 -4.11
CA SER C 159 19.87 -35.16 -5.23
C SER C 159 19.18 -34.67 -6.51
N VAL C 160 19.95 -34.64 -7.59
CA VAL C 160 19.49 -34.31 -8.92
C VAL C 160 19.83 -35.49 -9.84
N VAL C 161 18.86 -35.92 -10.64
CA VAL C 161 19.09 -36.86 -11.74
C VAL C 161 18.90 -36.13 -13.05
N ALA C 162 19.76 -36.45 -14.03
CA ALA C 162 19.66 -35.91 -15.38
C ALA C 162 18.89 -36.88 -16.25
N LEU C 163 17.65 -36.53 -16.59
CA LEU C 163 16.72 -37.39 -17.32
C LEU C 163 16.62 -36.99 -18.78
N ASN C 164 16.49 -37.99 -19.66
CA ASN C 164 16.16 -37.71 -21.05
C ASN C 164 14.67 -37.50 -21.16
N LYS C 165 14.29 -36.47 -21.90
CA LYS C 165 12.86 -36.19 -22.08
C LYS C 165 12.13 -37.44 -22.55
N ASP C 166 12.75 -38.21 -23.45
CA ASP C 166 12.04 -39.30 -24.13
C ASP C 166 11.85 -40.51 -23.24
N GLU C 167 12.48 -40.54 -22.07
CA GLU C 167 12.20 -41.51 -21.03
C GLU C 167 11.06 -41.08 -20.10
N LEU C 168 10.53 -39.86 -20.27
CA LEU C 168 9.52 -39.32 -19.38
C LEU C 168 8.18 -39.30 -20.08
N GLN C 169 7.12 -39.33 -19.29
CA GLN C 169 5.78 -39.08 -19.79
C GLN C 169 5.43 -37.62 -19.49
N VAL C 170 5.15 -36.88 -20.54
CA VAL C 170 4.75 -35.48 -20.42
C VAL C 170 3.24 -35.42 -20.41
N LEU C 171 2.66 -34.91 -19.32
CA LEU C 171 1.22 -34.81 -19.17
C LEU C 171 0.76 -33.41 -19.49
N ASP C 172 -0.39 -33.30 -20.15
CA ASP C 172 -0.99 -32.03 -20.56
C ASP C 172 -1.73 -31.40 -19.37
N THR C 173 -0.96 -30.69 -18.55
CA THR C 173 -1.49 -30.05 -17.34
C THR C 173 -1.36 -28.52 -17.31
N TRP C 174 -0.67 -27.93 -18.28
CA TRP C 174 -0.34 -26.50 -18.21
C TRP C 174 -1.48 -25.68 -18.82
N HIS C 175 -2.53 -25.53 -18.02
CA HIS C 175 -3.72 -24.75 -18.32
C HIS C 175 -3.78 -23.67 -17.24
N THR C 176 -3.31 -22.46 -17.57
CA THR C 176 -2.94 -21.47 -16.57
C THR C 176 -3.40 -20.07 -16.94
N LEU C 177 -3.43 -19.20 -15.94
CA LEU C 177 -3.76 -17.79 -16.11
C LEU C 177 -2.90 -17.14 -17.18
N GLY C 178 -1.58 -17.22 -16.99
CA GLY C 178 -0.60 -16.71 -17.91
C GLY C 178 0.62 -17.60 -18.04
N LEU C 179 1.68 -17.02 -18.62
CA LEU C 179 2.88 -17.74 -18.99
C LEU C 179 2.53 -19.02 -19.76
N ARG C 180 1.55 -18.92 -20.65
CA ARG C 180 1.01 -20.13 -21.26
C ARG C 180 2.00 -20.76 -22.22
N GLY C 181 2.75 -19.91 -22.94
CA GLY C 181 3.77 -20.35 -23.86
C GLY C 181 4.94 -21.04 -23.20
N THR C 182 5.03 -21.01 -21.87
CA THR C 182 6.12 -21.76 -21.25
C THR C 182 5.91 -23.28 -21.25
N GLY C 183 4.71 -23.77 -21.57
CA GLY C 183 4.41 -25.20 -21.52
C GLY C 183 4.98 -25.91 -20.30
N SER C 184 4.72 -25.37 -19.10
CA SER C 184 5.33 -25.92 -17.89
C SER C 184 4.50 -27.10 -17.38
N HIS C 185 4.39 -28.12 -18.23
CA HIS C 185 3.55 -29.28 -17.97
C HIS C 185 4.17 -30.11 -16.86
N ASP C 186 3.41 -31.12 -16.39
CA ASP C 186 3.95 -32.08 -15.42
C ASP C 186 4.66 -33.23 -16.18
N CYS C 187 5.76 -33.72 -15.62
CA CYS C 187 6.49 -34.84 -16.20
C CYS C 187 6.53 -36.00 -15.23
N VAL C 188 6.46 -37.22 -15.76
CA VAL C 188 6.41 -38.42 -14.93
C VAL C 188 7.53 -39.36 -15.35
N ALA C 189 8.32 -39.79 -14.37
CA ALA C 189 9.26 -40.89 -14.51
C ALA C 189 8.64 -42.14 -13.90
N ASP C 190 8.70 -43.26 -14.63
CA ASP C 190 8.18 -44.55 -14.17
C ASP C 190 9.31 -45.58 -14.18
N ASP C 191 9.83 -45.90 -12.98
CA ASP C 191 11.07 -46.65 -12.80
C ASP C 191 12.03 -46.44 -13.97
N VAL C 192 12.57 -45.24 -14.08
CA VAL C 192 13.60 -44.93 -15.06
C VAL C 192 14.96 -45.22 -14.45
N PHE C 193 15.79 -45.96 -15.18
CA PHE C 193 17.16 -46.19 -14.76
C PHE C 193 18.01 -44.98 -15.19
N VAL C 194 18.90 -44.57 -14.30
CA VAL C 194 19.79 -43.45 -14.54
C VAL C 194 21.18 -43.92 -14.11
N PRO C 195 22.17 -43.91 -15.00
CA PRO C 195 23.53 -44.28 -14.57
C PRO C 195 24.04 -43.40 -13.46
N ALA C 196 24.95 -43.95 -12.66
CA ALA C 196 25.40 -43.22 -11.48
C ALA C 196 25.96 -41.87 -11.87
N ASP C 197 26.66 -41.79 -13.00
CA ASP C 197 27.32 -40.54 -13.35
C ASP C 197 26.34 -39.48 -13.89
N ARG C 198 25.03 -39.74 -13.76
CA ARG C 198 24.01 -38.75 -14.03
C ARG C 198 23.22 -38.39 -12.79
N VAL C 199 23.74 -38.75 -11.63
CA VAL C 199 23.17 -38.41 -10.34
C VAL C 199 24.19 -37.56 -9.61
N PHE C 200 23.77 -36.40 -9.09
CA PHE C 200 24.67 -35.56 -8.30
C PHE C 200 23.89 -34.82 -7.21
N SER C 201 24.65 -34.19 -6.33
CA SER C 201 24.06 -33.32 -5.31
C SER C 201 24.54 -31.90 -5.59
N VAL C 202 23.60 -30.97 -5.70
CA VAL C 202 24.00 -29.58 -5.91
C VAL C 202 24.90 -29.10 -4.78
N PHE C 203 24.73 -29.64 -3.57
CA PHE C 203 25.47 -29.17 -2.40
C PHE C 203 26.93 -29.56 -2.42
N ASP C 204 27.28 -30.61 -3.16
CA ASP C 204 28.67 -30.94 -3.38
C ASP C 204 29.36 -29.96 -4.31
N GLY C 205 28.60 -29.18 -5.07
CA GLY C 205 29.16 -28.12 -5.88
C GLY C 205 29.55 -28.59 -7.27
N PRO C 206 29.93 -27.64 -8.11
CA PRO C 206 30.18 -27.98 -9.52
C PRO C 206 31.43 -28.83 -9.70
N ILE C 207 31.44 -29.58 -10.81
CA ILE C 207 32.68 -30.17 -11.30
C ILE C 207 33.51 -29.13 -12.04
N VAL C 208 32.87 -28.31 -12.85
CA VAL C 208 33.56 -27.21 -13.52
C VAL C 208 33.59 -26.05 -12.53
N ASP C 209 34.77 -25.77 -11.99
CA ASP C 209 34.97 -24.82 -10.88
C ASP C 209 35.49 -23.48 -11.39
N ARG C 210 34.76 -22.85 -12.31
CA ARG C 210 35.07 -21.51 -12.78
C ARG C 210 34.06 -20.49 -12.27
N PRO C 211 34.32 -19.19 -12.46
CA PRO C 211 33.50 -18.18 -11.75
C PRO C 211 31.99 -18.29 -12.01
N LEU C 212 31.57 -18.56 -13.24
CA LEU C 212 30.15 -18.71 -13.51
C LEU C 212 29.47 -19.70 -12.58
N TYR C 213 30.18 -20.76 -12.19
CA TYR C 213 29.60 -21.85 -11.39
C TYR C 213 29.88 -21.66 -9.91
N ARG C 214 30.71 -20.65 -9.57
CA ARG C 214 30.80 -20.14 -8.21
C ARG C 214 29.67 -19.16 -7.86
N PHE C 215 29.18 -18.42 -8.85
CA PHE C 215 28.02 -17.56 -8.64
C PHE C 215 26.90 -18.38 -7.99
N PRO C 216 26.22 -17.82 -6.99
CA PRO C 216 25.23 -18.61 -6.23
C PRO C 216 24.16 -19.18 -7.14
N VAL C 217 24.01 -20.50 -7.09
CA VAL C 217 23.16 -21.17 -8.07
C VAL C 217 21.69 -20.97 -7.76
N PHE C 218 21.32 -21.03 -6.47
CA PHE C 218 19.95 -20.75 -6.09
C PHE C 218 19.61 -19.27 -6.26
N GLY C 219 20.59 -18.40 -6.03
CA GLY C 219 20.41 -16.99 -6.34
C GLY C 219 20.13 -16.76 -7.82
N PHE C 220 20.87 -17.47 -8.67
CA PHE C 220 20.70 -17.28 -10.11
C PHE C 220 19.31 -17.71 -10.54
N PHE C 221 18.83 -18.83 -10.01
CA PHE C 221 17.49 -19.28 -10.32
C PHE C 221 16.46 -18.21 -9.98
N ALA C 222 16.53 -17.66 -8.76
CA ALA C 222 15.62 -16.61 -8.34
C ALA C 222 15.77 -15.38 -9.22
N LEU C 223 16.99 -14.94 -9.46
CA LEU C 223 17.20 -13.77 -10.32
C LEU C 223 16.61 -14.00 -11.71
N SER C 224 16.69 -15.24 -12.24
CA SER C 224 16.19 -15.42 -13.60
C SER C 224 14.69 -15.18 -13.66
N ILE C 225 13.97 -15.49 -12.57
CA ILE C 225 12.54 -15.22 -12.51
C ILE C 225 12.32 -13.72 -12.43
N GLY C 226 13.21 -13.02 -11.70
CA GLY C 226 13.15 -11.57 -11.67
C GLY C 226 13.43 -10.92 -13.04
N ALA C 227 14.38 -11.49 -13.81
CA ALA C 227 14.63 -10.93 -15.12
C ALA C 227 13.38 -10.98 -15.96
N ALA C 228 12.68 -12.12 -15.95
CA ALA C 228 11.50 -12.25 -16.78
C ALA C 228 10.41 -11.29 -16.34
N ALA C 229 10.23 -11.15 -15.02
CA ALA C 229 9.18 -10.27 -14.51
C ALA C 229 9.47 -8.81 -14.80
N LEU C 230 10.73 -8.41 -14.67
CA LEU C 230 11.13 -7.02 -14.96
C LEU C 230 10.91 -6.65 -16.42
N GLY C 231 11.27 -7.56 -17.32
CA GLY C 231 11.08 -7.26 -18.72
C GLY C 231 9.60 -7.16 -19.08
N ASN C 232 8.79 -8.04 -18.49
CA ASN C 232 7.35 -7.99 -18.66
C ASN C 232 6.77 -6.68 -18.16
N ALA C 233 7.26 -6.21 -17.03
CA ALA C 233 6.72 -4.96 -16.47
C ALA C 233 7.11 -3.74 -17.31
N ARG C 234 8.32 -3.75 -17.89
CA ARG C 234 8.71 -2.68 -18.81
C ARG C 234 7.79 -2.65 -20.01
N ALA C 235 7.53 -3.81 -20.62
CA ALA C 235 6.58 -3.87 -21.72
C ALA C 235 5.20 -3.33 -21.32
N ALA C 236 4.76 -3.59 -20.08
CA ALA C 236 3.47 -3.08 -19.63
C ALA C 236 3.47 -1.55 -19.56
N ILE C 237 4.53 -0.96 -19.06
CA ILE C 237 4.60 0.50 -19.09
C ILE C 237 4.60 1.01 -20.54
N ASP C 238 5.31 0.32 -21.44
CA ASP C 238 5.31 0.74 -22.85
C ASP C 238 3.89 0.70 -23.42
N ASP C 239 3.13 -0.38 -23.10
CA ASP C 239 1.74 -0.50 -23.55
C ASP C 239 0.89 0.65 -23.05
N LEU C 240 0.96 0.95 -21.77
CA LEU C 240 0.14 2.04 -21.22
C LEU C 240 0.53 3.40 -21.84
N VAL C 241 1.82 3.70 -21.89
CA VAL C 241 2.23 5.01 -22.44
C VAL C 241 1.67 5.16 -23.86
N GLU C 242 1.81 4.11 -24.68
CA GLU C 242 1.25 4.13 -26.03
C GLU C 242 -0.26 4.35 -26.02
N LEU C 243 -0.99 3.63 -25.16
CA LEU C 243 -2.44 3.79 -25.14
C LEU C 243 -2.84 5.19 -24.67
N ALA C 244 -2.10 5.76 -23.70
CA ALA C 244 -2.62 6.91 -22.96
C ALA C 244 -2.64 8.19 -23.78
N GLY C 245 -1.72 8.32 -24.74
CA GLY C 245 -1.76 9.47 -25.62
C GLY C 245 -3.06 9.60 -26.40
N GLY C 246 -3.55 8.49 -26.94
CA GLY C 246 -4.70 8.50 -27.81
C GLY C 246 -6.04 8.12 -27.21
N LYS C 247 -6.10 7.68 -25.95
CA LYS C 247 -7.34 7.19 -25.38
C LYS C 247 -8.18 8.36 -24.85
N LYS C 248 -9.35 8.54 -25.46
CA LYS C 248 -10.23 9.70 -25.25
C LYS C 248 -11.57 9.20 -24.71
N GLY C 249 -12.10 9.92 -23.73
CA GLY C 249 -13.40 9.57 -23.20
C GLY C 249 -14.52 9.94 -24.15
N LEU C 250 -15.72 9.44 -23.85
CA LEU C 250 -16.89 9.87 -24.60
C LEU C 250 -17.38 11.22 -24.09
N GLY C 251 -17.80 11.28 -22.83
CA GLY C 251 -18.23 12.53 -22.24
C GLY C 251 -17.08 13.50 -22.03
N SER C 252 -16.37 13.34 -20.92
CA SER C 252 -15.22 14.18 -20.60
C SER C 252 -14.09 13.90 -21.58
N THR C 253 -13.93 14.77 -22.58
CA THR C 253 -12.84 14.64 -23.54
C THR C 253 -11.62 15.40 -23.03
N ARG C 254 -10.95 14.78 -22.07
CA ARG C 254 -9.51 14.84 -21.87
C ARG C 254 -8.99 13.42 -22.03
N THR C 255 -7.82 13.27 -22.65
CA THR C 255 -7.28 11.93 -22.84
C THR C 255 -6.89 11.32 -21.47
N LEU C 256 -6.56 10.03 -21.51
CA LEU C 256 -6.02 9.35 -20.34
C LEU C 256 -4.76 10.04 -19.84
N ALA C 257 -3.86 10.40 -20.78
CA ALA C 257 -2.57 11.00 -20.45
C ALA C 257 -2.69 12.40 -19.86
N GLU C 258 -3.82 13.08 -20.08
CA GLU C 258 -4.02 14.43 -19.54
C GLU C 258 -4.55 14.44 -18.11
N ARG C 259 -4.76 13.27 -17.51
CA ARG C 259 -5.18 13.21 -16.11
C ARG C 259 -3.96 13.23 -15.18
N SER C 260 -4.01 14.10 -14.17
CA SER C 260 -2.87 14.15 -13.27
C SER C 260 -2.66 12.81 -12.58
N ALA C 261 -3.73 12.06 -12.27
CA ALA C 261 -3.52 10.77 -11.62
C ALA C 261 -2.73 9.83 -12.55
N THR C 262 -3.00 9.89 -13.87
CA THR C 262 -2.27 9.04 -14.79
C THR C 262 -0.81 9.42 -14.79
N GLN C 263 -0.55 10.72 -14.77
CA GLN C 263 0.82 11.21 -14.77
C GLN C 263 1.54 10.77 -13.49
N ALA C 264 0.93 11.01 -12.34
CA ALA C 264 1.52 10.57 -11.09
C ALA C 264 1.81 9.08 -11.13
N ALA C 265 0.81 8.27 -11.58
CA ALA C 265 0.96 6.82 -11.59
C ALA C 265 2.07 6.38 -12.53
N ALA C 266 2.14 6.98 -13.72
CA ALA C 266 3.22 6.62 -14.64
C ALA C 266 4.60 6.90 -14.02
N ALA C 267 4.76 8.08 -13.41
CA ALA C 267 6.01 8.42 -12.75
C ALA C 267 6.31 7.45 -11.61
N THR C 268 5.31 7.17 -10.77
CA THR C 268 5.52 6.24 -9.67
C THR C 268 5.95 4.88 -10.20
N ALA C 269 5.30 4.39 -11.25
CA ALA C 269 5.63 3.04 -11.77
C ALA C 269 7.01 3.00 -12.40
N GLU C 270 7.33 4.02 -13.18
CA GLU C 270 8.61 4.08 -13.85
C GLU C 270 9.77 4.11 -12.87
N SER C 271 9.66 4.94 -11.83
CA SER C 271 10.75 4.99 -10.86
C SER C 271 10.80 3.72 -10.01
N ALA C 272 9.65 3.10 -9.69
CA ALA C 272 9.68 1.88 -8.91
C ALA C 272 10.33 0.74 -9.69
N LEU C 273 10.00 0.63 -10.97
CA LEU C 273 10.64 -0.36 -11.84
C LEU C 273 12.11 -0.06 -12.03
N GLY C 274 12.48 1.21 -12.32
CA GLY C 274 13.87 1.52 -12.46
C GLY C 274 14.66 1.23 -11.20
N ALA C 275 14.09 1.52 -10.03
CA ALA C 275 14.76 1.17 -8.77
C ALA C 275 14.99 -0.33 -8.66
N ALA C 276 13.94 -1.14 -8.88
CA ALA C 276 14.09 -2.58 -8.74
C ALA C 276 15.14 -3.11 -9.70
N ARG C 277 15.15 -2.59 -10.93
CA ARG C 277 16.08 -3.06 -11.95
C ARG C 277 17.49 -2.63 -11.61
N ALA C 278 17.65 -1.47 -11.00
CA ALA C 278 18.98 -1.00 -10.66
C ALA C 278 19.54 -1.82 -9.50
N LEU C 279 18.70 -2.17 -8.52
CA LEU C 279 19.17 -3.05 -7.45
C LEU C 279 19.54 -4.43 -8.01
N PHE C 280 18.70 -4.96 -8.90
CA PHE C 280 18.89 -6.26 -9.52
C PHE C 280 20.31 -6.38 -10.12
N TYR C 281 20.68 -5.47 -11.04
CA TYR C 281 21.97 -5.59 -11.70
C TYR C 281 23.12 -5.18 -10.77
N GLU C 282 22.87 -4.32 -9.80
CA GLU C 282 23.92 -4.00 -8.84
C GLU C 282 24.31 -5.20 -7.97
N VAL C 283 23.34 -5.97 -7.45
CA VAL C 283 23.70 -7.12 -6.63
C VAL C 283 24.31 -8.24 -7.49
N ILE C 284 23.82 -8.38 -8.72
CA ILE C 284 24.45 -9.37 -9.63
C ILE C 284 25.93 -9.07 -9.84
N GLU C 285 26.25 -7.80 -10.12
CA GLU C 285 27.65 -7.43 -10.36
C GLU C 285 28.50 -7.58 -9.11
N ALA C 286 27.97 -7.22 -7.94
CA ALA C 286 28.73 -7.40 -6.71
C ALA C 286 29.05 -8.88 -6.49
N ALA C 287 28.06 -9.75 -6.74
CA ALA C 287 28.28 -11.18 -6.57
C ALA C 287 29.19 -11.75 -7.65
N TRP C 288 29.12 -11.21 -8.86
CA TRP C 288 29.99 -11.69 -9.94
C TRP C 288 31.46 -11.42 -9.61
N GLN C 289 31.75 -10.22 -9.09
CA GLN C 289 33.11 -9.87 -8.71
C GLN C 289 33.64 -10.87 -7.68
N VAL C 290 32.91 -11.11 -6.59
CA VAL C 290 33.48 -12.05 -5.62
C VAL C 290 33.40 -13.51 -6.05
N SER C 291 32.60 -13.84 -7.05
CA SER C 291 32.67 -15.21 -7.58
C SER C 291 34.03 -15.53 -8.19
N HIS C 292 34.93 -14.55 -8.31
CA HIS C 292 36.27 -14.76 -8.83
C HIS C 292 37.28 -15.02 -7.72
N ASP C 293 36.85 -14.98 -6.46
CA ASP C 293 37.72 -15.14 -5.32
C ASP C 293 37.76 -16.62 -4.86
N ALA C 294 38.73 -16.90 -3.98
CA ALA C 294 38.97 -18.27 -3.54
C ALA C 294 37.80 -18.83 -2.75
N GLU C 295 37.24 -18.05 -1.83
CA GLU C 295 36.22 -18.58 -0.94
C GLU C 295 34.87 -18.65 -1.64
N ALA C 296 34.01 -19.52 -1.12
CA ALA C 296 32.62 -19.58 -1.56
C ALA C 296 32.00 -18.18 -1.41
N VAL C 297 31.15 -17.81 -2.36
CA VAL C 297 30.44 -16.53 -2.23
C VAL C 297 29.70 -16.52 -0.90
N PRO C 298 29.80 -15.45 -0.11
CA PRO C 298 29.34 -15.51 1.28
C PRO C 298 27.83 -15.39 1.41
N VAL C 299 27.35 -15.83 2.57
CA VAL C 299 25.92 -15.79 2.87
C VAL C 299 25.39 -14.37 2.72
N THR C 300 26.12 -13.38 3.23
CA THR C 300 25.70 -12.00 3.05
C THR C 300 25.39 -11.69 1.58
N MET C 301 26.29 -12.06 0.66
CA MET C 301 26.07 -11.75 -0.75
C MET C 301 24.90 -12.52 -1.34
N ARG C 302 24.80 -13.80 -1.00
CA ARG C 302 23.69 -14.62 -1.49
C ARG C 302 22.37 -14.03 -1.08
N ASN C 303 22.29 -13.58 0.17
CA ASN C 303 21.09 -12.97 0.70
C ASN C 303 20.69 -11.76 -0.13
N ARG C 304 21.66 -10.89 -0.47
CA ARG C 304 21.35 -9.73 -1.29
C ARG C 304 20.73 -10.13 -2.63
N LEU C 305 21.15 -11.27 -3.19
CA LEU C 305 20.56 -11.70 -4.46
C LEU C 305 19.10 -12.11 -4.28
N ARG C 306 18.80 -12.80 -3.18
CA ARG C 306 17.43 -13.25 -2.98
C ARG C 306 16.52 -12.09 -2.60
N LEU C 307 17.04 -11.13 -1.84
CA LEU C 307 16.27 -9.92 -1.55
C LEU C 307 15.85 -9.23 -2.84
N ALA C 308 16.82 -8.99 -3.74
CA ALA C 308 16.56 -8.22 -4.95
C ALA C 308 15.66 -8.97 -5.92
N ALA C 309 15.84 -10.28 -6.01
CA ALA C 309 15.01 -11.07 -6.91
C ALA C 309 13.55 -11.04 -6.49
N THR C 310 13.30 -11.22 -5.18
CA THR C 310 11.94 -11.15 -4.72
C THR C 310 11.39 -9.75 -4.92
N HIS C 311 12.17 -8.73 -4.57
CA HIS C 311 11.72 -7.35 -4.76
C HIS C 311 11.42 -7.08 -6.24
N ALA C 312 12.21 -7.67 -7.15
CA ALA C 312 11.95 -7.41 -8.55
C ALA C 312 10.63 -8.03 -9.00
N VAL C 313 10.35 -9.26 -8.58
CA VAL C 313 9.13 -9.89 -9.07
C VAL C 313 7.89 -9.18 -8.50
N ARG C 314 7.93 -8.81 -7.21
CA ARG C 314 6.76 -8.18 -6.59
C ARG C 314 6.53 -6.76 -7.09
N THR C 315 7.60 -5.96 -7.14
CA THR C 315 7.49 -4.64 -7.71
C THR C 315 6.98 -4.71 -9.14
N SER C 316 7.41 -5.72 -9.88
CA SER C 316 6.99 -5.86 -11.26
C SER C 316 5.50 -6.12 -11.33
N ALA C 317 4.99 -6.96 -10.43
CA ALA C 317 3.56 -7.21 -10.39
C ALA C 317 2.78 -5.95 -10.01
N ASP C 318 3.26 -5.20 -9.02
CA ASP C 318 2.62 -3.93 -8.67
C ASP C 318 2.57 -2.99 -9.88
N VAL C 319 3.68 -2.91 -10.63
CA VAL C 319 3.75 -2.01 -11.79
C VAL C 319 2.75 -2.44 -12.87
N VAL C 320 2.69 -3.72 -13.16
CA VAL C 320 1.81 -4.20 -14.21
C VAL C 320 0.34 -4.02 -13.79
N ARG C 321 0.04 -4.26 -12.53
CA ARG C 321 -1.30 -4.05 -12.01
C ARG C 321 -1.70 -2.59 -12.15
N SER C 322 -0.79 -1.67 -11.86
CA SER C 322 -1.13 -0.25 -11.99
C SER C 322 -1.36 0.13 -13.45
N MET C 323 -0.52 -0.37 -14.34
CA MET C 323 -0.68 -0.06 -15.77
C MET C 323 -2.01 -0.64 -16.28
N TYR C 324 -2.32 -1.88 -15.86
CA TYR C 324 -3.56 -2.54 -16.25
C TYR C 324 -4.75 -1.73 -15.78
N ASP C 325 -4.72 -1.29 -14.51
CA ASP C 325 -5.86 -0.55 -13.93
C ASP C 325 -6.04 0.81 -14.63
N LEU C 326 -4.93 1.46 -14.98
CA LEU C 326 -5.02 2.75 -15.64
C LEU C 326 -5.71 2.62 -17.00
N ALA C 327 -5.44 1.51 -17.70
CA ALA C 327 -6.06 1.28 -18.99
C ALA C 327 -7.55 0.98 -18.90
N GLY C 328 -8.06 0.66 -17.71
CA GLY C 328 -9.50 0.56 -17.55
C GLY C 328 -10.13 -0.44 -18.50
N GLY C 329 -11.23 -0.02 -19.11
CA GLY C 329 -12.03 -0.94 -19.88
C GLY C 329 -11.34 -1.46 -21.12
N THR C 330 -10.31 -0.76 -21.59
CA THR C 330 -9.52 -1.29 -22.72
C THR C 330 -8.93 -2.64 -22.36
N ALA C 331 -8.39 -2.76 -21.14
CA ALA C 331 -7.52 -3.88 -20.87
C ALA C 331 -8.27 -5.15 -20.50
N ILE C 332 -9.56 -5.05 -20.21
CA ILE C 332 -10.29 -6.27 -19.88
C ILE C 332 -10.46 -7.18 -21.07
N TYR C 333 -10.30 -6.65 -22.29
CA TYR C 333 -10.55 -7.45 -23.48
C TYR C 333 -9.34 -8.29 -23.91
N ASP C 334 -9.64 -9.51 -24.37
CA ASP C 334 -8.58 -10.47 -24.73
C ASP C 334 -7.62 -9.90 -25.77
N ASN C 335 -8.06 -8.95 -26.59
CA ASN C 335 -7.22 -8.39 -27.64
C ASN C 335 -6.24 -7.36 -27.11
N ALA C 336 -6.36 -6.98 -25.82
CA ALA C 336 -5.53 -5.92 -25.27
C ALA C 336 -4.18 -6.47 -24.81
N PRO C 337 -3.06 -5.90 -25.29
CA PRO C 337 -1.76 -6.37 -24.83
C PRO C 337 -1.59 -6.30 -23.32
N LEU C 338 -2.07 -5.24 -22.67
CA LEU C 338 -1.95 -5.23 -21.21
C LEU C 338 -2.63 -6.42 -20.55
N GLN C 339 -3.64 -7.04 -21.18
CA GLN C 339 -4.29 -8.15 -20.51
C GLN C 339 -3.25 -9.23 -20.23
N ARG C 340 -2.52 -9.62 -21.29
CA ARG C 340 -1.57 -10.72 -21.20
C ARG C 340 -0.40 -10.39 -20.28
N ARG C 341 0.10 -9.14 -20.33
CA ARG C 341 1.16 -8.77 -19.40
C ARG C 341 0.70 -8.95 -17.97
N PHE C 342 -0.57 -8.55 -17.69
CA PHE C 342 -1.17 -8.70 -16.37
C PHE C 342 -1.27 -10.18 -15.99
N ARG C 343 -1.85 -10.99 -16.87
CA ARG C 343 -1.93 -12.42 -16.59
C ARG C 343 -0.56 -13.04 -16.38
N ASP C 344 0.45 -12.64 -17.17
CA ASP C 344 1.74 -13.23 -17.03
C ASP C 344 2.40 -12.76 -15.75
N ALA C 345 2.17 -11.49 -15.37
CA ALA C 345 2.78 -10.97 -14.16
C ALA C 345 2.29 -11.72 -12.93
N PHE C 346 0.99 -12.06 -12.89
CA PHE C 346 0.40 -12.70 -11.73
C PHE C 346 0.42 -14.24 -11.80
N THR C 347 0.98 -14.81 -12.84
CA THR C 347 1.46 -16.18 -12.79
C THR C 347 2.90 -16.21 -12.25
N ALA C 348 3.77 -15.28 -12.68
CA ALA C 348 5.15 -15.28 -12.22
C ALA C 348 5.26 -15.14 -10.70
N THR C 349 4.33 -14.41 -10.06
CA THR C 349 4.39 -14.18 -8.62
C THR C 349 4.19 -15.43 -7.76
N ALA C 350 3.57 -16.49 -8.32
CA ALA C 350 3.38 -17.73 -7.59
C ALA C 350 4.66 -18.56 -7.41
N HIS C 351 5.75 -18.22 -8.09
CA HIS C 351 6.94 -19.04 -8.03
C HIS C 351 7.56 -19.00 -6.62
N PHE C 352 8.01 -20.19 -6.16
CA PHE C 352 8.43 -20.37 -4.76
C PHE C 352 9.73 -19.65 -4.42
N GLN C 353 10.55 -19.30 -5.41
CA GLN C 353 11.82 -18.65 -5.11
C GLN C 353 11.65 -17.17 -4.80
N VAL C 354 10.49 -16.59 -5.14
CA VAL C 354 10.33 -15.14 -5.21
C VAL C 354 8.94 -14.70 -4.73
N ASN C 355 8.26 -15.57 -4.02
CA ASN C 355 6.96 -15.20 -3.49
C ASN C 355 7.14 -14.38 -2.20
N GLU C 356 6.03 -13.95 -1.60
CA GLU C 356 6.13 -13.17 -0.37
C GLU C 356 6.85 -13.97 0.73
N ALA C 357 6.63 -15.29 0.81
CA ALA C 357 7.27 -16.08 1.86
C ALA C 357 8.79 -16.10 1.72
N SER C 358 9.32 -15.88 0.50
CA SER C 358 10.76 -15.89 0.28
C SER C 358 11.46 -14.69 0.86
N ARG C 359 10.72 -13.74 1.46
CA ARG C 359 11.37 -12.64 2.16
C ARG C 359 11.84 -13.02 3.57
N GLU C 360 11.24 -14.06 4.16
CA GLU C 360 11.42 -14.33 5.60
C GLU C 360 12.83 -14.85 5.90
N LEU C 361 13.30 -15.85 5.14
CA LEU C 361 14.65 -16.34 5.38
C LEU C 361 15.68 -15.23 5.17
N PRO C 362 15.64 -14.46 4.07
CA PRO C 362 16.55 -13.31 3.95
C PRO C 362 16.38 -12.28 5.07
N GLY C 363 15.18 -12.16 5.66
CA GLY C 363 15.04 -11.34 6.86
C GLY C 363 15.77 -11.92 8.07
N ARG C 364 15.72 -13.26 8.22
CA ARG C 364 16.45 -13.91 9.29
C ARG C 364 17.94 -13.62 9.18
N VAL C 365 18.50 -13.79 7.98
CA VAL C 365 19.91 -13.48 7.76
C VAL C 365 20.20 -12.02 8.15
N LEU C 366 19.34 -11.10 7.73
CA LEU C 366 19.58 -9.68 8.04
C LEU C 366 19.54 -9.42 9.54
N LEU C 367 18.59 -10.04 10.24
CA LEU C 367 18.46 -9.85 11.69
C LEU C 367 19.42 -10.74 12.49
N ASP C 368 20.41 -11.37 11.82
CA ASP C 368 21.41 -12.22 12.46
C ASP C 368 20.76 -13.26 13.36
N GLN C 369 19.65 -13.87 12.87
CA GLN C 369 18.92 -14.94 13.50
C GLN C 369 19.36 -16.31 12.94
N PRO C 370 19.13 -17.41 13.69
CA PRO C 370 19.53 -18.72 13.17
C PRO C 370 18.76 -19.04 11.90
N ALA C 371 19.46 -19.67 10.96
CA ALA C 371 18.89 -19.84 9.63
C ALA C 371 19.59 -20.98 8.93
N ASP C 372 18.79 -21.87 8.35
CA ASP C 372 19.27 -22.82 7.35
C ASP C 372 19.42 -22.08 6.02
N VAL C 373 20.65 -21.79 5.64
CA VAL C 373 20.94 -21.06 4.42
C VAL C 373 21.48 -21.99 3.33
N SER C 374 21.30 -23.31 3.48
CA SER C 374 21.79 -24.27 2.49
C SER C 374 21.26 -23.97 1.08
N MET C 375 20.02 -23.50 0.97
CA MET C 375 19.41 -23.22 -0.34
C MET C 375 19.26 -21.72 -0.63
N LEU C 376 19.92 -20.86 0.16
CA LEU C 376 19.93 -19.44 -0.12
C LEU C 376 20.67 -19.12 -1.43
N THR D 6 -39.38 -18.37 0.52
CA THR D 6 -40.47 -17.45 0.14
C THR D 6 -39.90 -16.02 0.18
N GLU D 7 -39.21 -15.67 1.26
CA GLU D 7 -38.47 -14.40 1.33
C GLU D 7 -37.38 -14.35 0.26
N ILE D 8 -37.28 -13.21 -0.43
CA ILE D 8 -36.48 -13.17 -1.65
C ILE D 8 -34.98 -13.32 -1.31
N GLU D 9 -34.55 -12.87 -0.15
CA GLU D 9 -33.17 -13.11 0.27
C GLU D 9 -32.87 -14.61 0.39
N ILE D 10 -33.82 -15.37 0.93
CA ILE D 10 -33.62 -16.81 1.02
C ILE D 10 -33.47 -17.41 -0.37
N LEU D 11 -34.33 -16.99 -1.30
CA LEU D 11 -34.25 -17.48 -2.69
C LEU D 11 -32.92 -17.10 -3.33
N ALA D 12 -32.44 -15.88 -3.10
CA ALA D 12 -31.14 -15.44 -3.62
C ALA D 12 -29.96 -16.40 -3.21
N GLU D 13 -29.61 -16.57 -1.91
CA GLU D 13 -28.92 -17.84 -1.35
C GLU D 13 -29.18 -19.14 -1.99
N LYS D 14 -30.37 -19.56 -2.29
CA LYS D 14 -30.46 -20.83 -2.93
C LYS D 14 -29.97 -20.73 -4.37
N ILE D 15 -30.37 -19.67 -5.07
CA ILE D 15 -29.95 -19.48 -6.45
C ILE D 15 -28.44 -19.29 -6.55
N ALA D 16 -27.82 -18.68 -5.52
CA ALA D 16 -26.38 -18.57 -5.44
C ALA D 16 -25.70 -19.92 -5.53
N ARG D 17 -26.27 -20.93 -4.86
CA ARG D 17 -25.63 -22.25 -4.85
C ARG D 17 -25.81 -22.98 -6.17
N TRP D 18 -26.94 -22.76 -6.85
CA TRP D 18 -27.10 -23.21 -8.23
C TRP D 18 -26.12 -22.51 -9.18
N ALA D 19 -26.00 -21.18 -9.08
CA ALA D 19 -25.04 -20.46 -9.91
C ALA D 19 -23.63 -21.00 -9.72
N ARG D 20 -23.26 -21.28 -8.46
CA ARG D 20 -21.95 -21.86 -8.18
C ARG D 20 -21.78 -23.24 -8.82
N ALA D 21 -22.83 -24.07 -8.78
CA ALA D 21 -22.70 -25.42 -9.38
C ALA D 21 -22.54 -25.35 -10.89
N ARG D 22 -23.04 -24.29 -11.53
CA ARG D 22 -22.92 -24.12 -12.98
C ARG D 22 -21.85 -23.12 -13.41
N SER D 23 -20.95 -22.73 -12.50
CA SER D 23 -20.05 -21.62 -12.81
C SER D 23 -19.11 -21.97 -13.96
N ALA D 24 -18.72 -23.24 -14.10
CA ALA D 24 -17.88 -23.62 -15.24
C ALA D 24 -18.62 -23.42 -16.56
N GLU D 25 -19.88 -23.87 -16.60
CA GLU D 25 -20.66 -23.71 -17.82
C GLU D 25 -20.97 -22.24 -18.08
N ILE D 26 -21.32 -21.49 -17.03
CA ILE D 26 -21.52 -20.06 -17.22
C ILE D 26 -20.30 -19.45 -17.92
N GLU D 27 -19.10 -19.79 -17.44
CA GLU D 27 -17.91 -19.19 -18.01
C GLU D 27 -17.69 -19.70 -19.44
N ARG D 28 -17.85 -20.99 -19.63
CA ARG D 28 -17.58 -21.59 -20.94
C ARG D 28 -18.49 -20.98 -22.01
N ASP D 29 -19.78 -20.86 -21.70
CA ASP D 29 -20.75 -20.37 -22.67
C ASP D 29 -20.90 -18.86 -22.69
N ARG D 30 -20.28 -18.14 -21.77
CA ARG D 30 -20.42 -16.68 -21.67
C ARG D 30 -21.90 -16.26 -21.61
N ARG D 31 -22.69 -17.02 -20.84
CA ARG D 31 -24.12 -16.74 -20.62
C ARG D 31 -24.59 -17.63 -19.49
N LEU D 32 -25.66 -17.19 -18.84
CA LEU D 32 -26.30 -17.99 -17.80
C LEU D 32 -27.10 -19.11 -18.47
N PRO D 33 -27.08 -20.33 -17.92
CA PRO D 33 -27.95 -21.39 -18.45
C PRO D 33 -29.42 -21.01 -18.33
N ASP D 34 -30.21 -21.43 -19.33
CA ASP D 34 -31.64 -21.15 -19.33
C ASP D 34 -32.29 -21.44 -17.97
N GLU D 35 -31.94 -22.58 -17.37
CA GLU D 35 -32.56 -22.99 -16.11
C GLU D 35 -32.20 -22.07 -14.94
N LEU D 36 -31.00 -21.49 -14.95
CA LEU D 36 -30.67 -20.51 -13.92
C LEU D 36 -31.44 -19.21 -14.17
N VAL D 37 -31.53 -18.78 -15.42
CA VAL D 37 -32.36 -17.63 -15.72
C VAL D 37 -33.77 -17.84 -15.22
N THR D 38 -34.31 -19.04 -15.45
CA THR D 38 -35.68 -19.31 -15.03
C THR D 38 -35.79 -19.20 -13.52
N ARG D 39 -34.88 -19.84 -12.79
CA ARG D 39 -34.89 -19.67 -11.33
C ARG D 39 -34.87 -18.21 -10.95
N LEU D 40 -33.95 -17.46 -11.55
CA LEU D 40 -33.82 -16.04 -11.22
C LEU D 40 -35.11 -15.31 -11.54
N ARG D 41 -35.73 -15.65 -12.66
CA ARG D 41 -36.97 -14.98 -13.03
C ARG D 41 -38.08 -15.30 -12.03
N GLU D 42 -38.20 -16.58 -11.66
CA GLU D 42 -39.28 -17.04 -10.79
C GLU D 42 -39.17 -16.46 -9.39
N ALA D 43 -37.93 -16.17 -8.95
CA ALA D 43 -37.71 -15.53 -7.66
C ALA D 43 -38.01 -14.04 -7.69
N GLY D 44 -38.18 -13.44 -8.87
CA GLY D 44 -38.39 -12.01 -8.98
C GLY D 44 -37.13 -11.17 -9.01
N LEU D 45 -35.96 -11.82 -9.09
CA LEU D 45 -34.69 -11.12 -8.93
C LEU D 45 -34.29 -10.32 -10.17
N LEU D 46 -34.77 -10.68 -11.34
CA LEU D 46 -34.44 -9.89 -12.51
C LEU D 46 -35.36 -8.72 -12.70
N ARG D 47 -36.46 -8.62 -11.92
CA ARG D 47 -37.35 -7.46 -12.03
C ARG D 47 -37.67 -6.87 -10.68
N ALA D 48 -36.82 -7.08 -9.68
CA ALA D 48 -37.21 -6.88 -8.29
C ALA D 48 -37.51 -5.42 -7.99
N THR D 49 -36.86 -4.50 -8.71
CA THR D 49 -36.98 -3.08 -8.46
C THR D 49 -37.93 -2.37 -9.42
N MET D 50 -38.65 -3.11 -10.28
CA MET D 50 -39.64 -2.43 -11.11
C MET D 50 -40.89 -2.09 -10.28
N PRO D 51 -41.67 -1.09 -10.70
CA PRO D 51 -42.78 -0.62 -9.87
C PRO D 51 -43.85 -1.68 -9.78
N ARG D 52 -44.64 -1.59 -8.70
CA ARG D 52 -45.67 -2.61 -8.43
C ARG D 52 -46.74 -2.66 -9.51
N GLU D 53 -46.91 -1.58 -10.26
CA GLU D 53 -47.89 -1.55 -11.36
C GLU D 53 -47.63 -2.65 -12.38
N VAL D 54 -46.38 -3.09 -12.56
CA VAL D 54 -46.06 -4.04 -13.62
C VAL D 54 -45.90 -5.45 -13.05
N ALA D 55 -46.52 -5.73 -11.90
CA ALA D 55 -46.46 -7.03 -11.24
C ALA D 55 -45.01 -7.37 -10.85
N ALA D 56 -44.44 -6.49 -10.03
CA ALA D 56 -43.05 -6.56 -9.63
C ALA D 56 -42.97 -6.22 -8.16
N PRO D 57 -41.91 -6.67 -7.48
CA PRO D 57 -41.84 -6.50 -6.02
C PRO D 57 -41.63 -5.06 -5.54
N GLU D 58 -41.19 -4.14 -6.39
CA GLU D 58 -40.73 -2.80 -5.95
C GLU D 58 -39.85 -2.88 -4.69
N LEU D 59 -38.84 -3.73 -4.75
CA LEU D 59 -38.07 -4.13 -3.58
C LEU D 59 -37.15 -3.00 -3.10
N ALA D 60 -37.10 -2.83 -1.79
CA ALA D 60 -36.28 -1.79 -1.18
C ALA D 60 -34.81 -1.94 -1.59
N PRO D 61 -34.09 -0.84 -1.71
CA PRO D 61 -32.78 -0.93 -2.38
C PRO D 61 -31.78 -1.76 -1.61
N GLY D 62 -31.84 -1.74 -0.29
CA GLY D 62 -30.89 -2.53 0.47
C GLY D 62 -31.18 -4.01 0.37
N ARG D 63 -32.45 -4.38 0.27
CA ARG D 63 -32.75 -5.79 0.11
C ARG D 63 -32.35 -6.29 -1.28
N ALA D 64 -32.59 -5.48 -2.30
CA ALA D 64 -32.22 -5.86 -3.66
C ALA D 64 -30.73 -6.00 -3.79
N LEU D 65 -29.98 -5.04 -3.24
CA LEU D 65 -28.54 -5.09 -3.34
C LEU D 65 -27.99 -6.27 -2.55
N ARG D 66 -28.57 -6.58 -1.40
CA ARG D 66 -28.14 -7.78 -0.68
C ARG D 66 -28.39 -9.05 -1.49
N CYS D 67 -29.50 -9.11 -2.22
CA CYS D 67 -29.70 -10.25 -3.13
C CYS D 67 -28.62 -10.33 -4.21
N ALA D 68 -28.25 -9.19 -4.82
CA ALA D 68 -27.20 -9.22 -5.84
C ALA D 68 -25.87 -9.69 -5.26
N GLU D 69 -25.51 -9.17 -4.08
CA GLU D 69 -24.28 -9.62 -3.43
C GLU D 69 -24.31 -11.13 -3.16
N ALA D 70 -25.47 -11.66 -2.73
CA ALA D 70 -25.49 -13.07 -2.36
C ALA D 70 -25.35 -13.97 -3.59
N VAL D 71 -26.05 -13.64 -4.68
CA VAL D 71 -25.83 -14.33 -5.95
C VAL D 71 -24.37 -14.26 -6.37
N ALA D 72 -23.74 -13.07 -6.23
CA ALA D 72 -22.36 -12.91 -6.68
C ALA D 72 -21.41 -13.82 -5.90
N ARG D 73 -21.69 -14.03 -4.61
CA ARG D 73 -20.91 -14.99 -3.82
C ARG D 73 -20.91 -16.37 -4.46
N GLY D 74 -22.04 -16.78 -5.02
CA GLY D 74 -22.06 -18.06 -5.72
C GLY D 74 -21.29 -18.02 -7.02
N ASP D 75 -21.54 -16.98 -7.83
CA ASP D 75 -20.81 -16.76 -9.08
C ASP D 75 -20.88 -15.27 -9.42
N ALA D 76 -19.72 -14.64 -9.57
CA ALA D 76 -19.65 -13.21 -9.81
C ALA D 76 -20.47 -12.80 -11.04
N SER D 77 -20.36 -13.54 -12.13
CA SER D 77 -21.08 -13.16 -13.34
C SER D 77 -22.60 -13.19 -13.13
N ALA D 78 -23.09 -14.25 -12.49
CA ALA D 78 -24.52 -14.32 -12.21
C ALA D 78 -24.95 -13.18 -11.30
N GLY D 79 -24.14 -12.85 -10.31
CA GLY D 79 -24.50 -11.74 -9.43
C GLY D 79 -24.50 -10.42 -10.16
N TRP D 80 -23.49 -10.21 -11.03
CA TRP D 80 -23.41 -9.03 -11.88
C TRP D 80 -24.67 -8.89 -12.73
N CYS D 81 -25.11 -9.99 -13.32
CA CYS D 81 -26.34 -9.94 -14.09
C CYS D 81 -27.51 -9.45 -13.22
N VAL D 82 -27.60 -9.89 -11.96
CA VAL D 82 -28.66 -9.37 -11.10
C VAL D 82 -28.52 -7.87 -10.92
N SER D 83 -27.32 -7.44 -10.52
CA SER D 83 -27.02 -6.03 -10.33
C SER D 83 -27.47 -5.20 -11.52
N ILE D 84 -27.09 -5.61 -12.72
CA ILE D 84 -27.45 -4.80 -13.88
C ILE D 84 -28.95 -4.89 -14.15
N ALA D 85 -29.56 -6.05 -13.90
CA ALA D 85 -31.00 -6.17 -14.10
C ALA D 85 -31.77 -5.27 -13.15
N ILE D 86 -31.37 -5.23 -11.87
CA ILE D 86 -32.16 -4.46 -10.91
C ILE D 86 -31.86 -2.96 -11.02
N THR D 87 -30.72 -2.60 -11.58
CA THR D 87 -30.43 -1.19 -11.87
C THR D 87 -31.20 -0.71 -13.11
N SER D 88 -31.12 -1.45 -14.21
CA SER D 88 -31.89 -1.10 -15.42
C SER D 88 -33.39 -1.07 -15.14
N ALA D 89 -33.86 -1.98 -14.28
CA ALA D 89 -35.27 -2.07 -13.92
C ALA D 89 -35.83 -0.80 -13.30
N LEU D 90 -34.97 -0.01 -12.67
CA LEU D 90 -35.44 1.24 -12.11
C LEU D 90 -35.96 2.17 -13.20
N LEU D 91 -35.41 2.08 -14.40
CA LEU D 91 -35.86 2.97 -15.46
C LEU D 91 -37.29 2.66 -15.93
N VAL D 92 -37.84 1.48 -15.60
CA VAL D 92 -39.25 1.20 -15.87
C VAL D 92 -40.13 2.25 -15.20
N ALA D 93 -39.66 2.82 -14.10
CA ALA D 93 -40.37 3.88 -13.40
C ALA D 93 -40.33 5.21 -14.11
N TYR D 94 -39.55 5.32 -15.20
CA TYR D 94 -39.36 6.55 -15.96
C TYR D 94 -40.17 6.57 -17.26
N LEU D 95 -40.83 5.48 -17.59
CA LEU D 95 -41.64 5.37 -18.80
C LEU D 95 -43.07 5.84 -18.53
N PRO D 96 -43.66 6.56 -19.49
CA PRO D 96 -45.11 6.81 -19.41
C PRO D 96 -45.87 5.50 -19.28
N ALA D 97 -47.00 5.58 -18.58
CA ALA D 97 -47.79 4.39 -18.27
C ALA D 97 -48.13 3.54 -19.49
N ARG D 98 -48.30 4.16 -20.65
CA ARG D 98 -48.66 3.39 -21.83
C ARG D 98 -47.52 2.46 -22.24
N SER D 99 -46.36 3.04 -22.58
CA SER D 99 -45.22 2.23 -22.99
C SER D 99 -44.74 1.31 -21.88
N ARG D 100 -44.96 1.69 -20.61
CA ARG D 100 -44.56 0.84 -19.50
C ARG D 100 -45.30 -0.50 -19.51
N GLU D 101 -46.64 -0.43 -19.66
CA GLU D 101 -47.45 -1.65 -19.76
C GLU D 101 -47.19 -2.39 -21.07
N GLU D 102 -46.97 -1.68 -22.18
CA GLU D 102 -46.58 -2.36 -23.40
C GLU D 102 -45.34 -3.26 -23.17
N MET D 103 -44.23 -2.69 -22.64
CA MET D 103 -43.00 -3.49 -22.53
C MET D 103 -42.90 -4.32 -21.25
N PHE D 104 -43.47 -3.89 -20.11
CA PHE D 104 -43.23 -4.59 -18.85
C PHE D 104 -44.52 -5.04 -18.15
N GLY D 105 -45.67 -4.88 -18.80
CA GLY D 105 -46.93 -5.18 -18.15
C GLY D 105 -47.11 -6.67 -17.85
N GLY D 106 -47.81 -6.91 -16.74
CA GLY D 106 -48.17 -8.25 -16.32
C GLY D 106 -47.01 -9.18 -16.05
N GLY D 107 -45.86 -8.65 -15.56
CA GLY D 107 -44.74 -9.48 -15.22
C GLY D 107 -43.78 -9.75 -16.35
N ARG D 108 -43.99 -9.16 -17.52
CA ARG D 108 -43.11 -9.37 -18.65
C ARG D 108 -41.93 -8.40 -18.62
N GLY D 109 -40.91 -8.70 -19.42
CA GLY D 109 -39.81 -7.80 -19.66
C GLY D 109 -38.69 -7.91 -18.62
N VAL D 110 -37.48 -8.18 -19.09
CA VAL D 110 -36.26 -8.05 -18.29
C VAL D 110 -35.43 -7.01 -19.00
N ALA D 111 -34.88 -6.07 -18.24
CA ALA D 111 -34.17 -4.96 -18.84
C ALA D 111 -32.64 -5.06 -18.71
N ALA D 112 -31.95 -4.63 -19.75
CA ALA D 112 -30.54 -4.28 -19.75
C ALA D 112 -30.43 -2.78 -19.89
N GLY D 113 -29.22 -2.28 -19.76
CA GLY D 113 -29.08 -0.85 -19.80
C GLY D 113 -27.64 -0.41 -19.88
N VAL D 114 -27.33 0.43 -20.87
CA VAL D 114 -26.03 1.04 -21.04
C VAL D 114 -26.23 2.54 -21.02
N TRP D 115 -25.59 3.19 -20.07
CA TRP D 115 -25.79 4.62 -19.79
C TRP D 115 -25.05 5.50 -20.79
N ALA D 116 -23.89 5.05 -21.26
CA ALA D 116 -23.06 5.89 -22.13
C ALA D 116 -23.90 6.40 -23.29
N PRO D 117 -23.96 7.70 -23.53
CA PRO D 117 -24.81 8.23 -24.60
C PRO D 117 -24.13 8.14 -25.96
N ARG D 118 -23.87 6.91 -26.41
CA ARG D 118 -23.22 6.68 -27.69
C ARG D 118 -24.19 6.78 -28.86
N GLY D 119 -25.47 6.87 -28.60
CA GLY D 119 -26.45 6.88 -29.66
C GLY D 119 -26.66 8.28 -30.18
N THR D 120 -26.96 8.36 -31.47
CA THR D 120 -27.39 9.59 -32.12
C THR D 120 -28.83 9.39 -32.53
N ALA D 121 -29.71 10.21 -32.00
CA ALA D 121 -31.12 10.15 -32.33
C ALA D 121 -31.51 11.49 -32.95
N ARG D 122 -32.29 11.42 -34.03
CA ARG D 122 -32.82 12.59 -34.72
C ARG D 122 -34.34 12.50 -34.67
N SER D 123 -34.97 13.62 -34.33
CA SER D 123 -36.42 13.62 -34.16
C SER D 123 -37.12 13.44 -35.50
N VAL D 124 -38.10 12.55 -35.53
CA VAL D 124 -39.02 12.45 -36.66
C VAL D 124 -40.41 12.49 -36.09
N ASP D 125 -41.39 12.00 -36.82
CA ASP D 125 -42.80 12.24 -36.49
C ASP D 125 -43.30 11.20 -35.50
N GLY D 126 -43.72 11.67 -34.33
CA GLY D 126 -44.17 10.80 -33.27
C GLY D 126 -43.07 10.12 -32.51
N GLY D 127 -41.84 10.59 -32.61
CA GLY D 127 -40.73 9.99 -31.90
C GLY D 127 -39.38 10.36 -32.45
N VAL D 128 -38.47 9.38 -32.52
CA VAL D 128 -37.12 9.58 -33.03
C VAL D 128 -36.66 8.32 -33.73
N VAL D 129 -35.61 8.47 -34.53
CA VAL D 129 -34.86 7.34 -35.09
C VAL D 129 -33.42 7.43 -34.58
N VAL D 130 -32.88 6.31 -34.13
CA VAL D 130 -31.63 6.30 -33.37
C VAL D 130 -30.67 5.25 -33.93
N SER D 131 -29.39 5.59 -33.92
CA SER D 131 -28.32 4.68 -34.30
C SER D 131 -27.17 4.85 -33.32
N GLY D 132 -26.38 3.80 -33.19
CA GLY D 132 -25.23 3.85 -32.32
C GLY D 132 -24.73 2.47 -31.99
N ARG D 133 -23.54 2.45 -31.39
CA ARG D 133 -22.93 1.20 -30.92
C ARG D 133 -22.59 1.34 -29.44
N TRP D 134 -23.08 0.41 -28.63
CA TRP D 134 -22.88 0.44 -27.19
C TRP D 134 -22.14 -0.82 -26.74
N PRO D 135 -20.98 -0.70 -26.13
CA PRO D 135 -20.33 -1.87 -25.51
C PRO D 135 -20.88 -2.11 -24.11
N PHE D 136 -20.56 -3.28 -23.53
CA PHE D 136 -20.82 -3.59 -22.13
C PHE D 136 -22.30 -3.85 -21.85
N CYS D 137 -23.02 -4.45 -22.79
CA CYS D 137 -24.46 -4.66 -22.62
C CYS D 137 -24.70 -5.91 -21.80
N SER D 138 -24.30 -5.85 -20.52
CA SER D 138 -24.43 -6.99 -19.61
C SER D 138 -25.86 -7.53 -19.62
N GLY D 139 -25.99 -8.86 -19.68
CA GLY D 139 -27.28 -9.49 -19.59
C GLY D 139 -28.10 -9.47 -20.86
N ILE D 140 -27.62 -8.81 -21.91
CA ILE D 140 -28.40 -8.73 -23.15
C ILE D 140 -28.85 -10.11 -23.63
N ASN D 141 -28.07 -11.16 -23.35
CA ASN D 141 -28.50 -12.51 -23.76
C ASN D 141 -29.86 -12.88 -23.18
N HIS D 142 -30.21 -12.37 -22.00
CA HIS D 142 -31.48 -12.76 -21.38
C HIS D 142 -32.40 -11.57 -21.13
N ALA D 143 -32.14 -10.42 -21.71
CA ALA D 143 -33.03 -9.28 -21.54
C ALA D 143 -33.86 -9.10 -22.81
N ASP D 144 -35.08 -8.58 -22.64
CA ASP D 144 -35.98 -8.25 -23.75
C ASP D 144 -35.77 -6.81 -24.20
N ILE D 145 -35.55 -5.92 -23.24
CA ILE D 145 -35.47 -4.47 -23.46
C ILE D 145 -34.10 -3.97 -23.02
N MET D 146 -33.56 -3.01 -23.77
CA MET D 146 -32.32 -2.34 -23.40
C MET D 146 -32.54 -0.84 -23.39
N PHE D 147 -32.30 -0.22 -22.24
CA PHE D 147 -32.29 1.23 -22.12
C PHE D 147 -30.92 1.74 -22.54
N ALA D 148 -30.88 2.58 -23.57
CA ALA D 148 -29.63 3.02 -24.18
C ALA D 148 -29.52 4.54 -24.14
N GLY D 149 -28.35 5.03 -23.75
CA GLY D 149 -28.12 6.44 -23.76
C GLY D 149 -27.91 6.97 -25.16
N CYS D 150 -28.33 8.21 -25.38
CA CYS D 150 -28.11 8.85 -26.67
C CYS D 150 -28.28 10.36 -26.53
N PHE D 151 -27.96 11.06 -27.60
CA PHE D 151 -28.21 12.49 -27.77
C PHE D 151 -29.26 12.66 -28.86
N VAL D 152 -30.31 13.39 -28.53
CA VAL D 152 -31.43 13.61 -29.44
C VAL D 152 -31.23 14.94 -30.12
N ASP D 153 -31.23 14.91 -31.46
CA ASP D 153 -30.94 16.10 -32.26
C ASP D 153 -29.63 16.69 -31.73
N ASP D 154 -29.68 17.93 -31.23
CA ASP D 154 -28.45 18.59 -30.81
C ASP D 154 -28.52 19.10 -29.37
N ARG D 155 -29.48 18.61 -28.60
CA ARG D 155 -29.42 18.80 -27.16
C ARG D 155 -28.03 18.45 -26.65
N GLN D 156 -27.67 19.07 -25.54
CA GLN D 156 -26.39 18.78 -24.89
C GLN D 156 -26.57 17.90 -23.66
N VAL D 157 -27.79 17.77 -23.16
CA VAL D 157 -28.08 16.85 -22.06
C VAL D 157 -28.65 15.57 -22.68
N PRO D 158 -28.08 14.40 -22.38
CA PRO D 158 -28.45 13.19 -23.11
C PRO D 158 -29.79 12.65 -22.65
N SER D 159 -30.33 11.75 -23.47
CA SER D 159 -31.58 11.07 -23.19
C SER D 159 -31.36 9.56 -23.13
N VAL D 160 -32.45 8.83 -22.92
CA VAL D 160 -32.45 7.38 -22.85
C VAL D 160 -33.57 6.90 -23.77
N VAL D 161 -33.28 5.90 -24.62
CA VAL D 161 -34.31 5.24 -25.43
C VAL D 161 -34.47 3.83 -24.91
N ALA D 162 -35.73 3.36 -24.86
CA ALA D 162 -36.05 1.97 -24.55
C ALA D 162 -36.23 1.21 -25.87
N LEU D 163 -35.30 0.30 -26.14
CA LEU D 163 -35.22 -0.47 -27.38
C LEU D 163 -35.55 -1.93 -27.11
N ASN D 164 -36.20 -2.58 -28.08
CA ASN D 164 -36.42 -4.02 -28.00
C ASN D 164 -35.15 -4.70 -28.46
N LYS D 165 -34.72 -5.73 -27.73
CA LYS D 165 -33.46 -6.37 -28.12
C LYS D 165 -33.51 -6.83 -29.57
N ASP D 166 -34.69 -7.27 -30.03
CA ASP D 166 -34.80 -7.92 -31.34
C ASP D 166 -34.72 -6.91 -32.47
N GLU D 167 -34.66 -5.62 -32.16
CA GLU D 167 -34.41 -4.60 -33.15
C GLU D 167 -32.94 -4.26 -33.27
N LEU D 168 -32.10 -4.89 -32.45
CA LEU D 168 -30.69 -4.58 -32.36
C LEU D 168 -29.87 -5.71 -32.96
N GLN D 169 -28.64 -5.37 -33.34
CA GLN D 169 -27.66 -6.34 -33.76
C GLN D 169 -26.71 -6.55 -32.59
N VAL D 170 -26.68 -7.77 -32.06
CA VAL D 170 -25.77 -8.14 -30.98
C VAL D 170 -24.50 -8.70 -31.61
N LEU D 171 -23.38 -7.98 -31.45
CA LEU D 171 -22.07 -8.41 -31.93
C LEU D 171 -21.39 -9.27 -30.88
N ASP D 172 -20.64 -10.29 -31.32
CA ASP D 172 -19.92 -11.16 -30.40
C ASP D 172 -18.55 -10.53 -30.10
N THR D 173 -18.53 -9.65 -29.10
CA THR D 173 -17.31 -8.93 -28.70
C THR D 173 -16.83 -9.21 -27.29
N TRP D 174 -17.62 -9.95 -26.50
CA TRP D 174 -17.34 -10.13 -25.06
C TRP D 174 -16.39 -11.30 -24.89
N HIS D 175 -15.13 -11.01 -25.18
CA HIS D 175 -13.98 -11.89 -24.97
C HIS D 175 -13.07 -11.18 -23.96
N THR D 176 -13.08 -11.63 -22.71
CA THR D 176 -12.61 -10.81 -21.60
C THR D 176 -11.89 -11.66 -20.56
N LEU D 177 -11.06 -10.96 -19.77
CA LEU D 177 -10.37 -11.59 -18.66
C LEU D 177 -11.35 -12.29 -17.75
N GLY D 178 -12.37 -11.56 -17.30
CA GLY D 178 -13.37 -12.13 -16.42
C GLY D 178 -14.78 -11.70 -16.71
N LEU D 179 -15.67 -11.97 -15.75
CA LEU D 179 -17.10 -11.71 -15.90
C LEU D 179 -17.58 -12.20 -17.26
N ARG D 180 -17.08 -13.37 -17.64
CA ARG D 180 -17.41 -13.89 -18.96
C ARG D 180 -18.90 -14.21 -19.10
N GLY D 181 -19.52 -14.77 -18.06
CA GLY D 181 -20.93 -15.14 -18.10
C GLY D 181 -21.87 -13.97 -18.20
N THR D 182 -21.39 -12.73 -17.99
CA THR D 182 -22.26 -11.57 -18.16
C THR D 182 -22.61 -11.28 -19.62
N GLY D 183 -21.93 -11.93 -20.59
CA GLY D 183 -22.21 -11.71 -22.00
C GLY D 183 -22.42 -10.23 -22.34
N SER D 184 -21.51 -9.37 -21.88
CA SER D 184 -21.68 -7.92 -22.04
C SER D 184 -21.17 -7.47 -23.41
N HIS D 185 -21.80 -8.05 -24.44
CA HIS D 185 -21.46 -7.81 -25.84
C HIS D 185 -21.82 -6.39 -26.26
N ASP D 186 -21.36 -6.02 -27.47
CA ASP D 186 -21.77 -4.74 -28.04
C ASP D 186 -23.10 -4.90 -28.79
N CYS D 187 -23.89 -3.84 -28.77
CA CYS D 187 -25.17 -3.82 -29.48
C CYS D 187 -25.21 -2.62 -30.41
N VAL D 188 -25.75 -2.83 -31.61
CA VAL D 188 -25.81 -1.79 -32.63
C VAL D 188 -27.28 -1.53 -32.96
N ALA D 189 -27.67 -0.26 -32.95
CA ALA D 189 -28.90 0.20 -33.56
C ALA D 189 -28.58 0.81 -34.91
N ASP D 190 -29.38 0.47 -35.94
CA ASP D 190 -29.23 1.08 -37.26
C ASP D 190 -30.56 1.68 -37.69
N ASP D 191 -30.66 2.99 -37.62
CA ASP D 191 -31.90 3.70 -37.95
C ASP D 191 -33.12 2.99 -37.38
N VAL D 192 -33.11 2.77 -36.08
CA VAL D 192 -34.27 2.22 -35.38
C VAL D 192 -35.19 3.36 -35.00
N PHE D 193 -36.49 3.18 -35.24
CA PHE D 193 -37.49 4.16 -34.86
C PHE D 193 -37.92 3.86 -33.42
N VAL D 194 -37.98 4.89 -32.59
CA VAL D 194 -38.43 4.77 -31.21
C VAL D 194 -39.61 5.71 -31.05
N PRO D 195 -40.79 5.23 -30.67
CA PRO D 195 -41.91 6.15 -30.40
C PRO D 195 -41.56 7.10 -29.27
N ALA D 196 -42.26 8.23 -29.22
CA ALA D 196 -41.88 9.29 -28.30
C ALA D 196 -42.03 8.86 -26.86
N ASP D 197 -43.01 8.01 -26.55
CA ASP D 197 -43.21 7.63 -25.16
C ASP D 197 -42.23 6.52 -24.71
N ARG D 198 -41.21 6.25 -25.52
CA ARG D 198 -40.07 5.41 -25.18
C ARG D 198 -38.78 6.21 -25.18
N VAL D 199 -38.89 7.54 -25.15
CA VAL D 199 -37.76 8.45 -25.06
C VAL D 199 -37.95 9.29 -23.81
N PHE D 200 -36.89 9.40 -22.99
CA PHE D 200 -36.97 10.22 -21.78
C PHE D 200 -35.56 10.66 -21.34
N SER D 201 -35.53 11.54 -20.35
CA SER D 201 -34.30 12.04 -19.77
C SER D 201 -34.30 11.68 -18.29
N VAL D 202 -33.25 10.97 -17.86
CA VAL D 202 -33.13 10.62 -16.45
C VAL D 202 -33.21 11.84 -15.57
N PHE D 203 -32.72 12.99 -16.05
CA PHE D 203 -32.69 14.22 -15.25
C PHE D 203 -34.05 14.82 -15.01
N ASP D 204 -35.07 14.44 -15.77
CA ASP D 204 -36.42 14.91 -15.48
C ASP D 204 -37.09 14.11 -14.39
N GLY D 205 -36.51 13.00 -13.94
CA GLY D 205 -37.00 12.27 -12.80
C GLY D 205 -38.05 11.24 -13.18
N PRO D 206 -38.38 10.35 -12.26
CA PRO D 206 -39.29 9.24 -12.60
C PRO D 206 -40.73 9.70 -12.72
N ILE D 207 -41.49 8.89 -13.45
CA ILE D 207 -42.95 9.01 -13.47
C ILE D 207 -43.54 8.41 -12.21
N VAL D 208 -43.08 7.22 -11.83
CA VAL D 208 -43.52 6.63 -10.57
C VAL D 208 -42.70 7.31 -9.47
N ASP D 209 -43.33 8.23 -8.73
CA ASP D 209 -42.64 9.08 -7.77
C ASP D 209 -42.80 8.54 -6.36
N ARG D 210 -42.33 7.32 -6.15
CA ARG D 210 -42.29 6.69 -4.83
C ARG D 210 -40.85 6.55 -4.34
N PRO D 211 -40.66 6.12 -3.08
CA PRO D 211 -39.31 6.19 -2.48
C PRO D 211 -38.23 5.43 -3.21
N LEU D 212 -38.52 4.23 -3.71
CA LEU D 212 -37.49 3.48 -4.42
C LEU D 212 -36.91 4.32 -5.54
N TYR D 213 -37.74 5.14 -6.21
CA TYR D 213 -37.29 5.91 -7.38
C TYR D 213 -36.79 7.27 -6.99
N ARG D 214 -37.02 7.68 -5.74
CA ARG D 214 -36.30 8.80 -5.17
C ARG D 214 -34.88 8.43 -4.78
N PHE D 215 -34.66 7.17 -4.37
CA PHE D 215 -33.30 6.74 -4.05
C PHE D 215 -32.39 7.06 -5.23
N PRO D 216 -31.21 7.61 -4.98
CA PRO D 216 -30.38 8.11 -6.07
C PRO D 216 -30.07 7.06 -7.12
N VAL D 217 -30.44 7.35 -8.36
CA VAL D 217 -30.38 6.33 -9.39
C VAL D 217 -28.94 6.06 -9.79
N PHE D 218 -28.10 7.10 -9.91
CA PHE D 218 -26.71 6.83 -10.29
C PHE D 218 -25.96 6.19 -9.13
N GLY D 219 -26.33 6.57 -7.91
CA GLY D 219 -25.82 5.90 -6.74
C GLY D 219 -26.16 4.43 -6.76
N PHE D 220 -27.40 4.10 -7.12
CA PHE D 220 -27.82 2.71 -7.11
C PHE D 220 -26.97 1.90 -8.08
N PHE D 221 -26.76 2.44 -9.28
CA PHE D 221 -25.98 1.75 -10.29
C PHE D 221 -24.59 1.42 -9.78
N ALA D 222 -23.93 2.43 -9.21
CA ALA D 222 -22.58 2.20 -8.70
C ALA D 222 -22.60 1.21 -7.55
N LEU D 223 -23.55 1.36 -6.62
CA LEU D 223 -23.62 0.39 -5.55
C LEU D 223 -23.84 -1.02 -6.07
N SER D 224 -24.53 -1.20 -7.22
CA SER D 224 -24.83 -2.56 -7.65
C SER D 224 -23.56 -3.26 -8.10
N ILE D 225 -22.60 -2.49 -8.61
CA ILE D 225 -21.30 -3.02 -8.95
C ILE D 225 -20.57 -3.39 -7.67
N GLY D 226 -20.61 -2.52 -6.65
CA GLY D 226 -20.02 -2.88 -5.37
C GLY D 226 -20.61 -4.15 -4.77
N ALA D 227 -21.93 -4.34 -4.89
CA ALA D 227 -22.52 -5.55 -4.32
C ALA D 227 -21.94 -6.80 -4.97
N ALA D 228 -21.76 -6.76 -6.31
CA ALA D 228 -21.19 -7.92 -7.01
C ALA D 228 -19.73 -8.13 -6.62
N ALA D 229 -18.95 -7.05 -6.54
CA ALA D 229 -17.57 -7.19 -6.13
C ALA D 229 -17.45 -7.68 -4.70
N LEU D 230 -18.27 -7.17 -3.79
CA LEU D 230 -18.21 -7.61 -2.40
C LEU D 230 -18.53 -9.08 -2.26
N GLY D 231 -19.52 -9.55 -2.96
CA GLY D 231 -19.86 -10.97 -2.91
C GLY D 231 -18.78 -11.86 -3.48
N ASN D 232 -18.22 -11.48 -4.64
CA ASN D 232 -17.06 -12.17 -5.20
C ASN D 232 -15.91 -12.20 -4.20
N ALA D 233 -15.71 -11.12 -3.45
CA ALA D 233 -14.57 -11.05 -2.52
C ALA D 233 -14.76 -11.99 -1.33
N ARG D 234 -16.00 -12.08 -0.82
CA ARG D 234 -16.33 -13.01 0.27
C ARG D 234 -16.06 -14.44 -0.18
N ALA D 235 -16.41 -14.76 -1.43
CA ALA D 235 -16.15 -16.10 -1.96
C ALA D 235 -14.65 -16.37 -2.06
N ALA D 236 -13.84 -15.33 -2.37
CA ALA D 236 -12.40 -15.55 -2.45
C ALA D 236 -11.82 -15.89 -1.10
N ILE D 237 -12.23 -15.18 -0.07
CA ILE D 237 -11.77 -15.53 1.27
C ILE D 237 -12.20 -16.94 1.63
N ASP D 238 -13.48 -17.28 1.36
CA ASP D 238 -13.95 -18.63 1.65
C ASP D 238 -13.10 -19.67 0.92
N ASP D 239 -12.72 -19.39 -0.33
CA ASP D 239 -11.87 -20.32 -1.08
C ASP D 239 -10.52 -20.50 -0.41
N LEU D 240 -9.89 -19.40 0.00
CA LEU D 240 -8.57 -19.49 0.61
C LEU D 240 -8.63 -20.21 1.95
N VAL D 241 -9.60 -19.87 2.79
CA VAL D 241 -9.68 -20.53 4.10
C VAL D 241 -9.78 -22.05 3.89
N GLU D 242 -10.67 -22.48 2.98
CA GLU D 242 -10.79 -23.92 2.68
C GLU D 242 -9.46 -24.53 2.22
N LEU D 243 -8.78 -23.90 1.27
CA LEU D 243 -7.52 -24.41 0.79
C LEU D 243 -6.46 -24.41 1.89
N ALA D 244 -6.36 -23.34 2.66
CA ALA D 244 -5.22 -23.19 3.56
C ALA D 244 -5.20 -24.27 4.65
N GLY D 245 -6.35 -24.81 5.01
CA GLY D 245 -6.36 -25.85 6.04
C GLY D 245 -5.46 -27.03 5.69
N GLY D 246 -5.44 -27.44 4.42
CA GLY D 246 -4.70 -28.63 4.03
C GLY D 246 -3.67 -28.54 2.92
N LYS D 247 -3.13 -27.34 2.62
CA LYS D 247 -2.08 -27.20 1.62
C LYS D 247 -0.73 -27.32 2.33
N LYS D 248 -0.07 -28.44 2.09
CA LYS D 248 1.12 -28.93 2.80
C LYS D 248 2.25 -28.68 1.82
N GLY D 249 3.41 -28.27 2.30
CA GLY D 249 4.44 -27.90 1.34
C GLY D 249 5.41 -28.99 0.90
N LEU D 250 6.68 -28.81 1.29
CA LEU D 250 7.81 -29.69 0.98
C LEU D 250 7.39 -31.06 0.42
N GLY D 251 7.33 -32.05 1.30
CA GLY D 251 6.77 -33.35 1.01
C GLY D 251 5.95 -33.87 2.19
N SER D 252 5.88 -33.05 3.25
CA SER D 252 5.08 -33.33 4.44
C SER D 252 4.65 -32.00 5.08
N THR D 253 4.38 -32.01 6.40
CA THR D 253 3.44 -31.06 6.99
C THR D 253 4.14 -29.79 7.50
N ARG D 254 3.80 -28.65 6.86
CA ARG D 254 3.91 -27.28 7.42
C ARG D 254 2.88 -26.45 6.64
N THR D 255 1.60 -26.61 6.99
CA THR D 255 0.53 -26.14 6.11
C THR D 255 0.57 -24.61 5.94
N LEU D 256 -0.19 -24.16 4.92
CA LEU D 256 -0.25 -22.73 4.60
C LEU D 256 -0.92 -21.95 5.72
N ALA D 257 -1.95 -22.55 6.34
CA ALA D 257 -2.71 -21.91 7.42
C ALA D 257 -1.88 -21.69 8.68
N GLU D 258 -0.80 -22.46 8.86
CA GLU D 258 0.04 -22.37 10.05
C GLU D 258 1.11 -21.29 9.96
N ARG D 259 1.25 -20.64 8.80
CA ARG D 259 2.21 -19.54 8.68
C ARG D 259 1.61 -18.24 9.22
N SER D 260 2.41 -17.54 10.02
CA SER D 260 1.99 -16.27 10.61
C SER D 260 1.46 -15.32 9.53
N ALA D 261 2.16 -15.25 8.38
CA ALA D 261 1.78 -14.30 7.34
C ALA D 261 0.40 -14.63 6.79
N THR D 262 0.08 -15.91 6.64
CA THR D 262 -1.25 -16.29 6.18
C THR D 262 -2.29 -15.81 7.19
N GLN D 263 -2.01 -16.00 8.47
CA GLN D 263 -2.96 -15.62 9.51
C GLN D 263 -3.15 -14.12 9.51
N ALA D 264 -2.05 -13.37 9.47
CA ALA D 264 -2.16 -11.91 9.45
C ALA D 264 -2.89 -11.45 8.20
N ALA D 265 -2.66 -12.13 7.05
CA ALA D 265 -3.33 -11.74 5.81
C ALA D 265 -4.81 -12.07 5.83
N ALA D 266 -5.18 -13.24 6.38
CA ALA D 266 -6.59 -13.57 6.50
C ALA D 266 -7.32 -12.53 7.36
N ALA D 267 -6.75 -12.19 8.50
CA ALA D 267 -7.32 -11.18 9.38
C ALA D 267 -7.40 -9.83 8.71
N THR D 268 -6.32 -9.41 8.04
CA THR D 268 -6.37 -8.12 7.37
C THR D 268 -7.51 -8.10 6.36
N ALA D 269 -7.63 -9.16 5.56
CA ALA D 269 -8.63 -9.17 4.49
C ALA D 269 -10.04 -9.25 5.03
N GLU D 270 -10.24 -10.08 6.06
CA GLU D 270 -11.57 -10.22 6.65
C GLU D 270 -12.05 -8.89 7.26
N SER D 271 -11.19 -8.21 7.99
CA SER D 271 -11.64 -6.92 8.54
C SER D 271 -11.80 -5.87 7.43
N ALA D 272 -10.93 -5.86 6.42
CA ALA D 272 -11.09 -4.87 5.35
C ALA D 272 -12.41 -5.08 4.59
N LEU D 273 -12.74 -6.32 4.25
CA LEU D 273 -13.99 -6.61 3.57
C LEU D 273 -15.17 -6.26 4.45
N GLY D 274 -15.13 -6.69 5.71
CA GLY D 274 -16.22 -6.42 6.60
C GLY D 274 -16.43 -4.93 6.78
N ALA D 275 -15.34 -4.17 6.86
CA ALA D 275 -15.48 -2.72 6.97
C ALA D 275 -16.13 -2.16 5.72
N ALA D 276 -15.69 -2.61 4.54
CA ALA D 276 -16.30 -2.08 3.34
C ALA D 276 -17.78 -2.45 3.27
N ARG D 277 -18.12 -3.69 3.62
CA ARG D 277 -19.52 -4.12 3.59
C ARG D 277 -20.39 -3.31 4.54
N ALA D 278 -19.85 -2.97 5.70
CA ALA D 278 -20.62 -2.27 6.71
C ALA D 278 -20.88 -0.83 6.30
N LEU D 279 -19.88 -0.20 5.65
CA LEU D 279 -20.10 1.13 5.14
C LEU D 279 -21.10 1.12 4.00
N PHE D 280 -20.99 0.13 3.10
CA PHE D 280 -21.94 -0.07 2.00
C PHE D 280 -23.39 -0.08 2.49
N TYR D 281 -23.74 -0.97 3.43
CA TYR D 281 -25.12 -1.06 3.87
C TYR D 281 -25.50 0.11 4.79
N GLU D 282 -24.56 0.70 5.48
CA GLU D 282 -24.88 1.86 6.30
C GLU D 282 -25.34 3.06 5.46
N VAL D 283 -24.61 3.38 4.37
CA VAL D 283 -24.99 4.50 3.52
C VAL D 283 -26.28 4.20 2.74
N ILE D 284 -26.46 2.95 2.31
CA ILE D 284 -27.72 2.61 1.64
C ILE D 284 -28.92 2.86 2.57
N GLU D 285 -28.82 2.44 3.83
CA GLU D 285 -29.93 2.64 4.76
C GLU D 285 -30.14 4.12 5.08
N ALA D 286 -29.06 4.90 5.18
CA ALA D 286 -29.24 6.34 5.44
C ALA D 286 -29.92 7.02 4.27
N ALA D 287 -29.53 6.65 3.05
CA ALA D 287 -30.16 7.22 1.87
C ALA D 287 -31.59 6.72 1.73
N TRP D 288 -31.85 5.46 2.07
CA TRP D 288 -33.21 4.92 2.02
C TRP D 288 -34.11 5.76 2.89
N GLN D 289 -33.65 6.10 4.12
CA GLN D 289 -34.58 6.84 4.97
C GLN D 289 -34.96 8.18 4.35
N VAL D 290 -34.01 9.01 3.87
CA VAL D 290 -34.40 10.32 3.34
C VAL D 290 -35.04 10.26 1.98
N SER D 291 -34.98 9.12 1.31
CA SER D 291 -35.75 8.94 0.08
C SER D 291 -37.26 8.97 0.33
N HIS D 292 -37.68 8.91 1.61
CA HIS D 292 -39.08 9.04 1.99
C HIS D 292 -39.49 10.48 2.29
N ASP D 293 -38.55 11.43 2.27
CA ASP D 293 -38.82 12.85 2.54
C ASP D 293 -39.25 13.62 1.27
N ALA D 294 -39.91 14.76 1.48
CA ALA D 294 -40.38 15.61 0.39
C ALA D 294 -39.26 16.00 -0.58
N GLU D 295 -38.13 16.44 -0.06
CA GLU D 295 -37.07 16.93 -0.93
C GLU D 295 -36.30 15.79 -1.60
N ALA D 296 -35.66 16.14 -2.72
CA ALA D 296 -34.70 15.26 -3.38
C ALA D 296 -33.63 14.84 -2.39
N VAL D 297 -33.18 13.59 -2.51
CA VAL D 297 -32.08 13.14 -1.65
C VAL D 297 -30.88 14.04 -1.89
N PRO D 298 -30.26 14.61 -0.85
CA PRO D 298 -29.29 15.69 -1.07
C PRO D 298 -27.97 15.22 -1.64
N VAL D 299 -27.20 16.19 -2.14
CA VAL D 299 -25.90 15.90 -2.73
C VAL D 299 -24.98 15.22 -1.74
N THR D 300 -24.97 15.68 -0.49
CA THR D 300 -24.16 15.06 0.54
C THR D 300 -24.43 13.55 0.63
N MET D 301 -25.72 13.15 0.64
CA MET D 301 -26.06 11.73 0.73
C MET D 301 -25.67 10.97 -0.52
N ARG D 302 -25.94 11.54 -1.69
CA ARG D 302 -25.52 10.93 -2.94
C ARG D 302 -24.03 10.67 -2.94
N ASN D 303 -23.28 11.59 -2.37
CA ASN D 303 -21.83 11.52 -2.38
C ASN D 303 -21.33 10.35 -1.55
N ARG D 304 -21.92 10.15 -0.37
CA ARG D 304 -21.61 9.02 0.48
C ARG D 304 -21.84 7.69 -0.24
N LEU D 305 -22.89 7.61 -1.07
CA LEU D 305 -23.13 6.39 -1.82
C LEU D 305 -22.00 6.09 -2.80
N ARG D 306 -21.55 7.10 -3.55
CA ARG D 306 -20.48 6.87 -4.52
C ARG D 306 -19.13 6.61 -3.86
N LEU D 307 -18.88 7.22 -2.70
CA LEU D 307 -17.65 6.92 -1.95
C LEU D 307 -17.64 5.48 -1.50
N ALA D 308 -18.79 5.02 -0.99
CA ALA D 308 -18.89 3.66 -0.48
C ALA D 308 -18.81 2.64 -1.61
N ALA D 309 -19.45 2.93 -2.75
CA ALA D 309 -19.41 1.99 -3.87
C ALA D 309 -18.01 1.81 -4.41
N THR D 310 -17.31 2.91 -4.62
CA THR D 310 -15.95 2.82 -5.10
C THR D 310 -15.05 2.13 -4.08
N HIS D 311 -15.20 2.50 -2.82
CA HIS D 311 -14.40 1.82 -1.79
C HIS D 311 -14.70 0.32 -1.81
N ALA D 312 -15.96 -0.05 -2.00
CA ALA D 312 -16.28 -1.47 -1.96
C ALA D 312 -15.62 -2.21 -3.11
N VAL D 313 -15.58 -1.61 -4.30
CA VAL D 313 -15.05 -2.34 -5.44
C VAL D 313 -13.54 -2.45 -5.33
N ARG D 314 -12.87 -1.37 -4.96
CA ARG D 314 -11.42 -1.40 -4.88
C ARG D 314 -10.95 -2.27 -3.72
N THR D 315 -11.57 -2.10 -2.55
CA THR D 315 -11.21 -2.97 -1.43
C THR D 315 -11.45 -4.43 -1.79
N SER D 316 -12.54 -4.72 -2.49
CA SER D 316 -12.80 -6.09 -2.89
C SER D 316 -11.68 -6.63 -3.76
N ALA D 317 -11.19 -5.80 -4.72
CA ALA D 317 -10.07 -6.24 -5.55
C ALA D 317 -8.82 -6.49 -4.71
N ASP D 318 -8.51 -5.60 -3.78
CA ASP D 318 -7.35 -5.81 -2.90
C ASP D 318 -7.48 -7.15 -2.16
N VAL D 319 -8.68 -7.45 -1.66
CA VAL D 319 -8.91 -8.69 -0.90
C VAL D 319 -8.66 -9.91 -1.79
N VAL D 320 -9.30 -9.94 -2.94
CA VAL D 320 -9.16 -11.07 -3.85
C VAL D 320 -7.71 -11.22 -4.29
N ARG D 321 -7.03 -10.12 -4.60
CA ARG D 321 -5.62 -10.21 -4.93
C ARG D 321 -4.84 -10.84 -3.76
N SER D 322 -5.13 -10.45 -2.52
CA SER D 322 -4.35 -11.06 -1.42
C SER D 322 -4.66 -12.56 -1.30
N MET D 323 -5.90 -12.96 -1.48
CA MET D 323 -6.20 -14.38 -1.33
C MET D 323 -5.59 -15.19 -2.47
N TYR D 324 -5.63 -14.65 -3.70
CA TYR D 324 -5.04 -15.31 -4.86
C TYR D 324 -3.55 -15.51 -4.63
N ASP D 325 -2.87 -14.47 -4.17
CA ASP D 325 -1.42 -14.54 -3.93
C ASP D 325 -1.08 -15.56 -2.84
N LEU D 326 -1.85 -15.59 -1.77
CA LEU D 326 -1.60 -16.55 -0.70
C LEU D 326 -1.68 -17.99 -1.21
N ALA D 327 -2.56 -18.25 -2.15
CA ALA D 327 -2.73 -19.60 -2.70
C ALA D 327 -1.64 -19.99 -3.67
N GLY D 328 -0.75 -19.07 -4.03
CA GLY D 328 0.46 -19.45 -4.73
C GLY D 328 0.20 -20.28 -5.98
N GLY D 329 1.00 -21.31 -6.16
CA GLY D 329 0.94 -22.08 -7.38
C GLY D 329 -0.37 -22.82 -7.58
N THR D 330 -1.15 -22.99 -6.53
CA THR D 330 -2.49 -23.56 -6.69
C THR D 330 -3.33 -22.71 -7.65
N ALA D 331 -3.31 -21.40 -7.45
CA ALA D 331 -4.32 -20.56 -8.06
C ALA D 331 -4.01 -20.21 -9.50
N ILE D 332 -2.78 -20.44 -9.96
CA ILE D 332 -2.49 -20.14 -11.36
C ILE D 332 -3.22 -21.04 -12.33
N TYR D 333 -3.81 -22.16 -11.86
CA TYR D 333 -4.33 -23.19 -12.76
C TYR D 333 -5.80 -22.96 -13.02
N ASP D 334 -6.23 -23.25 -14.26
CA ASP D 334 -7.59 -22.91 -14.68
C ASP D 334 -8.65 -23.61 -13.82
N ASN D 335 -8.33 -24.70 -13.16
CA ASN D 335 -9.32 -25.40 -12.36
C ASN D 335 -9.39 -24.87 -10.94
N ALA D 336 -8.60 -23.81 -10.61
CA ALA D 336 -8.64 -23.30 -9.23
C ALA D 336 -9.73 -22.25 -9.10
N PRO D 337 -10.62 -22.39 -8.11
CA PRO D 337 -11.67 -21.39 -7.90
C PRO D 337 -11.16 -19.95 -7.78
N LEU D 338 -10.08 -19.74 -7.03
CA LEU D 338 -9.56 -18.40 -6.86
C LEU D 338 -9.13 -17.77 -8.18
N GLN D 339 -8.74 -18.56 -9.18
CA GLN D 339 -8.30 -17.92 -10.41
C GLN D 339 -9.46 -17.11 -10.98
N ARG D 340 -10.65 -17.72 -11.00
CA ARG D 340 -11.79 -17.04 -11.59
C ARG D 340 -12.22 -15.88 -10.71
N ARG D 341 -12.14 -16.02 -9.39
CA ARG D 341 -12.50 -14.88 -8.56
C ARG D 341 -11.61 -13.70 -8.87
N PHE D 342 -10.31 -14.00 -9.07
CA PHE D 342 -9.30 -12.98 -9.38
C PHE D 342 -9.57 -12.33 -10.73
N ARG D 343 -9.69 -13.13 -11.78
CA ARG D 343 -10.07 -12.60 -13.08
C ARG D 343 -11.36 -11.79 -13.02
N ASP D 344 -12.35 -12.25 -12.25
CA ASP D 344 -13.60 -11.51 -12.18
C ASP D 344 -13.43 -10.21 -11.39
N ALA D 345 -12.67 -10.25 -10.30
CA ALA D 345 -12.48 -9.06 -9.49
C ALA D 345 -11.80 -7.96 -10.30
N PHE D 346 -10.87 -8.33 -11.20
CA PHE D 346 -10.09 -7.36 -11.95
C PHE D 346 -10.70 -7.04 -13.32
N THR D 347 -11.86 -7.60 -13.63
CA THR D 347 -12.73 -7.03 -14.67
C THR D 347 -13.69 -6.01 -14.02
N ALA D 348 -14.19 -6.28 -12.80
CA ALA D 348 -15.15 -5.38 -12.17
C ALA D 348 -14.55 -4.01 -11.95
N THR D 349 -13.23 -3.93 -11.67
CA THR D 349 -12.59 -2.67 -11.35
C THR D 349 -12.52 -1.70 -12.51
N ALA D 350 -12.55 -2.20 -13.74
CA ALA D 350 -12.56 -1.32 -14.91
C ALA D 350 -13.86 -0.51 -15.07
N HIS D 351 -14.92 -0.79 -14.33
CA HIS D 351 -16.19 -0.10 -14.53
C HIS D 351 -16.10 1.39 -14.15
N PHE D 352 -16.67 2.26 -15.00
CA PHE D 352 -16.48 3.71 -14.89
C PHE D 352 -17.15 4.33 -13.67
N GLN D 353 -18.12 3.65 -13.05
CA GLN D 353 -18.80 4.23 -11.90
C GLN D 353 -18.02 4.06 -10.61
N VAL D 354 -16.99 3.23 -10.63
CA VAL D 354 -16.40 2.72 -9.39
C VAL D 354 -14.91 2.52 -9.55
N ASN D 355 -14.34 3.12 -10.59
CA ASN D 355 -12.91 3.04 -10.80
C ASN D 355 -12.19 4.08 -9.94
N GLU D 356 -10.85 4.11 -10.00
CA GLU D 356 -10.12 5.06 -9.16
C GLU D 356 -10.49 6.52 -9.52
N ALA D 357 -10.72 6.80 -10.81
CA ALA D 357 -11.09 8.16 -11.20
C ALA D 357 -12.40 8.61 -10.53
N SER D 358 -13.30 7.68 -10.25
CA SER D 358 -14.59 8.02 -9.63
C SER D 358 -14.44 8.51 -8.17
N ARG D 359 -13.21 8.56 -7.63
CA ARG D 359 -12.99 9.16 -6.31
C ARG D 359 -12.95 10.70 -6.36
N GLU D 360 -12.59 11.25 -7.53
CA GLU D 360 -12.22 12.66 -7.61
C GLU D 360 -13.42 13.57 -7.40
N LEU D 361 -14.52 13.31 -8.11
CA LEU D 361 -15.70 14.15 -7.93
C LEU D 361 -16.23 14.06 -6.50
N PRO D 362 -16.42 12.87 -5.91
CA PRO D 362 -16.80 12.82 -4.47
C PRO D 362 -15.82 13.53 -3.58
N GLY D 363 -14.53 13.53 -3.94
CA GLY D 363 -13.57 14.35 -3.24
C GLY D 363 -13.86 15.84 -3.37
N ARG D 364 -14.20 16.30 -4.58
CA ARG D 364 -14.54 17.70 -4.78
C ARG D 364 -15.72 18.10 -3.92
N VAL D 365 -16.70 17.22 -3.77
CA VAL D 365 -17.85 17.51 -2.92
C VAL D 365 -17.41 17.58 -1.46
N LEU D 366 -16.52 16.67 -1.03
CA LEU D 366 -16.06 16.71 0.35
C LEU D 366 -15.29 18.00 0.63
N LEU D 367 -14.49 18.46 -0.31
CA LEU D 367 -13.70 19.68 -0.09
C LEU D 367 -14.49 20.96 -0.40
N ASP D 368 -15.81 20.85 -0.58
CA ASP D 368 -16.67 21.97 -0.93
C ASP D 368 -16.06 22.84 -2.03
N GLN D 369 -15.75 22.19 -3.15
CA GLN D 369 -15.31 22.79 -4.39
C GLN D 369 -16.44 22.76 -5.42
N PRO D 370 -16.49 23.75 -6.32
CA PRO D 370 -17.45 23.66 -7.43
C PRO D 370 -17.41 22.28 -8.06
N ALA D 371 -18.58 21.72 -8.29
CA ALA D 371 -18.64 20.42 -8.92
C ALA D 371 -19.95 20.29 -9.68
N ASP D 372 -19.87 19.63 -10.83
CA ASP D 372 -21.06 19.21 -11.59
C ASP D 372 -21.48 17.86 -11.02
N VAL D 373 -22.54 17.88 -10.20
CA VAL D 373 -23.02 16.70 -9.49
C VAL D 373 -24.32 16.16 -10.11
N SER D 374 -24.59 16.48 -11.38
CA SER D 374 -25.83 16.05 -12.02
C SER D 374 -25.92 14.53 -12.17
N MET D 375 -24.77 13.86 -12.30
CA MET D 375 -24.70 12.40 -12.38
C MET D 375 -24.13 11.76 -11.11
N LEU D 376 -24.09 12.48 -10.00
CA LEU D 376 -23.71 11.89 -8.72
C LEU D 376 -24.86 11.01 -8.20
N1 FMN E . -1.23 -0.97 28.41
C2 FMN E . -1.96 -1.31 29.65
O2 FMN E . -2.04 -2.63 30.08
N3 FMN E . -2.62 -0.24 30.43
C4 FMN E . -2.48 1.09 29.91
O4 FMN E . -3.09 2.11 30.67
C4A FMN E . -1.72 1.34 28.63
N5 FMN E . -1.65 2.60 28.21
C5A FMN E . -0.99 2.89 27.10
C6 FMN E . -0.87 4.24 26.67
C7 FMN E . -0.18 4.49 25.48
C7M FMN E . -0.06 5.93 24.94
C8 FMN E . 0.42 3.48 24.75
C8M FMN E . 1.18 3.74 23.46
C9 FMN E . 0.34 2.19 25.18
C9A FMN E . -0.35 1.89 26.34
N10 FMN E . -0.34 0.47 26.70
C10 FMN E . -1.14 0.29 27.95
C1' FMN E . 0.29 -0.58 25.87
C2' FMN E . 1.81 -0.56 25.58
O2' FMN E . 2.23 0.50 24.75
C3' FMN E . 2.24 -1.82 24.80
O3' FMN E . 1.87 -2.99 25.52
C4' FMN E . 3.73 -2.13 24.57
O4' FMN E . 4.14 -1.33 23.49
C5' FMN E . 4.06 -3.61 24.25
O5' FMN E . 4.95 -4.17 25.20
P FMN E . 5.54 -5.74 25.10
O1P FMN E . 6.48 -5.89 23.91
O2P FMN E . 6.35 -6.05 26.35
O3P FMN E . 4.43 -6.77 24.99
HN3 FMN E . -3.06 -0.41 31.15
H6 FMN E . -1.24 4.93 27.16
HM71 FMN E . -0.62 6.03 24.15
HM72 FMN E . -0.34 6.56 25.61
HM73 FMN E . 0.87 6.12 24.69
HM81 FMN E . 0.59 4.19 22.83
HM82 FMN E . 1.95 4.30 23.65
HM83 FMN E . 1.47 2.90 23.09
H9 FMN E . 0.73 1.52 24.68
H1'1 FMN E . 0.10 -1.43 26.30
H1'2 FMN E . -0.15 -0.55 25.00
H2' FMN E . 2.20 -0.49 26.47
HO2' FMN E . 3.06 0.66 24.89
H3' FMN E . 1.82 -1.63 23.95
H4' FMN E . 4.20 -1.94 25.40
HO4' FMN E . 4.07 -0.51 23.70
H5'1 FMN E . 3.24 -4.12 24.26
H5'2 FMN E . 4.47 -3.65 23.38
N1 FMN F . 13.07 25.40 0.19
C2 FMN F . 14.08 26.30 -0.38
O2 FMN F . 13.79 26.92 -1.58
N3 FMN F . 15.36 26.49 0.36
C4 FMN F . 15.48 25.77 1.60
O4 FMN F . 16.64 25.95 2.35
C4A FMN F . 14.38 24.86 2.08
N5 FMN F . 14.58 24.21 3.23
C5A FMN F . 13.63 23.41 3.69
C6 FMN F . 13.82 22.77 4.91
C7 FMN F . 12.83 21.91 5.38
C7M FMN F . 13.13 21.21 6.70
C8 FMN F . 11.63 21.71 4.67
C8M FMN F . 10.53 20.79 5.16
C9 FMN F . 11.42 22.36 3.48
C9A FMN F . 12.40 23.21 2.98
N10 FMN F . 12.11 23.90 1.72
C10 FMN F . 13.24 24.73 1.32
C1' FMN F . 10.89 23.74 0.91
C2' FMN F . 9.60 24.48 1.37
O2' FMN F . 8.83 23.42 1.95
C3' FMN F . 8.78 25.20 0.29
O3' FMN F . 9.62 25.98 -0.56
C4' FMN F . 7.80 26.24 0.80
O4' FMN F . 7.74 25.91 2.17
C5' FMN F . 6.30 26.31 0.57
O5' FMN F . 5.94 27.18 -0.46
P FMN F . 4.32 27.39 -0.79
O1P FMN F . 3.52 26.19 -0.30
O2P FMN F . 3.81 28.63 -0.09
O3P FMN F . 4.10 27.54 -2.29
HN3 FMN F . 15.99 26.99 0.06
H6 FMN F . 14.59 22.90 5.40
HM71 FMN F . 13.54 20.35 6.53
HM72 FMN F . 13.74 21.76 7.22
HM73 FMN F . 12.31 21.08 7.20
HM81 FMN F . 10.90 19.91 5.33
HM82 FMN F . 10.15 21.14 5.98
HM83 FMN F . 9.84 20.72 4.48
H9 FMN F . 10.63 22.24 3.02
H1'1 FMN F . 11.11 24.06 0.02
H1'2 FMN F . 10.69 22.80 0.87
H2' FMN F . 9.85 25.21 1.96
HO2' FMN F . 8.95 23.38 2.79
H3' FMN F . 8.31 24.45 -0.14
H4' FMN F . 8.15 27.04 0.37
HO4' FMN F . 7.25 25.19 2.22
H5'1 FMN F . 5.99 25.42 0.35
H5'2 FMN F . 5.88 26.62 1.39
N1 FMN G . 9.91 -24.77 -10.28
C2 FMN G . 11.06 -25.59 -10.68
O2 FMN G . 11.76 -26.28 -9.71
N3 FMN G . 11.44 -25.65 -12.12
C4 FMN G . 10.61 -24.89 -13.02
O4 FMN G . 10.95 -24.99 -14.38
C4A FMN G . 9.44 -24.07 -12.49
N5 FMN G . 8.72 -23.38 -13.38
C5A FMN G . 7.70 -22.66 -12.94
C6 FMN G . 6.90 -21.96 -13.86
C7 FMN G . 5.84 -21.20 -13.38
C7M FMN G . 5.00 -20.41 -14.39
C8 FMN G . 5.52 -21.14 -12.05
C8M FMN G . 4.35 -20.32 -11.52
C9 FMN G . 6.25 -21.84 -11.14
C9A FMN G . 7.33 -22.61 -11.56
N10 FMN G . 8.06 -23.32 -10.52
C10 FMN G . 9.17 -24.07 -11.13
C1' FMN G . 7.72 -23.29 -9.05
C2' FMN G . 7.25 -24.67 -8.50
O2' FMN G . 5.84 -24.53 -8.52
C3' FMN G . 7.51 -25.27 -7.12
O3' FMN G . 8.54 -26.28 -7.29
C4' FMN G . 6.44 -25.99 -6.23
O4' FMN G . 5.52 -26.82 -6.93
C5' FMN G . 5.66 -24.97 -5.35
O5' FMN G . 4.57 -25.56 -4.68
P FMN G . 4.56 -26.17 -3.12
O1P FMN G . 3.95 -25.19 -2.13
O2P FMN G . 3.72 -27.43 -3.12
O3P FMN G . 5.95 -26.53 -2.61
HN3 FMN G . 12.10 -26.11 -12.40
H6 FMN G . 7.08 -22.01 -14.77
HM71 FMN G . 5.24 -19.46 -14.32
HM72 FMN G . 5.19 -20.72 -15.29
HM73 FMN G . 4.07 -20.51 -14.19
HM81 FMN G . 4.48 -19.39 -11.74
HM82 FMN G . 3.52 -20.64 -11.91
HM83 FMN G . 4.29 -20.41 -10.55
H9 FMN G . 6.04 -21.81 -10.24
H1'1 FMN G . 8.51 -23.01 -8.55
H1'2 FMN G . 7.01 -22.64 -8.91
H2' FMN G . 7.78 -25.27 -9.05
HO2' FMN G . 5.50 -25.22 -8.15
H3' FMN G . 7.66 -24.45 -6.63
H4' FMN G . 6.96 -26.60 -5.68
HO4' FMN G . 5.87 -27.58 -7.04
H5'1 FMN G . 6.27 -24.60 -4.70
H5'2 FMN G . 5.34 -24.25 -5.93
N1 FMN H . -21.86 0.19 -18.33
C2 FMN H . -23.28 0.46 -18.58
O2 FMN H . -23.64 1.77 -18.75
N3 FMN H . -24.24 -0.67 -18.64
C4 FMN H . -23.67 -1.98 -18.45
O4 FMN H . -24.60 -3.04 -18.55
C4A FMN H . -22.20 -2.17 -18.18
N5 FMN H . -21.70 -3.40 -17.98
C5A FMN H . -20.39 -3.56 -17.75
C6 FMN H . -19.85 -4.84 -17.59
C7 FMN H . -18.47 -4.96 -17.33
C7M FMN H . -17.91 -6.37 -17.11
C8 FMN H . -17.64 -3.86 -17.28
C8M FMN H . -16.15 -3.97 -16.98
C9 FMN H . -18.14 -2.61 -17.46
C9A FMN H . -19.50 -2.46 -17.70
N10 FMN H . -19.95 -1.09 -17.88
C10 FMN H . -21.40 -1.04 -18.13
C1' FMN H . -19.07 0.09 -17.84
C2' FMN H . -18.51 0.41 -19.25
O2' FMN H . -17.56 -0.62 -19.46
C3' FMN H . -17.82 1.74 -19.45
O3' FMN H . -18.76 2.79 -19.54
C4' FMN H . -17.07 1.93 -20.77
O4' FMN H . -16.08 0.96 -20.98
C5' FMN H . -16.33 3.28 -20.84
O5' FMN H . -15.88 3.53 -22.16
P FMN H . -14.96 4.85 -22.57
O1P FMN H . -13.62 4.81 -21.85
O2P FMN H . -14.74 4.80 -24.08
O3P FMN H . -15.65 6.16 -22.24
HN3 FMN H . -25.08 -0.55 -18.77
H6 FMN H . -20.38 -5.60 -17.65
HM71 FMN H . -17.77 -6.52 -16.16
HM72 FMN H . -18.52 -7.03 -17.46
HM73 FMN H . -17.05 -6.45 -17.57
HM81 FMN H . -16.01 -4.31 -16.08
HM82 FMN H . -15.73 -4.57 -17.62
HM83 FMN H . -15.73 -3.10 -17.07
H9 FMN H . -17.59 -1.87 -17.41
H1'1 FMN H . -19.57 0.86 -17.52
H1'2 FMN H . -18.33 -0.08 -17.25
H2' FMN H . -19.27 0.45 -19.87
HO2' FMN H . -16.94 -0.56 -18.87
H3' FMN H . -17.20 1.75 -18.69
HO3' FMN H . -18.39 3.53 -19.33
H4' FMN H . -17.76 1.86 -21.45
HO4' FMN H . -15.61 0.89 -20.28
H5'1 FMN H . -16.94 3.99 -20.57
H5'2 FMN H . -15.57 3.26 -20.24
#